data_1WHJ
#
_entry.id   1WHJ
#
_entity_poly.entity_id   1
_entity_poly.type   'polypeptide(L)'
_entity_poly.pdbx_seq_one_letter_code
;GSSGSSGLPNSDHTTSRAMLTSLGLKLGDRVVIAGQKVGTLRFCGTTEFASGQWAGIELDEPEGKNNGSVGRVQYFKCAP
KYGIFAPLSKISKLKDSGPSSG
;
_entity_poly.pdbx_strand_id   A
#
# COMPACT_ATOMS: atom_id res chain seq x y z
N GLY A 1 -11.47 -7.74 -20.04
CA GLY A 1 -10.48 -8.62 -19.37
C GLY A 1 -9.60 -9.35 -20.36
N SER A 2 -8.88 -10.36 -19.87
CA SER A 2 -7.99 -11.14 -20.72
C SER A 2 -7.83 -12.56 -20.18
N SER A 3 -8.33 -13.54 -20.94
CA SER A 3 -8.25 -14.94 -20.53
C SER A 3 -6.80 -15.41 -20.52
N GLY A 4 -6.16 -15.33 -21.68
CA GLY A 4 -4.77 -15.76 -21.78
C GLY A 4 -3.79 -14.62 -21.57
N SER A 5 -3.25 -14.53 -20.36
CA SER A 5 -2.29 -13.48 -20.02
C SER A 5 -1.59 -13.78 -18.70
N SER A 6 -2.36 -13.75 -17.61
CA SER A 6 -1.82 -14.01 -16.28
C SER A 6 -2.22 -15.40 -15.81
N GLY A 7 -3.48 -15.56 -15.43
CA GLY A 7 -3.96 -16.84 -14.96
C GLY A 7 -5.03 -16.71 -13.89
N LEU A 8 -5.85 -17.73 -13.75
CA LEU A 8 -6.93 -17.73 -12.76
C LEU A 8 -7.92 -16.60 -13.04
N PRO A 9 -9.19 -16.79 -12.67
CA PRO A 9 -10.24 -15.78 -12.88
C PRO A 9 -9.85 -14.42 -12.31
N ASN A 10 -10.56 -13.39 -12.74
CA ASN A 10 -10.29 -12.03 -12.27
C ASN A 10 -11.29 -11.62 -11.20
N SER A 11 -11.08 -10.44 -10.61
CA SER A 11 -11.97 -9.92 -9.58
C SER A 11 -11.86 -10.75 -8.30
N ASP A 12 -12.32 -12.00 -8.37
CA ASP A 12 -12.27 -12.89 -7.22
C ASP A 12 -10.83 -13.17 -6.80
N HIS A 13 -10.67 -13.89 -5.69
CA HIS A 13 -9.34 -14.21 -5.19
C HIS A 13 -8.55 -12.96 -4.88
N THR A 14 -8.83 -12.36 -3.73
CA THR A 14 -8.13 -11.15 -3.31
C THR A 14 -7.29 -11.40 -2.07
N THR A 15 -6.01 -11.04 -2.14
CA THR A 15 -5.10 -11.24 -1.03
C THR A 15 -4.93 -9.94 -0.23
N SER A 16 -5.98 -9.15 -0.17
CA SER A 16 -5.95 -7.89 0.57
C SER A 16 -6.86 -7.95 1.80
N ARG A 17 -7.03 -9.15 2.34
CA ARG A 17 -7.86 -9.34 3.52
C ARG A 17 -7.05 -9.88 4.68
N ALA A 18 -6.12 -10.78 4.38
CA ALA A 18 -5.27 -11.39 5.40
C ALA A 18 -3.92 -10.67 5.50
N MET A 19 -3.91 -9.40 5.10
CA MET A 19 -2.68 -8.61 5.14
C MET A 19 -2.87 -7.37 6.01
N LEU A 20 -4.02 -6.71 5.86
CA LEU A 20 -4.32 -5.52 6.64
C LEU A 20 -4.47 -5.85 8.12
N THR A 21 -5.08 -6.99 8.40
CA THR A 21 -5.29 -7.43 9.77
C THR A 21 -4.00 -7.99 10.37
N SER A 22 -3.27 -8.75 9.57
CA SER A 22 -2.01 -9.35 10.01
C SER A 22 -0.96 -8.28 10.28
N LEU A 23 -0.84 -7.34 9.34
CA LEU A 23 0.13 -6.26 9.46
C LEU A 23 -0.34 -5.22 10.49
N GLY A 24 -1.59 -4.80 10.36
CA GLY A 24 -2.14 -3.82 11.28
C GLY A 24 -2.33 -2.46 10.64
N LEU A 25 -2.56 -2.46 9.33
CA LEU A 25 -2.78 -1.22 8.59
C LEU A 25 -4.22 -1.12 8.11
N LYS A 26 -4.67 0.11 7.86
CA LYS A 26 -6.03 0.35 7.40
C LYS A 26 -6.12 1.65 6.61
N LEU A 27 -7.18 1.79 5.82
CA LEU A 27 -7.37 2.99 5.02
C LEU A 27 -7.51 4.22 5.90
N GLY A 28 -6.49 5.07 5.88
CA GLY A 28 -6.51 6.28 6.69
C GLY A 28 -5.50 6.25 7.82
N ASP A 29 -4.40 5.52 7.60
CA ASP A 29 -3.36 5.41 8.61
C ASP A 29 -2.01 5.84 8.05
N ARG A 30 -1.10 6.25 8.92
CA ARG A 30 0.23 6.67 8.51
C ARG A 30 1.18 5.48 8.40
N VAL A 31 1.67 5.23 7.19
CA VAL A 31 2.59 4.12 6.95
C VAL A 31 3.98 4.63 6.60
N VAL A 32 4.90 3.70 6.36
CA VAL A 32 6.27 4.06 6.01
C VAL A 32 6.87 3.04 5.04
N ILE A 33 7.29 3.52 3.88
CA ILE A 33 7.88 2.66 2.87
C ILE A 33 9.32 2.29 3.22
N ALA A 34 9.54 1.02 3.55
CA ALA A 34 10.87 0.54 3.91
C ALA A 34 11.40 1.27 5.14
N GLY A 35 10.50 1.73 5.99
CA GLY A 35 10.89 2.44 7.19
C GLY A 35 11.71 3.68 6.88
N GLN A 36 11.42 4.30 5.75
CA GLN A 36 12.13 5.52 5.34
C GLN A 36 11.15 6.61 4.94
N LYS A 37 10.50 6.43 3.80
CA LYS A 37 9.54 7.41 3.30
C LYS A 37 8.25 7.37 4.12
N VAL A 38 7.79 8.55 4.53
CA VAL A 38 6.57 8.65 5.33
C VAL A 38 5.41 9.14 4.48
N GLY A 39 4.33 8.35 4.44
CA GLY A 39 3.17 8.72 3.67
C GLY A 39 1.88 8.20 4.27
N THR A 40 0.75 8.69 3.76
CA THR A 40 -0.56 8.27 4.26
C THR A 40 -1.15 7.18 3.37
N LEU A 41 -1.45 6.03 3.97
CA LEU A 41 -2.02 4.91 3.23
C LEU A 41 -3.42 5.26 2.71
N ARG A 42 -3.59 5.14 1.40
CA ARG A 42 -4.87 5.44 0.77
C ARG A 42 -5.44 4.21 0.09
N PHE A 43 -4.64 3.55 -0.73
CA PHE A 43 -5.07 2.35 -1.44
C PHE A 43 -4.14 1.17 -1.14
N CYS A 44 -4.71 -0.02 -1.04
CA CYS A 44 -3.93 -1.22 -0.76
C CYS A 44 -4.41 -2.39 -1.60
N GLY A 45 -3.47 -3.12 -2.19
CA GLY A 45 -3.82 -4.26 -3.02
C GLY A 45 -2.82 -4.49 -4.15
N THR A 46 -3.32 -4.94 -5.29
CA THR A 46 -2.47 -5.20 -6.44
C THR A 46 -2.55 -4.05 -7.45
N THR A 47 -1.54 -3.94 -8.30
CA THR A 47 -1.50 -2.89 -9.30
C THR A 47 -1.73 -3.46 -10.70
N GLU A 48 -1.94 -2.58 -11.67
CA GLU A 48 -2.18 -3.00 -13.04
C GLU A 48 -0.91 -2.89 -13.87
N PHE A 49 -0.08 -1.91 -13.55
CA PHE A 49 1.18 -1.69 -14.27
C PHE A 49 2.22 -2.74 -13.87
N ALA A 50 2.34 -2.97 -12.56
CA ALA A 50 3.30 -3.94 -12.05
C ALA A 50 2.60 -5.18 -11.52
N SER A 51 3.37 -6.09 -10.95
CA SER A 51 2.82 -7.33 -10.41
C SER A 51 3.24 -7.51 -8.95
N GLY A 52 2.27 -7.85 -8.10
CA GLY A 52 2.56 -8.05 -6.69
C GLY A 52 1.69 -7.18 -5.80
N GLN A 53 2.01 -7.16 -4.50
CA GLN A 53 1.24 -6.37 -3.55
C GLN A 53 1.81 -4.96 -3.45
N TRP A 54 0.97 -3.97 -3.75
CA TRP A 54 1.38 -2.58 -3.69
C TRP A 54 0.36 -1.74 -2.92
N ALA A 55 0.64 -0.44 -2.81
CA ALA A 55 -0.25 0.47 -2.09
C ALA A 55 -0.06 1.91 -2.56
N GLY A 56 -1.18 2.56 -2.87
CA GLY A 56 -1.10 3.94 -3.34
C GLY A 56 -1.02 4.93 -2.18
N ILE A 57 0.20 5.16 -1.69
CA ILE A 57 0.41 6.08 -0.59
C ILE A 57 0.49 7.53 -1.10
N GLU A 58 0.12 8.48 -0.23
CA GLU A 58 0.16 9.88 -0.59
C GLU A 58 1.06 10.66 0.35
N LEU A 59 2.27 10.98 -0.12
CA LEU A 59 3.23 11.73 0.69
C LEU A 59 2.73 13.14 0.97
N ASP A 60 3.00 13.64 2.17
CA ASP A 60 2.58 14.97 2.57
C ASP A 60 3.27 16.03 1.73
N GLU A 61 4.50 15.74 1.30
CA GLU A 61 5.27 16.68 0.49
C GLU A 61 5.39 16.18 -0.94
N PRO A 62 5.72 17.07 -1.89
CA PRO A 62 5.86 16.72 -3.30
C PRO A 62 7.10 15.87 -3.56
N GLU A 63 6.96 14.56 -3.31
CA GLU A 63 8.07 13.63 -3.51
C GLU A 63 7.58 12.32 -4.09
N GLY A 64 6.50 12.38 -4.87
CA GLY A 64 5.95 11.19 -5.48
C GLY A 64 6.14 11.16 -6.99
N LYS A 65 6.19 9.95 -7.55
CA LYS A 65 6.36 9.79 -8.99
C LYS A 65 5.02 9.54 -9.67
N ASN A 66 3.98 10.20 -9.18
CA ASN A 66 2.64 10.06 -9.74
C ASN A 66 1.71 11.16 -9.24
N ASN A 67 0.46 11.10 -9.67
CA ASN A 67 -0.53 12.09 -9.26
C ASN A 67 -1.86 11.43 -8.90
N GLY A 68 -1.76 10.26 -8.28
CA GLY A 68 -2.96 9.53 -7.89
C GLY A 68 -3.33 8.44 -8.87
N SER A 69 -3.07 8.69 -10.15
CA SER A 69 -3.38 7.72 -11.19
C SER A 69 -2.10 7.27 -11.91
N VAL A 70 -2.12 6.04 -12.42
CA VAL A 70 -0.96 5.50 -13.13
C VAL A 70 -1.32 5.16 -14.57
N GLY A 71 -0.96 6.05 -15.49
CA GLY A 71 -1.24 5.82 -16.90
C GLY A 71 -2.72 5.91 -17.21
N ARG A 72 -3.37 4.76 -17.36
CA ARG A 72 -4.80 4.72 -17.66
C ARG A 72 -5.60 4.28 -16.44
N VAL A 73 -4.97 3.49 -15.58
CA VAL A 73 -5.64 3.00 -14.37
C VAL A 73 -5.56 4.04 -13.25
N GLN A 74 -6.69 4.25 -12.58
CA GLN A 74 -6.76 5.21 -11.49
C GLN A 74 -6.92 4.50 -10.15
N TYR A 75 -6.29 5.03 -9.11
CA TYR A 75 -6.37 4.46 -7.78
C TYR A 75 -6.93 5.45 -6.77
N PHE A 76 -6.16 6.50 -6.49
CA PHE A 76 -6.58 7.53 -5.55
C PHE A 76 -6.35 8.92 -6.13
N LYS A 77 -7.01 9.92 -5.55
CA LYS A 77 -6.87 11.30 -6.00
C LYS A 77 -5.91 12.07 -5.11
N CYS A 78 -5.09 12.92 -5.71
CA CYS A 78 -4.13 13.72 -4.97
C CYS A 78 -3.44 14.72 -5.88
N ALA A 79 -2.64 15.61 -5.29
CA ALA A 79 -1.92 16.62 -6.05
C ALA A 79 -0.85 15.98 -6.95
N PRO A 80 -0.33 16.73 -7.93
CA PRO A 80 0.69 16.23 -8.84
C PRO A 80 2.04 16.02 -8.15
N LYS A 81 2.71 14.92 -8.49
CA LYS A 81 4.00 14.60 -7.90
C LYS A 81 3.87 14.42 -6.40
N TYR A 82 2.79 13.77 -5.97
CA TYR A 82 2.55 13.53 -4.55
C TYR A 82 2.24 12.06 -4.29
N GLY A 83 1.39 11.48 -5.13
CA GLY A 83 1.03 10.08 -4.98
C GLY A 83 2.13 9.15 -5.43
N ILE A 84 2.34 8.08 -4.67
CA ILE A 84 3.37 7.11 -5.01
C ILE A 84 2.93 5.69 -4.64
N PHE A 85 3.55 4.69 -5.27
CA PHE A 85 3.22 3.30 -5.00
C PHE A 85 4.44 2.53 -4.51
N ALA A 86 4.24 1.68 -3.50
CA ALA A 86 5.33 0.89 -2.94
C ALA A 86 4.83 -0.47 -2.48
N PRO A 87 5.70 -1.49 -2.47
CA PRO A 87 5.34 -2.85 -2.05
C PRO A 87 4.79 -2.88 -0.63
N LEU A 88 3.54 -3.32 -0.49
CA LEU A 88 2.90 -3.40 0.82
C LEU A 88 3.81 -4.11 1.81
N SER A 89 4.38 -5.22 1.36
CA SER A 89 5.30 -5.99 2.19
C SER A 89 6.46 -5.11 2.63
N LYS A 90 6.72 -4.06 1.84
CA LYS A 90 7.79 -3.12 2.17
C LYS A 90 7.24 -1.94 2.96
N ILE A 91 5.92 -1.81 3.00
CA ILE A 91 5.27 -0.72 3.72
C ILE A 91 4.70 -1.20 5.05
N SER A 92 5.21 -0.63 6.15
CA SER A 92 4.75 -1.01 7.48
C SER A 92 4.21 0.22 8.23
N LYS A 93 3.71 -0.02 9.43
CA LYS A 93 3.16 1.06 10.25
C LYS A 93 4.25 2.01 10.72
N LEU A 94 3.90 3.28 10.86
CA LEU A 94 4.87 4.30 11.30
C LEU A 94 5.39 3.97 12.69
N LYS A 95 6.58 4.48 13.00
CA LYS A 95 7.20 4.24 14.29
C LYS A 95 7.45 2.76 14.52
N ASP A 96 8.01 2.42 15.67
CA ASP A 96 8.30 1.03 16.02
C ASP A 96 9.27 0.41 15.01
N SER A 97 10.14 1.25 14.46
CA SER A 97 11.12 0.79 13.48
C SER A 97 12.52 1.28 13.84
N GLY A 98 13.50 0.39 13.71
CA GLY A 98 14.88 0.76 14.03
C GLY A 98 15.72 -0.44 14.40
N PRO A 99 16.47 -1.01 13.43
CA PRO A 99 17.33 -2.17 13.69
C PRO A 99 18.50 -1.84 14.61
N SER A 100 19.08 -0.66 14.41
CA SER A 100 20.22 -0.22 15.23
C SER A 100 21.45 -1.06 14.94
N SER A 101 21.43 -2.31 15.41
CA SER A 101 22.55 -3.22 15.21
C SER A 101 22.81 -3.44 13.73
N GLY A 102 21.74 -3.39 12.93
CA GLY A 102 21.88 -3.59 11.50
C GLY A 102 21.02 -4.73 10.99
N GLY A 1 -14.10 -42.44 5.28
CA GLY A 1 -14.63 -42.62 6.66
C GLY A 1 -14.31 -41.43 7.56
N SER A 2 -13.06 -41.35 8.01
CA SER A 2 -12.63 -40.26 8.87
C SER A 2 -12.46 -38.97 8.08
N SER A 3 -11.60 -39.01 7.06
CA SER A 3 -11.35 -37.84 6.23
C SER A 3 -12.19 -37.89 4.95
N GLY A 4 -13.03 -36.88 4.76
CA GLY A 4 -13.86 -36.84 3.57
C GLY A 4 -14.86 -35.70 3.61
N SER A 5 -14.35 -34.47 3.58
CA SER A 5 -15.20 -33.28 3.61
C SER A 5 -16.03 -33.25 4.90
N SER A 6 -15.60 -32.42 5.84
CA SER A 6 -16.29 -32.28 7.12
C SER A 6 -17.12 -30.99 7.15
N GLY A 7 -17.77 -30.75 8.28
CA GLY A 7 -18.58 -29.55 8.43
C GLY A 7 -18.00 -28.56 9.42
N LEU A 8 -17.03 -27.76 8.96
CA LEU A 8 -16.39 -26.76 9.81
C LEU A 8 -16.68 -25.35 9.31
N PRO A 9 -16.84 -24.39 10.23
CA PRO A 9 -17.12 -23.00 9.87
C PRO A 9 -15.92 -22.31 9.22
N ASN A 10 -16.19 -21.29 8.42
CA ASN A 10 -15.13 -20.56 7.74
C ASN A 10 -15.04 -19.12 8.27
N SER A 11 -14.01 -18.40 7.83
CA SER A 11 -13.81 -17.03 8.26
C SER A 11 -13.44 -16.14 7.08
N ASP A 12 -12.26 -16.37 6.51
CA ASP A 12 -11.78 -15.60 5.38
C ASP A 12 -10.73 -16.37 4.59
N HIS A 13 -9.53 -16.48 5.16
CA HIS A 13 -8.44 -17.20 4.51
C HIS A 13 -8.08 -16.54 3.18
N THR A 14 -8.11 -15.22 3.14
CA THR A 14 -7.79 -14.48 1.93
C THR A 14 -6.29 -14.15 1.87
N THR A 15 -5.89 -13.40 0.85
CA THR A 15 -4.49 -13.02 0.68
C THR A 15 -4.31 -11.52 0.85
N SER A 16 -5.34 -10.75 0.51
CA SER A 16 -5.28 -9.30 0.62
C SER A 16 -5.92 -8.83 1.93
N ARG A 17 -6.93 -9.56 2.38
CA ARG A 17 -7.63 -9.21 3.62
C ARG A 17 -6.88 -9.76 4.84
N ALA A 18 -6.12 -10.83 4.62
CA ALA A 18 -5.36 -11.44 5.71
C ALA A 18 -3.92 -10.95 5.73
N MET A 19 -3.74 -9.68 5.38
CA MET A 19 -2.40 -9.08 5.36
C MET A 19 -2.41 -7.73 6.09
N LEU A 20 -3.41 -6.91 5.78
CA LEU A 20 -3.53 -5.59 6.40
C LEU A 20 -3.87 -5.72 7.89
N THR A 21 -4.74 -6.68 8.20
CA THR A 21 -5.16 -6.91 9.59
C THR A 21 -4.02 -7.52 10.40
N SER A 22 -3.31 -8.46 9.80
CA SER A 22 -2.19 -9.12 10.47
C SER A 22 -1.07 -8.13 10.77
N LEU A 23 -0.78 -7.25 9.82
CA LEU A 23 0.26 -6.25 9.98
C LEU A 23 -0.21 -5.12 10.89
N GLY A 24 -1.50 -4.84 10.86
CA GLY A 24 -2.05 -3.79 11.70
C GLY A 24 -2.22 -2.49 10.93
N LEU A 25 -2.43 -2.58 9.63
CA LEU A 25 -2.61 -1.40 8.79
C LEU A 25 -4.07 -1.24 8.40
N LYS A 26 -4.40 -0.08 7.84
CA LYS A 26 -5.77 0.21 7.42
C LYS A 26 -5.83 1.50 6.61
N LEU A 27 -6.89 1.64 5.81
CA LEU A 27 -7.05 2.82 4.97
C LEU A 27 -7.24 4.07 5.82
N GLY A 28 -6.38 5.06 5.61
CA GLY A 28 -6.47 6.30 6.37
C GLY A 28 -5.35 6.43 7.39
N ASP A 29 -4.86 5.30 7.88
CA ASP A 29 -3.79 5.29 8.86
C ASP A 29 -2.46 5.71 8.23
N ARG A 30 -1.50 6.09 9.07
CA ARG A 30 -0.19 6.52 8.59
C ARG A 30 0.70 5.32 8.33
N VAL A 31 1.26 5.24 7.12
CA VAL A 31 2.13 4.15 6.75
C VAL A 31 3.53 4.65 6.38
N VAL A 32 4.44 3.73 6.12
CA VAL A 32 5.80 4.08 5.76
C VAL A 32 6.36 3.14 4.69
N ILE A 33 7.02 3.70 3.70
CA ILE A 33 7.60 2.91 2.61
C ILE A 33 9.00 2.43 2.97
N ALA A 34 9.15 1.11 3.10
CA ALA A 34 10.44 0.53 3.44
C ALA A 34 10.94 1.04 4.78
N GLY A 35 10.01 1.38 5.67
CA GLY A 35 10.38 1.89 6.97
C GLY A 35 11.26 3.12 6.90
N GLN A 36 10.97 4.00 5.95
CA GLN A 36 11.74 5.23 5.78
C GLN A 36 10.84 6.40 5.40
N LYS A 37 10.32 6.37 4.18
CA LYS A 37 9.43 7.42 3.69
C LYS A 37 8.10 7.41 4.44
N VAL A 38 7.67 8.58 4.88
CA VAL A 38 6.41 8.71 5.62
C VAL A 38 5.31 9.27 4.72
N GLY A 39 4.17 8.60 4.70
CA GLY A 39 3.05 9.05 3.88
C GLY A 39 1.73 8.47 4.33
N THR A 40 0.64 9.07 3.88
CA THR A 40 -0.70 8.61 4.25
C THR A 40 -1.18 7.54 3.28
N LEU A 41 -1.53 6.37 3.82
CA LEU A 41 -2.01 5.27 2.99
C LEU A 41 -3.37 5.59 2.37
N ARG A 42 -3.49 5.37 1.06
CA ARG A 42 -4.72 5.65 0.35
C ARG A 42 -5.33 4.37 -0.21
N PHE A 43 -4.46 3.49 -0.72
CA PHE A 43 -4.92 2.22 -1.30
C PHE A 43 -3.96 1.09 -0.92
N CYS A 44 -4.44 -0.14 -1.04
CA CYS A 44 -3.63 -1.32 -0.71
C CYS A 44 -4.09 -2.53 -1.50
N GLY A 45 -3.14 -3.27 -2.05
CA GLY A 45 -3.47 -4.46 -2.82
C GLY A 45 -2.71 -4.53 -4.13
N THR A 46 -3.03 -5.52 -4.95
CA THR A 46 -2.36 -5.71 -6.23
C THR A 46 -2.77 -4.61 -7.21
N THR A 47 -1.85 -4.26 -8.10
CA THR A 47 -2.12 -3.22 -9.10
C THR A 47 -2.45 -3.83 -10.45
N GLU A 48 -2.69 -2.98 -11.44
CA GLU A 48 -3.02 -3.45 -12.79
C GLU A 48 -1.88 -3.15 -13.76
N PHE A 49 -0.65 -3.17 -13.25
CA PHE A 49 0.52 -2.90 -14.07
C PHE A 49 1.76 -3.58 -13.49
N ALA A 50 1.95 -3.42 -12.18
CA ALA A 50 3.09 -4.03 -11.51
C ALA A 50 2.70 -5.32 -10.81
N SER A 51 3.59 -6.30 -10.85
CA SER A 51 3.34 -7.59 -10.23
C SER A 51 3.64 -7.54 -8.73
N GLY A 52 2.82 -8.22 -7.94
CA GLY A 52 3.00 -8.24 -6.50
C GLY A 52 2.06 -7.30 -5.78
N GLN A 53 2.15 -7.28 -4.45
CA GLN A 53 1.28 -6.43 -3.64
C GLN A 53 1.82 -5.00 -3.61
N TRP A 54 0.91 -4.03 -3.62
CA TRP A 54 1.30 -2.62 -3.59
C TRP A 54 0.35 -1.83 -2.69
N ALA A 55 0.64 -0.54 -2.53
CA ALA A 55 -0.18 0.33 -1.70
C ALA A 55 0.01 1.79 -2.08
N GLY A 56 -1.06 2.42 -2.57
CA GLY A 56 -0.98 3.82 -2.96
C GLY A 56 -0.85 4.75 -1.77
N ILE A 57 0.37 5.20 -1.52
CA ILE A 57 0.64 6.11 -0.41
C ILE A 57 0.98 7.51 -0.90
N GLU A 58 0.44 8.52 -0.22
CA GLU A 58 0.70 9.90 -0.59
C GLU A 58 1.70 10.56 0.37
N LEU A 59 2.75 11.15 -0.19
CA LEU A 59 3.77 11.80 0.63
C LEU A 59 3.29 13.18 1.09
N ASP A 60 3.77 13.60 2.25
CA ASP A 60 3.41 14.90 2.81
C ASP A 60 4.01 16.04 1.98
N GLU A 61 5.20 15.80 1.45
CA GLU A 61 5.88 16.81 0.64
C GLU A 61 5.93 16.39 -0.82
N PRO A 62 6.14 17.35 -1.74
CA PRO A 62 6.21 17.07 -3.17
C PRO A 62 7.46 16.26 -3.55
N GLU A 63 7.37 14.95 -3.39
CA GLU A 63 8.50 14.07 -3.72
C GLU A 63 8.00 12.78 -4.35
N GLY A 64 6.90 12.86 -5.08
CA GLY A 64 6.35 11.69 -5.73
C GLY A 64 6.57 11.69 -7.23
N LYS A 65 6.07 10.67 -7.91
CA LYS A 65 6.21 10.57 -9.36
C LYS A 65 4.89 10.17 -10.01
N ASN A 66 3.79 10.58 -9.39
CA ASN A 66 2.46 10.27 -9.91
C ASN A 66 1.42 11.26 -9.40
N ASN A 67 0.22 11.18 -9.93
CA ASN A 67 -0.86 12.07 -9.53
C ASN A 67 -2.09 11.29 -9.07
N GLY A 68 -1.84 10.10 -8.51
CA GLY A 68 -2.94 9.27 -8.05
C GLY A 68 -3.36 8.23 -9.06
N SER A 69 -3.16 8.54 -10.34
CA SER A 69 -3.52 7.62 -11.41
C SER A 69 -2.29 7.19 -12.20
N VAL A 70 -2.14 5.89 -12.42
CA VAL A 70 -1.01 5.35 -13.16
C VAL A 70 -1.42 4.93 -14.56
N GLY A 71 -1.13 5.79 -15.55
CA GLY A 71 -1.48 5.49 -16.92
C GLY A 71 -2.97 5.58 -17.17
N ARG A 72 -3.60 4.44 -17.41
CA ARG A 72 -5.04 4.39 -17.67
C ARG A 72 -5.77 3.74 -16.50
N VAL A 73 -5.24 3.90 -15.30
CA VAL A 73 -5.84 3.33 -14.10
C VAL A 73 -5.74 4.28 -12.92
N GLN A 74 -6.81 4.39 -12.15
CA GLN A 74 -6.83 5.27 -10.98
C GLN A 74 -6.75 4.46 -9.69
N TYR A 75 -6.37 5.13 -8.60
CA TYR A 75 -6.27 4.48 -7.30
C TYR A 75 -6.73 5.40 -6.19
N PHE A 76 -6.17 6.60 -6.15
CA PHE A 76 -6.55 7.59 -5.12
C PHE A 76 -6.33 9.00 -5.64
N LYS A 77 -7.09 9.95 -5.09
CA LYS A 77 -6.98 11.35 -5.48
C LYS A 77 -5.91 12.06 -4.67
N CYS A 78 -5.08 12.85 -5.34
CA CYS A 78 -4.02 13.61 -4.68
C CYS A 78 -3.39 14.61 -5.63
N ALA A 79 -2.48 15.43 -5.10
CA ALA A 79 -1.81 16.44 -5.90
C ALA A 79 -0.64 15.84 -6.67
N PRO A 80 -0.11 16.57 -7.67
CA PRO A 80 1.02 16.10 -8.48
C PRO A 80 2.32 16.00 -7.68
N LYS A 81 3.14 15.03 -8.01
CA LYS A 81 4.41 14.83 -7.32
C LYS A 81 4.19 14.53 -5.83
N TYR A 82 3.07 13.87 -5.54
CA TYR A 82 2.75 13.53 -4.16
C TYR A 82 2.38 12.05 -4.04
N GLY A 83 1.56 11.57 -4.97
CA GLY A 83 1.14 10.18 -4.95
C GLY A 83 2.22 9.25 -5.45
N ILE A 84 2.44 8.16 -4.73
CA ILE A 84 3.46 7.17 -5.10
C ILE A 84 3.08 5.79 -4.60
N PHE A 85 3.44 4.77 -5.37
CA PHE A 85 3.15 3.39 -5.00
C PHE A 85 4.40 2.67 -4.51
N ALA A 86 4.21 1.64 -3.68
CA ALA A 86 5.32 0.87 -3.15
C ALA A 86 4.86 -0.51 -2.71
N PRO A 87 5.75 -1.52 -2.78
CA PRO A 87 5.43 -2.89 -2.38
C PRO A 87 4.91 -2.98 -0.95
N LEU A 88 3.66 -3.43 -0.80
CA LEU A 88 3.06 -3.56 0.52
C LEU A 88 4.00 -4.27 1.47
N SER A 89 4.58 -5.36 0.99
CA SER A 89 5.52 -6.14 1.77
C SER A 89 6.67 -5.24 2.22
N LYS A 90 6.90 -4.17 1.47
CA LYS A 90 7.95 -3.22 1.80
C LYS A 90 7.40 -2.06 2.64
N ILE A 91 6.07 -1.96 2.70
CA ILE A 91 5.42 -0.91 3.46
C ILE A 91 4.87 -1.44 4.78
N SER A 92 5.08 -0.69 5.86
CA SER A 92 4.59 -1.09 7.18
C SER A 92 4.00 0.11 7.92
N LYS A 93 3.53 -0.13 9.14
CA LYS A 93 2.94 0.93 9.95
C LYS A 93 4.02 1.79 10.58
N LEU A 94 3.68 3.04 10.86
CA LEU A 94 4.62 3.97 11.47
C LEU A 94 4.82 3.67 12.95
N LYS A 95 6.00 3.14 13.29
CA LYS A 95 6.31 2.81 14.67
C LYS A 95 7.82 2.65 14.85
N ASP A 96 8.41 3.50 15.68
CA ASP A 96 9.83 3.45 15.94
C ASP A 96 10.11 3.40 17.44
N SER A 97 9.99 2.21 18.02
CA SER A 97 10.22 2.02 19.45
C SER A 97 11.15 0.84 19.69
N GLY A 98 12.19 1.06 20.50
CA GLY A 98 13.14 0.00 20.80
C GLY A 98 14.53 0.32 20.30
N PRO A 99 15.50 -0.60 20.51
CA PRO A 99 16.88 -0.41 20.07
C PRO A 99 17.02 -0.46 18.55
N SER A 100 18.26 -0.44 18.08
CA SER A 100 18.53 -0.50 16.64
C SER A 100 19.80 -1.30 16.36
N SER A 101 20.86 -1.00 17.10
CA SER A 101 22.14 -1.68 16.93
C SER A 101 22.78 -1.32 15.60
N GLY A 102 22.17 -1.77 14.50
CA GLY A 102 22.69 -1.48 13.18
C GLY A 102 22.39 -2.58 12.18
N GLY A 1 -4.28 -40.74 -17.86
CA GLY A 1 -4.82 -39.75 -16.90
C GLY A 1 -5.96 -40.31 -16.08
N SER A 2 -5.63 -40.91 -14.94
CA SER A 2 -6.64 -41.49 -14.06
C SER A 2 -6.40 -41.09 -12.61
N SER A 3 -7.47 -40.83 -11.88
CA SER A 3 -7.37 -40.44 -10.47
C SER A 3 -8.65 -40.80 -9.72
N GLY A 4 -9.79 -40.38 -10.26
CA GLY A 4 -11.06 -40.67 -9.62
C GLY A 4 -11.98 -39.47 -9.59
N SER A 5 -11.65 -38.50 -8.74
CA SER A 5 -12.46 -37.28 -8.61
C SER A 5 -11.56 -36.05 -8.46
N SER A 6 -12.18 -34.89 -8.55
CA SER A 6 -11.44 -33.63 -8.43
C SER A 6 -12.32 -32.54 -7.82
N GLY A 7 -12.47 -32.57 -6.51
CA GLY A 7 -13.29 -31.59 -5.83
C GLY A 7 -12.66 -31.08 -4.55
N LEU A 8 -12.20 -29.83 -4.57
CA LEU A 8 -11.56 -29.22 -3.41
C LEU A 8 -12.53 -28.29 -2.68
N PRO A 9 -13.22 -28.79 -1.64
CA PRO A 9 -14.17 -27.99 -0.87
C PRO A 9 -13.48 -26.89 -0.06
N ASN A 10 -12.32 -27.21 0.48
CA ASN A 10 -11.55 -26.24 1.28
C ASN A 10 -10.91 -25.20 0.39
N SER A 11 -11.32 -23.94 0.58
CA SER A 11 -10.77 -22.83 -0.21
C SER A 11 -10.65 -21.57 0.64
N ASP A 12 -9.43 -21.07 0.75
CA ASP A 12 -9.17 -19.87 1.54
C ASP A 12 -7.77 -19.33 1.26
N HIS A 13 -7.66 -18.01 1.14
CA HIS A 13 -6.37 -17.37 0.88
C HIS A 13 -6.39 -15.91 1.34
N THR A 14 -5.25 -15.24 1.21
CA THR A 14 -5.13 -13.85 1.60
C THR A 14 -3.88 -13.21 0.99
N THR A 15 -3.97 -11.92 0.69
CA THR A 15 -2.85 -11.19 0.10
C THR A 15 -2.68 -9.82 0.75
N SER A 16 -3.76 -9.04 0.76
CA SER A 16 -3.73 -7.71 1.36
C SER A 16 -4.89 -7.53 2.34
N ARG A 17 -5.31 -8.62 2.97
CA ARG A 17 -6.41 -8.58 3.92
C ARG A 17 -5.94 -9.00 5.31
N ALA A 18 -5.06 -10.00 5.36
CA ALA A 18 -4.54 -10.49 6.63
C ALA A 18 -3.46 -9.55 7.17
N MET A 19 -2.70 -8.95 6.27
CA MET A 19 -1.64 -8.03 6.66
C MET A 19 -2.21 -6.78 7.30
N LEU A 20 -3.41 -6.38 6.86
CA LEU A 20 -4.07 -5.19 7.38
C LEU A 20 -4.69 -5.47 8.75
N THR A 21 -5.08 -6.72 8.96
CA THR A 21 -5.70 -7.12 10.22
C THR A 21 -4.63 -7.46 11.27
N SER A 22 -3.50 -7.97 10.80
CA SER A 22 -2.40 -8.33 11.69
C SER A 22 -1.56 -7.10 12.05
N LEU A 23 -1.10 -6.39 11.02
CA LEU A 23 -0.28 -5.20 11.24
C LEU A 23 -1.13 -4.07 11.83
N GLY A 24 -2.41 -4.05 11.49
CA GLY A 24 -3.30 -3.02 11.99
C GLY A 24 -3.34 -1.80 11.09
N LEU A 25 -3.15 -2.02 9.80
CA LEU A 25 -3.17 -0.92 8.82
C LEU A 25 -4.52 -0.84 8.13
N LYS A 26 -4.98 0.38 7.88
CA LYS A 26 -6.26 0.60 7.21
C LYS A 26 -6.21 1.84 6.33
N LEU A 27 -7.30 2.09 5.61
CA LEU A 27 -7.37 3.24 4.72
C LEU A 27 -7.38 4.55 5.52
N GLY A 28 -6.41 5.41 5.26
CA GLY A 28 -6.32 6.67 5.96
C GLY A 28 -5.20 6.70 6.97
N ASP A 29 -4.86 5.54 7.51
CA ASP A 29 -3.79 5.43 8.49
C ASP A 29 -2.46 5.87 7.90
N ARG A 30 -1.47 6.07 8.77
CA ARG A 30 -0.14 6.49 8.33
C ARG A 30 0.76 5.29 8.11
N VAL A 31 1.49 5.31 6.99
CA VAL A 31 2.40 4.22 6.65
C VAL A 31 3.77 4.75 6.28
N VAL A 32 4.68 3.83 5.96
CA VAL A 32 6.04 4.21 5.59
C VAL A 32 6.64 3.20 4.60
N ILE A 33 7.18 3.70 3.49
CA ILE A 33 7.78 2.85 2.48
C ILE A 33 9.17 2.39 2.89
N ALA A 34 9.28 1.14 3.30
CA ALA A 34 10.56 0.59 3.73
C ALA A 34 11.14 1.36 4.90
N GLY A 35 10.25 1.92 5.72
CA GLY A 35 10.70 2.69 6.87
C GLY A 35 11.57 3.87 6.49
N GLN A 36 11.28 4.46 5.33
CA GLN A 36 12.04 5.61 4.84
C GLN A 36 11.10 6.74 4.42
N LYS A 37 10.32 6.49 3.38
CA LYS A 37 9.39 7.49 2.87
C LYS A 37 8.09 7.47 3.68
N VAL A 38 7.70 8.65 4.17
CA VAL A 38 6.48 8.76 4.95
C VAL A 38 5.31 9.21 4.08
N GLY A 39 4.14 8.62 4.33
CA GLY A 39 2.96 8.95 3.56
C GLY A 39 1.69 8.34 4.13
N THR A 40 0.56 8.96 3.86
CA THR A 40 -0.72 8.47 4.35
C THR A 40 -1.25 7.36 3.44
N LEU A 41 -1.59 6.22 4.05
CA LEU A 41 -2.12 5.10 3.30
C LEU A 41 -3.46 5.44 2.64
N ARG A 42 -3.56 5.20 1.34
CA ARG A 42 -4.78 5.48 0.61
C ARG A 42 -5.34 4.22 -0.03
N PHE A 43 -4.51 3.52 -0.79
CA PHE A 43 -4.91 2.28 -1.45
C PHE A 43 -4.04 1.11 -1.01
N CYS A 44 -4.60 -0.09 -1.08
CA CYS A 44 -3.87 -1.30 -0.69
C CYS A 44 -4.36 -2.50 -1.47
N GLY A 45 -3.43 -3.19 -2.15
CA GLY A 45 -3.80 -4.36 -2.92
C GLY A 45 -2.89 -4.57 -4.11
N THR A 46 -3.41 -5.19 -5.16
CA THR A 46 -2.64 -5.46 -6.36
C THR A 46 -2.95 -4.42 -7.44
N THR A 47 -1.89 -3.82 -7.99
CA THR A 47 -2.04 -2.81 -9.03
C THR A 47 -2.15 -3.46 -10.40
N GLU A 48 -2.28 -2.63 -11.44
CA GLU A 48 -2.39 -3.14 -12.81
C GLU A 48 -1.09 -2.90 -13.58
N PHE A 49 -0.41 -1.80 -13.26
CA PHE A 49 0.84 -1.46 -13.92
C PHE A 49 1.97 -2.39 -13.46
N ALA A 50 2.05 -2.61 -12.16
CA ALA A 50 3.08 -3.48 -11.59
C ALA A 50 2.46 -4.76 -11.03
N SER A 51 3.16 -5.88 -11.22
CA SER A 51 2.70 -7.16 -10.73
C SER A 51 3.14 -7.40 -9.30
N GLY A 52 2.23 -7.88 -8.46
CA GLY A 52 2.55 -8.15 -7.07
C GLY A 52 1.74 -7.30 -6.11
N GLN A 53 2.26 -7.09 -4.91
CA GLN A 53 1.57 -6.29 -3.90
C GLN A 53 2.00 -4.82 -3.99
N TRP A 54 1.05 -3.93 -3.75
CA TRP A 54 1.32 -2.50 -3.80
C TRP A 54 0.29 -1.72 -2.98
N ALA A 55 0.60 -0.45 -2.70
CA ALA A 55 -0.29 0.39 -1.93
C ALA A 55 -0.05 1.87 -2.24
N GLY A 56 -1.11 2.55 -2.66
CA GLY A 56 -0.99 3.96 -2.99
C GLY A 56 -0.88 4.83 -1.75
N ILE A 57 0.33 5.33 -1.50
CA ILE A 57 0.56 6.18 -0.33
C ILE A 57 0.78 7.63 -0.75
N GLU A 58 0.27 8.55 0.05
CA GLU A 58 0.41 9.98 -0.24
C GLU A 58 1.45 10.63 0.67
N LEU A 59 2.64 10.85 0.13
CA LEU A 59 3.72 11.47 0.90
C LEU A 59 3.38 12.90 1.26
N ASP A 60 3.96 13.38 2.36
CA ASP A 60 3.72 14.73 2.83
C ASP A 60 4.53 15.75 2.01
N GLU A 61 5.71 15.33 1.57
CA GLU A 61 6.57 16.19 0.78
C GLU A 61 6.56 15.79 -0.70
N PRO A 62 6.84 16.72 -1.61
CA PRO A 62 6.86 16.45 -3.05
C PRO A 62 7.95 15.47 -3.44
N GLU A 63 7.69 14.19 -3.23
CA GLU A 63 8.66 13.14 -3.55
C GLU A 63 7.96 11.91 -4.14
N GLY A 64 6.85 12.15 -4.83
CA GLY A 64 6.11 11.05 -5.44
C GLY A 64 6.19 11.06 -6.95
N LYS A 65 6.21 9.87 -7.54
CA LYS A 65 6.29 9.74 -8.99
C LYS A 65 4.92 9.45 -9.59
N ASN A 66 3.88 9.98 -8.96
CA ASN A 66 2.51 9.78 -9.42
C ASN A 66 1.57 10.85 -8.88
N ASN A 67 0.40 10.98 -9.49
CA ASN A 67 -0.58 11.97 -9.07
C ASN A 67 -1.89 11.30 -8.69
N GLY A 68 -1.79 10.14 -8.05
CA GLY A 68 -2.99 9.41 -7.65
C GLY A 68 -3.32 8.26 -8.59
N SER A 69 -3.12 8.49 -9.87
CA SER A 69 -3.40 7.46 -10.88
C SER A 69 -2.15 7.16 -11.72
N VAL A 70 -2.01 5.90 -12.09
CA VAL A 70 -0.86 5.48 -12.89
C VAL A 70 -1.23 5.35 -14.36
N GLY A 71 -0.89 6.37 -15.15
CA GLY A 71 -1.20 6.35 -16.57
C GLY A 71 -2.69 6.30 -16.84
N ARG A 72 -3.22 5.10 -17.05
CA ARG A 72 -4.64 4.93 -17.32
C ARG A 72 -5.37 4.35 -16.11
N VAL A 73 -4.62 3.62 -15.27
CA VAL A 73 -5.20 3.01 -14.09
C VAL A 73 -5.38 4.03 -12.96
N GLN A 74 -6.54 3.98 -12.31
CA GLN A 74 -6.84 4.91 -11.22
C GLN A 74 -6.91 4.17 -9.89
N TYR A 75 -6.40 4.80 -8.83
CA TYR A 75 -6.41 4.19 -7.50
C TYR A 75 -6.98 5.16 -6.46
N PHE A 76 -6.21 6.21 -6.18
CA PHE A 76 -6.63 7.21 -5.20
C PHE A 76 -6.39 8.62 -5.73
N LYS A 77 -7.14 9.58 -5.19
CA LYS A 77 -7.01 10.97 -5.60
C LYS A 77 -6.10 11.74 -4.67
N CYS A 78 -5.05 12.34 -5.23
CA CYS A 78 -4.09 13.11 -4.44
C CYS A 78 -3.50 14.25 -5.25
N ALA A 79 -2.62 15.04 -4.64
CA ALA A 79 -1.99 16.15 -5.31
C ALA A 79 -0.90 15.67 -6.27
N PRO A 80 -0.71 16.38 -7.40
CA PRO A 80 0.31 16.02 -8.39
C PRO A 80 1.71 15.98 -7.80
N LYS A 81 2.48 14.96 -8.19
CA LYS A 81 3.84 14.81 -7.69
C LYS A 81 3.87 14.67 -6.17
N TYR A 82 3.11 13.71 -5.66
CA TYR A 82 3.04 13.47 -4.24
C TYR A 82 2.72 12.00 -3.94
N GLY A 83 1.71 11.47 -4.64
CA GLY A 83 1.33 10.09 -4.44
C GLY A 83 2.31 9.12 -5.07
N ILE A 84 2.56 8.00 -4.39
CA ILE A 84 3.48 6.99 -4.89
C ILE A 84 3.00 5.59 -4.56
N PHE A 85 3.48 4.60 -5.32
CA PHE A 85 3.09 3.21 -5.11
C PHE A 85 4.30 2.37 -4.70
N ALA A 86 4.16 1.65 -3.59
CA ALA A 86 5.24 0.80 -3.09
C ALA A 86 4.70 -0.55 -2.64
N PRO A 87 5.56 -1.58 -2.61
CA PRO A 87 5.16 -2.93 -2.18
C PRO A 87 4.63 -2.95 -0.75
N LEU A 88 3.38 -3.38 -0.60
CA LEU A 88 2.75 -3.45 0.72
C LEU A 88 3.67 -4.17 1.70
N SER A 89 4.22 -5.28 1.25
CA SER A 89 5.15 -6.06 2.07
C SER A 89 6.31 -5.17 2.50
N LYS A 90 6.57 -4.13 1.71
CA LYS A 90 7.65 -3.19 2.02
C LYS A 90 7.11 -1.99 2.79
N ILE A 91 5.78 -1.84 2.82
CA ILE A 91 5.14 -0.74 3.53
C ILE A 91 4.66 -1.17 4.91
N SER A 92 5.18 -0.52 5.94
CA SER A 92 4.79 -0.83 7.31
C SER A 92 4.10 0.35 7.97
N LYS A 93 3.66 0.16 9.22
CA LYS A 93 2.97 1.21 9.95
C LYS A 93 3.96 2.26 10.45
N LEU A 94 3.56 3.53 10.37
CA LEU A 94 4.41 4.63 10.81
C LEU A 94 4.19 4.94 12.28
N LYS A 95 5.27 5.16 13.01
CA LYS A 95 5.20 5.46 14.43
C LYS A 95 6.34 6.36 14.86
N ASP A 96 6.01 7.58 15.27
CA ASP A 96 7.01 8.55 15.71
C ASP A 96 6.35 9.80 16.27
N SER A 97 5.28 10.25 15.61
CA SER A 97 4.56 11.44 16.04
C SER A 97 3.05 11.25 15.90
N GLY A 98 2.35 11.29 17.02
CA GLY A 98 0.91 11.12 17.00
C GLY A 98 0.19 12.26 16.29
N PRO A 99 -1.02 12.02 15.79
CA PRO A 99 -1.80 13.04 15.08
C PRO A 99 -2.31 14.13 16.03
N SER A 100 -2.06 15.39 15.67
CA SER A 100 -2.48 16.52 16.48
C SER A 100 -2.96 17.67 15.60
N SER A 101 -3.32 18.78 16.23
CA SER A 101 -3.79 19.95 15.51
C SER A 101 -2.74 21.06 15.53
N GLY A 102 -1.91 21.09 14.49
CA GLY A 102 -0.88 22.11 14.40
C GLY A 102 0.42 21.66 15.06
N GLY A 1 -13.76 -1.85 -8.44
CA GLY A 1 -12.63 -1.43 -9.33
C GLY A 1 -13.11 -0.78 -10.60
N SER A 2 -13.08 -1.52 -11.70
CA SER A 2 -13.51 -1.01 -12.99
C SER A 2 -14.97 -1.38 -13.27
N SER A 3 -15.23 -2.68 -13.37
CA SER A 3 -16.58 -3.16 -13.63
C SER A 3 -17.14 -3.91 -12.43
N GLY A 4 -18.45 -3.94 -12.31
CA GLY A 4 -19.09 -4.63 -11.20
C GLY A 4 -19.69 -3.68 -10.19
N SER A 5 -20.78 -4.10 -9.57
CA SER A 5 -21.46 -3.27 -8.58
C SER A 5 -21.35 -3.89 -7.19
N SER A 6 -20.25 -4.59 -6.94
CA SER A 6 -20.02 -5.22 -5.65
C SER A 6 -21.10 -6.26 -5.35
N GLY A 7 -21.02 -6.89 -4.19
CA GLY A 7 -22.00 -7.89 -3.82
C GLY A 7 -21.80 -8.39 -2.40
N LEU A 8 -22.88 -8.40 -1.62
CA LEU A 8 -22.82 -8.86 -0.23
C LEU A 8 -21.86 -8.00 0.58
N PRO A 9 -22.37 -6.95 1.24
CA PRO A 9 -21.55 -6.05 2.06
C PRO A 9 -20.66 -6.81 3.04
N ASN A 10 -21.10 -8.00 3.43
CA ASN A 10 -20.35 -8.83 4.37
C ASN A 10 -19.38 -9.74 3.63
N SER A 11 -18.80 -10.69 4.35
CA SER A 11 -17.85 -11.62 3.76
C SER A 11 -16.63 -10.90 3.22
N ASP A 12 -15.49 -11.58 3.22
CA ASP A 12 -14.24 -10.99 2.72
C ASP A 12 -13.22 -12.08 2.41
N HIS A 13 -13.21 -12.54 1.16
CA HIS A 13 -12.28 -13.58 0.73
C HIS A 13 -11.09 -12.96 0.00
N THR A 14 -10.71 -11.76 0.41
CA THR A 14 -9.58 -11.07 -0.21
C THR A 14 -8.38 -11.06 0.71
N THR A 15 -7.20 -11.34 0.16
CA THR A 15 -5.97 -11.37 0.94
C THR A 15 -5.62 -9.96 1.45
N SER A 16 -6.10 -8.94 0.74
CA SER A 16 -5.84 -7.56 1.13
C SER A 16 -6.27 -7.30 2.57
N ARG A 17 -7.29 -8.03 3.02
CA ARG A 17 -7.80 -7.86 4.37
C ARG A 17 -7.23 -8.93 5.30
N ALA A 18 -6.02 -9.41 4.98
CA ALA A 18 -5.37 -10.43 5.78
C ALA A 18 -4.00 -9.96 6.26
N MET A 19 -3.27 -9.32 5.36
CA MET A 19 -1.94 -8.81 5.69
C MET A 19 -2.04 -7.53 6.52
N LEU A 20 -3.07 -6.75 6.26
CA LEU A 20 -3.28 -5.50 6.98
C LEU A 20 -3.73 -5.76 8.42
N THR A 21 -4.60 -6.75 8.58
CA THR A 21 -5.10 -7.12 9.90
C THR A 21 -4.00 -7.70 10.77
N SER A 22 -3.14 -8.52 10.16
CA SER A 22 -2.04 -9.14 10.88
C SER A 22 -1.01 -8.10 11.31
N LEU A 23 -0.48 -7.37 10.35
CA LEU A 23 0.51 -6.34 10.62
C LEU A 23 -0.07 -5.25 11.50
N GLY A 24 -1.34 -4.93 11.27
CA GLY A 24 -2.00 -3.89 12.05
C GLY A 24 -2.14 -2.59 11.28
N LEU A 25 -2.26 -2.69 9.97
CA LEU A 25 -2.40 -1.52 9.12
C LEU A 25 -3.84 -1.36 8.64
N LYS A 26 -4.21 -0.13 8.32
CA LYS A 26 -5.57 0.16 7.85
C LYS A 26 -5.59 1.43 7.00
N LEU A 27 -6.66 1.61 6.24
CA LEU A 27 -6.81 2.78 5.39
C LEU A 27 -6.96 4.05 6.22
N GLY A 28 -6.26 5.10 5.82
CA GLY A 28 -6.34 6.36 6.53
C GLY A 28 -5.19 6.53 7.52
N ASP A 29 -4.69 5.43 8.04
CA ASP A 29 -3.58 5.46 8.99
C ASP A 29 -2.30 5.94 8.32
N ARG A 30 -1.24 6.07 9.11
CA ARG A 30 0.04 6.53 8.60
C ARG A 30 0.98 5.35 8.36
N VAL A 31 1.47 5.23 7.12
CA VAL A 31 2.37 4.14 6.76
C VAL A 31 3.72 4.69 6.29
N VAL A 32 4.74 3.84 6.35
CA VAL A 32 6.08 4.23 5.93
C VAL A 32 6.66 3.22 4.94
N ILE A 33 7.07 3.71 3.77
CA ILE A 33 7.64 2.85 2.75
C ILE A 33 9.11 2.55 3.03
N ALA A 34 9.41 1.27 3.28
CA ALA A 34 10.77 0.86 3.57
C ALA A 34 11.29 1.55 4.83
N GLY A 35 10.39 1.90 5.73
CA GLY A 35 10.78 2.56 6.97
C GLY A 35 11.55 3.84 6.71
N GLN A 36 11.27 4.48 5.59
CA GLN A 36 11.95 5.73 5.24
C GLN A 36 10.94 6.80 4.83
N LYS A 37 10.27 6.59 3.71
CA LYS A 37 9.28 7.55 3.22
C LYS A 37 8.01 7.48 4.06
N VAL A 38 7.65 8.61 4.67
CA VAL A 38 6.46 8.69 5.50
C VAL A 38 5.28 9.27 4.71
N GLY A 39 4.23 8.48 4.57
CA GLY A 39 3.05 8.93 3.84
C GLY A 39 1.77 8.35 4.39
N THR A 40 0.63 8.86 3.93
CA THR A 40 -0.66 8.39 4.38
C THR A 40 -1.22 7.33 3.43
N LEU A 41 -1.43 6.13 3.95
CA LEU A 41 -1.96 5.03 3.14
C LEU A 41 -3.33 5.37 2.58
N ARG A 42 -3.46 5.30 1.26
CA ARG A 42 -4.72 5.61 0.60
C ARG A 42 -5.31 4.36 -0.04
N PHE A 43 -4.48 3.63 -0.78
CA PHE A 43 -4.92 2.41 -1.45
C PHE A 43 -3.97 1.26 -1.16
N CYS A 44 -4.47 0.04 -1.29
CA CYS A 44 -3.67 -1.16 -1.04
C CYS A 44 -4.19 -2.35 -1.84
N GLY A 45 -3.29 -3.22 -2.24
CA GLY A 45 -3.68 -4.40 -3.01
C GLY A 45 -2.85 -4.57 -4.26
N THR A 46 -3.46 -5.11 -5.31
CA THR A 46 -2.77 -5.33 -6.58
C THR A 46 -3.00 -4.18 -7.53
N THR A 47 -2.01 -3.90 -8.37
CA THR A 47 -2.10 -2.81 -9.34
C THR A 47 -2.19 -3.36 -10.76
N GLU A 48 -2.34 -2.46 -11.73
CA GLU A 48 -2.43 -2.84 -13.13
C GLU A 48 -1.19 -2.41 -13.90
N PHE A 49 -0.05 -2.38 -13.21
CA PHE A 49 1.21 -1.98 -13.84
C PHE A 49 2.39 -2.64 -13.14
N ALA A 50 2.17 -3.84 -12.60
CA ALA A 50 3.22 -4.57 -11.90
C ALA A 50 2.72 -5.95 -11.46
N SER A 51 3.63 -6.74 -10.90
CA SER A 51 3.29 -8.08 -10.44
C SER A 51 3.64 -8.26 -8.97
N GLY A 52 2.62 -8.34 -8.12
CA GLY A 52 2.85 -8.52 -6.70
C GLY A 52 1.95 -7.63 -5.86
N GLN A 53 2.42 -7.28 -4.66
CA GLN A 53 1.65 -6.43 -3.76
C GLN A 53 2.04 -4.96 -3.92
N TRP A 54 1.05 -4.08 -3.84
CA TRP A 54 1.29 -2.64 -3.98
C TRP A 54 0.27 -1.84 -3.18
N ALA A 55 0.57 -0.56 -2.97
CA ALA A 55 -0.33 0.31 -2.23
C ALA A 55 -0.08 1.78 -2.58
N GLY A 56 -1.16 2.55 -2.68
CA GLY A 56 -1.04 3.95 -3.02
C GLY A 56 -0.95 4.83 -1.78
N ILE A 57 0.20 5.46 -1.58
CA ILE A 57 0.40 6.33 -0.43
C ILE A 57 0.68 7.77 -0.88
N GLU A 58 0.17 8.72 -0.10
CA GLU A 58 0.35 10.14 -0.41
C GLU A 58 1.36 10.78 0.53
N LEU A 59 2.59 10.94 0.05
CA LEU A 59 3.65 11.53 0.85
C LEU A 59 3.30 12.98 1.22
N ASP A 60 3.71 13.40 2.41
CA ASP A 60 3.44 14.75 2.88
C ASP A 60 4.29 15.77 2.12
N GLU A 61 5.48 15.35 1.72
CA GLU A 61 6.40 16.22 0.98
C GLU A 61 6.39 15.87 -0.51
N PRO A 62 6.77 16.83 -1.36
CA PRO A 62 6.81 16.64 -2.81
C PRO A 62 7.93 15.68 -3.24
N GLU A 63 7.63 14.39 -3.16
CA GLU A 63 8.61 13.36 -3.54
C GLU A 63 7.94 12.18 -4.22
N GLY A 64 6.83 12.46 -4.92
CA GLY A 64 6.11 11.40 -5.60
C GLY A 64 6.19 11.53 -7.10
N LYS A 65 5.94 10.42 -7.81
CA LYS A 65 5.99 10.41 -9.26
C LYS A 65 4.62 10.03 -9.85
N ASN A 66 3.56 10.43 -9.16
CA ASN A 66 2.20 10.13 -9.60
C ASN A 66 1.19 11.08 -8.96
N ASN A 67 -0.07 10.93 -9.35
CA ASN A 67 -1.13 11.77 -8.81
C ASN A 67 -2.36 10.93 -8.45
N GLY A 68 -2.11 9.72 -7.97
CA GLY A 68 -3.20 8.83 -7.58
C GLY A 68 -3.70 8.00 -8.74
N SER A 69 -2.91 7.91 -9.82
CA SER A 69 -3.28 7.14 -10.99
C SER A 69 -2.05 6.81 -11.83
N VAL A 70 -2.06 5.62 -12.43
CA VAL A 70 -0.95 5.18 -13.27
C VAL A 70 -1.42 4.81 -14.67
N GLY A 71 -1.15 5.70 -15.62
CA GLY A 71 -1.56 5.46 -16.99
C GLY A 71 -3.06 5.50 -17.17
N ARG A 72 -3.65 4.34 -17.43
CA ARG A 72 -5.10 4.24 -17.62
C ARG A 72 -5.76 3.56 -16.42
N VAL A 73 -5.16 3.73 -15.25
CA VAL A 73 -5.69 3.13 -14.03
C VAL A 73 -5.77 4.15 -12.91
N GLN A 74 -6.92 4.21 -12.24
CA GLN A 74 -7.12 5.16 -11.15
C GLN A 74 -7.23 4.42 -9.82
N TYR A 75 -6.55 4.95 -8.80
CA TYR A 75 -6.57 4.34 -7.47
C TYR A 75 -7.10 5.33 -6.44
N PHE A 76 -6.47 6.50 -6.36
CA PHE A 76 -6.89 7.52 -5.42
C PHE A 76 -6.68 8.92 -6.00
N LYS A 77 -7.00 9.94 -5.22
CA LYS A 77 -6.85 11.32 -5.66
C LYS A 77 -5.88 12.08 -4.76
N CYS A 78 -4.90 12.73 -5.37
CA CYS A 78 -3.90 13.49 -4.62
C CYS A 78 -3.30 14.60 -5.48
N ALA A 79 -2.30 15.29 -4.93
CA ALA A 79 -1.64 16.37 -5.65
C ALA A 79 -0.57 15.82 -6.60
N PRO A 80 -0.14 16.63 -7.57
CA PRO A 80 0.88 16.23 -8.55
C PRO A 80 2.26 16.10 -7.91
N LYS A 81 2.99 15.05 -8.30
CA LYS A 81 4.33 14.81 -7.77
C LYS A 81 4.28 14.59 -6.26
N TYR A 82 3.25 13.88 -5.81
CA TYR A 82 3.09 13.60 -4.39
C TYR A 82 2.75 12.13 -4.16
N GLY A 83 1.80 11.63 -4.93
CA GLY A 83 1.38 10.24 -4.81
C GLY A 83 2.42 9.28 -5.34
N ILE A 84 2.50 8.10 -4.74
CA ILE A 84 3.45 7.08 -5.16
C ILE A 84 3.02 5.69 -4.70
N PHE A 85 3.50 4.66 -5.40
CA PHE A 85 3.16 3.29 -5.07
C PHE A 85 4.40 2.51 -4.62
N ALA A 86 4.20 1.57 -3.70
CA ALA A 86 5.30 0.75 -3.19
C ALA A 86 4.79 -0.59 -2.69
N PRO A 87 5.69 -1.60 -2.63
CA PRO A 87 5.33 -2.95 -2.16
C PRO A 87 4.80 -2.94 -0.73
N LEU A 88 3.54 -3.33 -0.57
CA LEU A 88 2.91 -3.37 0.76
C LEU A 88 3.82 -4.09 1.74
N SER A 89 4.36 -5.22 1.29
CA SER A 89 5.26 -6.01 2.12
C SER A 89 6.44 -5.14 2.55
N LYS A 90 6.72 -4.10 1.76
CA LYS A 90 7.81 -3.19 2.08
C LYS A 90 7.30 -1.99 2.88
N ILE A 91 5.97 -1.86 2.98
CA ILE A 91 5.36 -0.76 3.71
C ILE A 91 4.81 -1.25 5.06
N SER A 92 5.13 -0.53 6.12
CA SER A 92 4.67 -0.88 7.45
C SER A 92 4.03 0.32 8.15
N LYS A 93 3.56 0.11 9.37
CA LYS A 93 2.93 1.17 10.15
C LYS A 93 3.98 2.13 10.71
N LEU A 94 3.57 3.37 10.97
CA LEU A 94 4.47 4.37 11.51
C LEU A 94 4.67 4.17 13.01
N LYS A 95 5.84 4.58 13.50
CA LYS A 95 6.16 4.45 14.92
C LYS A 95 7.02 5.60 15.40
N ASP A 96 6.58 6.27 16.46
CA ASP A 96 7.31 7.41 17.02
C ASP A 96 7.39 8.55 16.01
N SER A 97 7.11 9.76 16.49
CA SER A 97 7.14 10.95 15.64
C SER A 97 8.56 11.26 15.20
N GLY A 98 9.40 11.66 16.16
CA GLY A 98 10.78 11.99 15.85
C GLY A 98 11.06 13.48 15.97
N PRO A 99 11.58 13.93 17.12
CA PRO A 99 11.89 15.36 17.34
C PRO A 99 12.73 15.95 16.21
N SER A 100 13.06 17.22 16.34
CA SER A 100 13.87 17.91 15.33
C SER A 100 15.13 18.51 15.95
N SER A 101 15.72 17.78 16.89
CA SER A 101 16.93 18.23 17.56
C SER A 101 18.15 17.44 17.08
N GLY A 102 18.83 17.98 16.07
CA GLY A 102 20.00 17.31 15.54
C GLY A 102 19.66 16.34 14.43
N GLY A 1 -13.99 -12.88 -29.89
CA GLY A 1 -14.64 -11.99 -28.88
C GLY A 1 -14.35 -12.41 -27.46
N SER A 2 -14.49 -11.49 -26.52
CA SER A 2 -14.24 -11.77 -25.11
C SER A 2 -15.46 -11.42 -24.26
N SER A 3 -16.38 -12.37 -24.14
CA SER A 3 -17.58 -12.18 -23.35
C SER A 3 -18.31 -13.50 -23.11
N GLY A 4 -19.18 -13.52 -22.10
CA GLY A 4 -19.92 -14.73 -21.80
C GLY A 4 -20.45 -14.73 -20.37
N SER A 5 -20.57 -15.93 -19.80
CA SER A 5 -21.06 -16.06 -18.43
C SER A 5 -20.77 -17.46 -17.89
N SER A 6 -20.21 -17.50 -16.68
CA SER A 6 -19.87 -18.77 -16.04
C SER A 6 -18.90 -19.57 -16.90
N GLY A 7 -18.52 -20.75 -16.42
CA GLY A 7 -17.60 -21.59 -17.16
C GLY A 7 -16.16 -21.41 -16.71
N LEU A 8 -15.88 -20.27 -16.08
CA LEU A 8 -14.52 -19.99 -15.61
C LEU A 8 -14.41 -20.26 -14.10
N PRO A 9 -13.72 -21.36 -13.72
CA PRO A 9 -13.56 -21.72 -12.30
C PRO A 9 -12.99 -20.57 -11.48
N ASN A 10 -11.78 -20.12 -11.83
CA ASN A 10 -11.13 -19.03 -11.12
C ASN A 10 -10.90 -19.40 -9.65
N SER A 11 -10.46 -18.42 -8.87
CA SER A 11 -10.19 -18.65 -7.45
C SER A 11 -10.08 -17.33 -6.70
N ASP A 12 -10.82 -17.21 -5.59
CA ASP A 12 -10.81 -16.00 -4.79
C ASP A 12 -10.10 -16.25 -3.45
N HIS A 13 -9.47 -15.20 -2.93
CA HIS A 13 -8.76 -15.31 -1.66
C HIS A 13 -8.23 -13.95 -1.21
N THR A 14 -7.71 -13.18 -2.17
CA THR A 14 -7.18 -11.86 -1.88
C THR A 14 -5.93 -11.95 -1.01
N THR A 15 -4.99 -11.05 -1.23
CA THR A 15 -3.75 -11.03 -0.46
C THR A 15 -3.49 -9.64 0.13
N SER A 16 -4.57 -8.91 0.42
CA SER A 16 -4.44 -7.58 0.98
C SER A 16 -5.62 -7.27 1.91
N ARG A 17 -6.18 -8.31 2.52
CA ARG A 17 -7.31 -8.16 3.42
C ARG A 17 -6.95 -8.63 4.83
N ALA A 18 -6.23 -9.74 4.91
CA ALA A 18 -5.82 -10.30 6.19
C ALA A 18 -4.47 -9.73 6.63
N MET A 19 -3.63 -9.42 5.65
CA MET A 19 -2.30 -8.87 5.93
C MET A 19 -2.40 -7.56 6.72
N LEU A 20 -3.47 -6.81 6.46
CA LEU A 20 -3.70 -5.53 7.13
C LEU A 20 -4.06 -5.76 8.60
N THR A 21 -4.83 -6.81 8.86
CA THR A 21 -5.25 -7.13 10.22
C THR A 21 -4.11 -7.78 11.00
N SER A 22 -3.27 -8.53 10.30
CA SER A 22 -2.15 -9.21 10.92
C SER A 22 -1.08 -8.21 11.36
N LEU A 23 -0.83 -7.22 10.52
CA LEU A 23 0.16 -6.19 10.83
C LEU A 23 -0.45 -5.06 11.64
N GLY A 24 -1.73 -4.77 11.37
CA GLY A 24 -2.41 -3.71 12.08
C GLY A 24 -2.55 -2.44 11.26
N LEU A 25 -2.61 -2.61 9.94
CA LEU A 25 -2.74 -1.47 9.04
C LEU A 25 -4.17 -1.32 8.55
N LYS A 26 -4.49 -0.14 8.03
CA LYS A 26 -5.84 0.13 7.53
C LYS A 26 -5.87 1.44 6.74
N LEU A 27 -6.78 1.53 5.78
CA LEU A 27 -6.92 2.72 4.96
C LEU A 27 -7.24 3.93 5.81
N GLY A 28 -6.27 4.83 5.97
CA GLY A 28 -6.47 6.03 6.76
C GLY A 28 -5.33 6.28 7.74
N ASP A 29 -4.74 5.21 8.25
CA ASP A 29 -3.64 5.32 9.18
C ASP A 29 -2.35 5.75 8.47
N ARG A 30 -1.32 6.06 9.25
CA ARG A 30 -0.04 6.48 8.70
C ARG A 30 0.85 5.28 8.42
N VAL A 31 1.33 5.17 7.19
CA VAL A 31 2.20 4.07 6.80
C VAL A 31 3.58 4.58 6.42
N VAL A 32 4.56 3.69 6.45
CA VAL A 32 5.94 4.04 6.10
C VAL A 32 6.51 3.08 5.05
N ILE A 33 6.96 3.65 3.94
CA ILE A 33 7.54 2.85 2.86
C ILE A 33 8.96 2.43 3.18
N ALA A 34 9.17 1.13 3.36
CA ALA A 34 10.49 0.60 3.67
C ALA A 34 11.03 1.19 4.97
N GLY A 35 10.12 1.59 5.85
CA GLY A 35 10.53 2.17 7.12
C GLY A 35 11.41 3.37 6.96
N GLN A 36 11.16 4.15 5.91
CA GLN A 36 11.94 5.35 5.63
C GLN A 36 11.04 6.50 5.21
N LYS A 37 10.51 6.42 4.00
CA LYS A 37 9.62 7.46 3.48
C LYS A 37 8.33 7.52 4.28
N VAL A 38 7.78 8.73 4.40
CA VAL A 38 6.53 8.92 5.14
C VAL A 38 5.38 9.28 4.21
N GLY A 39 4.23 8.67 4.43
CA GLY A 39 3.07 8.94 3.59
C GLY A 39 1.80 8.34 4.16
N THR A 40 0.66 8.95 3.83
CA THR A 40 -0.63 8.47 4.30
C THR A 40 -1.17 7.38 3.38
N LEU A 41 -1.52 6.23 3.97
CA LEU A 41 -2.06 5.12 3.20
C LEU A 41 -3.43 5.46 2.62
N ARG A 42 -3.53 5.43 1.30
CA ARG A 42 -4.79 5.73 0.62
C ARG A 42 -5.35 4.50 -0.08
N PHE A 43 -4.45 3.68 -0.63
CA PHE A 43 -4.86 2.46 -1.33
C PHE A 43 -3.99 1.28 -0.92
N CYS A 44 -4.54 0.09 -1.01
CA CYS A 44 -3.81 -1.13 -0.66
C CYS A 44 -4.32 -2.32 -1.45
N GLY A 45 -3.41 -3.04 -2.09
CA GLY A 45 -3.79 -4.20 -2.87
C GLY A 45 -2.80 -4.50 -3.98
N THR A 46 -3.32 -4.82 -5.17
CA THR A 46 -2.47 -5.12 -6.31
C THR A 46 -2.71 -4.12 -7.44
N THR A 47 -1.65 -3.84 -8.20
CA THR A 47 -1.74 -2.90 -9.31
C THR A 47 -2.02 -3.64 -10.62
N GLU A 48 -2.09 -2.88 -11.71
CA GLU A 48 -2.34 -3.45 -13.03
C GLU A 48 -1.10 -3.38 -13.91
N PHE A 49 -0.29 -2.34 -13.70
CA PHE A 49 0.92 -2.16 -14.47
C PHE A 49 2.04 -3.06 -13.94
N ALA A 50 2.21 -3.07 -12.62
CA ALA A 50 3.25 -3.87 -11.99
C ALA A 50 2.67 -5.12 -11.36
N SER A 51 3.53 -6.03 -10.92
CA SER A 51 3.10 -7.27 -10.29
C SER A 51 3.48 -7.30 -8.81
N GLY A 52 2.97 -8.29 -8.09
CA GLY A 52 3.27 -8.40 -6.68
C GLY A 52 2.40 -7.51 -5.82
N GLN A 53 2.86 -7.23 -4.61
CA GLN A 53 2.11 -6.37 -3.69
C GLN A 53 2.35 -4.90 -4.01
N TRP A 54 1.35 -4.07 -3.73
CA TRP A 54 1.44 -2.63 -3.99
C TRP A 54 0.45 -1.87 -3.12
N ALA A 55 0.66 -0.56 -3.00
CA ALA A 55 -0.20 0.29 -2.20
C ALA A 55 -0.07 1.75 -2.61
N GLY A 56 -1.19 2.47 -2.62
CA GLY A 56 -1.16 3.87 -2.99
C GLY A 56 -1.05 4.79 -1.79
N ILE A 57 0.17 5.25 -1.51
CA ILE A 57 0.41 6.14 -0.38
C ILE A 57 0.71 7.56 -0.85
N GLU A 58 0.20 8.54 -0.11
CA GLU A 58 0.41 9.94 -0.46
C GLU A 58 1.46 10.58 0.45
N LEU A 59 2.66 10.78 -0.09
CA LEU A 59 3.74 11.38 0.68
C LEU A 59 3.38 12.78 1.15
N ASP A 60 3.96 13.20 2.26
CA ASP A 60 3.69 14.52 2.82
C ASP A 60 4.34 15.61 1.97
N GLU A 61 5.45 15.27 1.33
CA GLU A 61 6.18 16.22 0.48
C GLU A 61 6.23 15.73 -0.97
N PRO A 62 6.45 16.65 -1.92
CA PRO A 62 6.53 16.30 -3.34
C PRO A 62 7.66 15.32 -3.64
N GLU A 63 7.36 14.03 -3.50
CA GLU A 63 8.35 12.99 -3.76
C GLU A 63 7.70 11.76 -4.40
N GLY A 64 6.65 12.00 -5.18
CA GLY A 64 5.95 10.91 -5.85
C GLY A 64 6.03 11.01 -7.36
N LYS A 65 6.00 9.87 -8.02
CA LYS A 65 6.06 9.83 -9.48
C LYS A 65 4.68 9.59 -10.08
N ASN A 66 3.65 10.06 -9.39
CA ASN A 66 2.27 9.89 -9.85
C ASN A 66 1.36 10.95 -9.24
N ASN A 67 0.23 11.20 -9.90
CA ASN A 67 -0.73 12.19 -9.42
C ASN A 67 -2.03 11.53 -9.00
N GLY A 68 -1.92 10.30 -8.50
CA GLY A 68 -3.10 9.58 -8.06
C GLY A 68 -3.43 8.41 -8.97
N SER A 69 -3.07 8.54 -10.24
CA SER A 69 -3.33 7.49 -11.22
C SER A 69 -2.09 7.20 -12.05
N VAL A 70 -2.01 5.97 -12.57
CA VAL A 70 -0.86 5.57 -13.39
C VAL A 70 -1.33 4.98 -14.72
N GLY A 71 -1.23 5.77 -15.77
CA GLY A 71 -1.64 5.30 -17.10
C GLY A 71 -3.15 5.38 -17.29
N ARG A 72 -3.77 4.22 -17.49
CA ARG A 72 -5.22 4.15 -17.69
C ARG A 72 -5.90 3.51 -16.50
N VAL A 73 -5.31 3.69 -15.31
CA VAL A 73 -5.87 3.13 -14.09
C VAL A 73 -5.87 4.15 -12.96
N GLN A 74 -6.91 4.10 -12.13
CA GLN A 74 -7.03 5.03 -11.01
C GLN A 74 -7.03 4.29 -9.69
N TYR A 75 -6.47 4.91 -8.66
CA TYR A 75 -6.40 4.31 -7.33
C TYR A 75 -6.89 5.28 -6.26
N PHE A 76 -6.16 6.37 -6.09
CA PHE A 76 -6.51 7.38 -5.09
C PHE A 76 -6.25 8.78 -5.62
N LYS A 77 -6.95 9.77 -5.07
CA LYS A 77 -6.78 11.15 -5.49
C LYS A 77 -5.73 11.86 -4.66
N CYS A 78 -5.00 12.78 -5.27
CA CYS A 78 -3.96 13.54 -4.58
C CYS A 78 -3.36 14.59 -5.49
N ALA A 79 -2.32 15.27 -5.00
CA ALA A 79 -1.65 16.31 -5.77
C ALA A 79 -0.64 15.72 -6.75
N PRO A 80 -0.18 16.51 -7.72
CA PRO A 80 0.79 16.05 -8.72
C PRO A 80 2.18 15.84 -8.12
N LYS A 81 2.83 14.76 -8.52
CA LYS A 81 4.17 14.45 -8.02
C LYS A 81 4.14 14.22 -6.51
N TYR A 82 3.03 13.69 -6.01
CA TYR A 82 2.88 13.42 -4.59
C TYR A 82 2.52 11.95 -4.34
N GLY A 83 1.59 11.44 -5.15
CA GLY A 83 1.18 10.05 -5.00
C GLY A 83 2.22 9.09 -5.51
N ILE A 84 2.51 8.05 -4.72
CA ILE A 84 3.48 7.04 -5.10
C ILE A 84 3.02 5.65 -4.70
N PHE A 85 3.57 4.63 -5.37
CA PHE A 85 3.21 3.24 -5.09
C PHE A 85 4.43 2.45 -4.62
N ALA A 86 4.24 1.66 -3.57
CA ALA A 86 5.32 0.85 -3.03
C ALA A 86 4.81 -0.52 -2.58
N PRO A 87 5.65 -1.55 -2.64
CA PRO A 87 5.27 -2.91 -2.23
C PRO A 87 4.74 -2.97 -0.81
N LEU A 88 3.50 -3.42 -0.66
CA LEU A 88 2.87 -3.52 0.65
C LEU A 88 3.81 -4.22 1.62
N SER A 89 4.37 -5.33 1.16
CA SER A 89 5.31 -6.11 1.98
C SER A 89 6.47 -5.21 2.41
N LYS A 90 6.71 -4.15 1.64
CA LYS A 90 7.76 -3.20 1.96
C LYS A 90 7.21 -2.04 2.78
N ILE A 91 5.88 -1.94 2.85
CA ILE A 91 5.25 -0.87 3.61
C ILE A 91 4.73 -1.39 4.95
N SER A 92 5.03 -0.66 6.02
CA SER A 92 4.59 -1.04 7.36
C SER A 92 4.01 0.15 8.11
N LYS A 93 3.58 -0.08 9.34
CA LYS A 93 2.99 0.97 10.17
C LYS A 93 4.05 2.03 10.51
N LEU A 94 3.58 3.17 10.98
CA LEU A 94 4.48 4.26 11.34
C LEU A 94 4.72 4.30 12.85
N LYS A 95 5.98 4.21 13.25
CA LYS A 95 6.34 4.23 14.66
C LYS A 95 6.43 5.66 15.18
N ASP A 96 6.68 5.79 16.48
CA ASP A 96 6.79 7.10 17.10
C ASP A 96 5.49 7.90 16.95
N SER A 97 4.64 7.83 17.98
CA SER A 97 3.37 8.55 17.96
C SER A 97 3.51 9.95 18.56
N GLY A 98 2.47 10.75 18.41
CA GLY A 98 2.50 12.10 18.93
C GLY A 98 1.56 12.28 20.11
N PRO A 99 2.10 12.25 21.35
CA PRO A 99 1.29 12.41 22.57
C PRO A 99 0.78 13.84 22.74
N SER A 100 -0.03 14.29 21.78
CA SER A 100 -0.58 15.65 21.83
C SER A 100 0.52 16.69 21.97
N SER A 101 0.13 17.96 21.99
CA SER A 101 1.08 19.06 22.12
C SER A 101 0.69 19.98 23.27
N GLY A 102 0.96 19.54 24.49
CA GLY A 102 0.62 20.34 25.65
C GLY A 102 1.84 20.66 26.51
N GLY A 1 16.78 -13.82 11.37
CA GLY A 1 15.64 -14.42 10.62
C GLY A 1 16.04 -15.67 9.86
N SER A 2 15.44 -15.87 8.70
CA SER A 2 15.74 -17.03 7.87
C SER A 2 15.43 -16.76 6.41
N SER A 3 14.21 -16.27 6.15
CA SER A 3 13.78 -15.96 4.79
C SER A 3 14.34 -14.61 4.34
N GLY A 4 14.40 -13.66 5.27
CA GLY A 4 14.91 -12.34 4.95
C GLY A 4 13.80 -11.32 4.79
N SER A 5 12.63 -11.78 4.35
CA SER A 5 11.50 -10.90 4.14
C SER A 5 10.27 -11.43 4.87
N SER A 6 9.72 -12.54 4.38
CA SER A 6 8.54 -13.14 4.99
C SER A 6 8.64 -14.67 4.97
N GLY A 7 7.66 -15.33 5.56
CA GLY A 7 7.65 -16.78 5.60
C GLY A 7 6.28 -17.35 5.91
N LEU A 8 5.29 -16.98 5.10
CA LEU A 8 3.92 -17.46 5.29
C LEU A 8 3.37 -18.07 4.00
N PRO A 9 2.87 -19.32 4.06
CA PRO A 9 2.31 -19.99 2.88
C PRO A 9 1.25 -19.16 2.18
N ASN A 10 0.96 -19.51 0.93
CA ASN A 10 -0.04 -18.79 0.14
C ASN A 10 -0.79 -19.74 -0.78
N SER A 11 -2.03 -19.38 -1.10
CA SER A 11 -2.86 -20.21 -1.97
C SER A 11 -3.91 -19.36 -2.70
N ASP A 12 -3.55 -18.12 -2.99
CA ASP A 12 -4.45 -17.20 -3.68
C ASP A 12 -3.67 -16.15 -4.44
N HIS A 13 -4.38 -15.13 -4.93
CA HIS A 13 -3.76 -14.06 -5.69
C HIS A 13 -3.47 -12.85 -4.79
N THR A 14 -4.53 -12.25 -4.25
CA THR A 14 -4.39 -11.10 -3.38
C THR A 14 -4.47 -11.51 -1.91
N THR A 15 -4.38 -10.54 -1.02
CA THR A 15 -4.44 -10.80 0.42
C THR A 15 -4.45 -9.49 1.21
N SER A 16 -5.15 -8.50 0.69
CA SER A 16 -5.24 -7.20 1.34
C SER A 16 -5.91 -7.32 2.70
N ARG A 17 -6.77 -8.34 2.86
CA ARG A 17 -7.47 -8.56 4.11
C ARG A 17 -6.74 -9.59 4.97
N ALA A 18 -5.41 -9.52 4.98
CA ALA A 18 -4.60 -10.44 5.76
C ALA A 18 -3.37 -9.74 6.33
N MET A 19 -2.67 -8.99 5.48
CA MET A 19 -1.48 -8.27 5.91
C MET A 19 -1.85 -7.10 6.82
N LEU A 20 -3.01 -6.51 6.57
CA LEU A 20 -3.47 -5.38 7.37
C LEU A 20 -3.83 -5.81 8.78
N THR A 21 -4.35 -7.03 8.91
CA THR A 21 -4.73 -7.57 10.21
C THR A 21 -3.51 -8.01 11.00
N SER A 22 -2.50 -8.53 10.30
CA SER A 22 -1.27 -8.98 10.93
C SER A 22 -0.46 -7.80 11.44
N LEU A 23 -0.28 -6.80 10.59
CA LEU A 23 0.48 -5.61 10.96
C LEU A 23 -0.37 -4.63 11.76
N GLY A 24 -1.66 -4.56 11.41
CA GLY A 24 -2.56 -3.66 12.10
C GLY A 24 -2.71 -2.32 11.39
N LEU A 25 -2.79 -2.37 10.06
CA LEU A 25 -2.93 -1.15 9.27
C LEU A 25 -4.36 -1.01 8.75
N LYS A 26 -4.62 0.08 8.03
CA LYS A 26 -5.93 0.33 7.48
C LYS A 26 -5.93 1.60 6.63
N LEU A 27 -6.91 1.71 5.74
CA LEU A 27 -7.02 2.87 4.85
C LEU A 27 -7.27 4.14 5.66
N GLY A 28 -6.40 5.13 5.48
CA GLY A 28 -6.55 6.38 6.20
C GLY A 28 -5.61 6.48 7.39
N ASP A 29 -4.48 5.80 7.31
CA ASP A 29 -3.50 5.81 8.38
C ASP A 29 -2.12 6.25 7.88
N ARG A 30 -1.20 6.48 8.80
CA ARG A 30 0.15 6.91 8.44
C ARG A 30 1.08 5.70 8.35
N VAL A 31 1.44 5.34 7.12
CA VAL A 31 2.33 4.20 6.89
C VAL A 31 3.76 4.67 6.62
N VAL A 32 4.66 3.72 6.40
CA VAL A 32 6.05 4.04 6.12
C VAL A 32 6.66 3.04 5.13
N ILE A 33 7.12 3.54 3.99
CA ILE A 33 7.72 2.69 2.97
C ILE A 33 9.13 2.28 3.37
N ALA A 34 9.33 0.98 3.56
CA ALA A 34 10.63 0.45 3.95
C ALA A 34 11.11 1.05 5.26
N GLY A 35 10.16 1.45 6.11
CA GLY A 35 10.51 2.04 7.39
C GLY A 35 11.38 3.27 7.25
N GLN A 36 11.19 4.01 6.16
CA GLN A 36 11.97 5.21 5.92
C GLN A 36 11.07 6.37 5.47
N LYS A 37 10.51 6.23 4.28
CA LYS A 37 9.62 7.26 3.73
C LYS A 37 8.33 7.35 4.54
N VAL A 38 7.85 8.58 4.73
CA VAL A 38 6.63 8.80 5.48
C VAL A 38 5.48 9.23 4.56
N GLY A 39 4.33 8.60 4.72
CA GLY A 39 3.19 8.94 3.90
C GLY A 39 1.88 8.43 4.48
N THR A 40 0.79 8.65 3.76
CA THR A 40 -0.53 8.20 4.21
C THR A 40 -1.10 7.15 3.27
N LEU A 41 -1.25 5.93 3.77
CA LEU A 41 -1.80 4.83 2.98
C LEU A 41 -3.21 5.15 2.51
N ARG A 42 -3.43 5.03 1.20
CA ARG A 42 -4.74 5.29 0.62
C ARG A 42 -5.34 4.03 0.02
N PHE A 43 -4.53 3.33 -0.78
CA PHE A 43 -4.98 2.10 -1.43
C PHE A 43 -4.00 0.96 -1.16
N CYS A 44 -4.52 -0.26 -1.12
CA CYS A 44 -3.70 -1.44 -0.87
C CYS A 44 -4.18 -2.63 -1.70
N GLY A 45 -3.23 -3.45 -2.14
CA GLY A 45 -3.57 -4.61 -2.93
C GLY A 45 -2.70 -4.75 -4.16
N THR A 46 -3.26 -5.31 -5.23
CA THR A 46 -2.51 -5.51 -6.47
C THR A 46 -2.71 -4.32 -7.41
N THR A 47 -1.73 -4.10 -8.28
CA THR A 47 -1.80 -3.00 -9.24
C THR A 47 -2.09 -3.51 -10.65
N GLU A 48 -2.15 -2.60 -11.60
CA GLU A 48 -2.43 -2.97 -12.99
C GLU A 48 -1.24 -2.62 -13.89
N PHE A 49 -0.04 -2.70 -13.33
CA PHE A 49 1.17 -2.40 -14.08
C PHE A 49 2.36 -3.21 -13.54
N ALA A 50 2.52 -3.20 -12.23
CA ALA A 50 3.60 -3.93 -11.58
C ALA A 50 3.10 -5.21 -10.92
N SER A 51 3.74 -6.33 -11.23
CA SER A 51 3.35 -7.61 -10.66
C SER A 51 3.75 -7.70 -9.20
N GLY A 52 2.77 -7.99 -8.35
CA GLY A 52 3.03 -8.09 -6.93
C GLY A 52 2.06 -7.27 -6.09
N GLN A 53 2.31 -7.19 -4.79
CA GLN A 53 1.45 -6.43 -3.89
C GLN A 53 1.95 -5.01 -3.74
N TRP A 54 1.07 -4.04 -4.01
CA TRP A 54 1.42 -2.63 -3.91
C TRP A 54 0.36 -1.87 -3.11
N ALA A 55 0.62 -0.59 -2.88
CA ALA A 55 -0.31 0.26 -2.13
C ALA A 55 -0.07 1.73 -2.43
N GLY A 56 -1.15 2.46 -2.69
CA GLY A 56 -1.03 3.88 -2.99
C GLY A 56 -0.81 4.71 -1.74
N ILE A 57 0.29 5.46 -1.72
CA ILE A 57 0.61 6.30 -0.57
C ILE A 57 0.84 7.74 -1.01
N GLU A 58 0.34 8.68 -0.21
CA GLU A 58 0.51 10.10 -0.52
C GLU A 58 1.49 10.76 0.46
N LEU A 59 2.66 11.14 -0.07
CA LEU A 59 3.68 11.77 0.76
C LEU A 59 3.22 13.14 1.25
N ASP A 60 3.70 13.53 2.41
CA ASP A 60 3.33 14.82 3.00
C ASP A 60 3.97 15.97 2.22
N GLU A 61 5.15 15.72 1.67
CA GLU A 61 5.87 16.73 0.90
C GLU A 61 5.99 16.31 -0.57
N PRO A 62 6.17 17.29 -1.48
CA PRO A 62 6.31 17.01 -2.91
C PRO A 62 7.57 16.22 -3.23
N GLU A 63 7.44 14.89 -3.24
CA GLU A 63 8.58 14.02 -3.52
C GLU A 63 8.11 12.72 -4.17
N GLY A 64 7.01 12.81 -4.92
CA GLY A 64 6.48 11.63 -5.59
C GLY A 64 6.56 11.73 -7.10
N LYS A 65 5.99 10.75 -7.79
CA LYS A 65 5.99 10.73 -9.25
C LYS A 65 4.64 10.28 -9.80
N ASN A 66 3.58 10.55 -9.05
CA ASN A 66 2.24 10.17 -9.46
C ASN A 66 1.21 11.19 -8.98
N ASN A 67 0.08 11.25 -9.68
CA ASN A 67 -0.98 12.18 -9.32
C ASN A 67 -2.23 11.44 -8.88
N GLY A 68 -2.04 10.28 -8.27
CA GLY A 68 -3.16 9.48 -7.80
C GLY A 68 -3.49 8.33 -8.72
N SER A 69 -3.33 8.55 -10.02
CA SER A 69 -3.61 7.52 -11.01
C SER A 69 -2.33 7.10 -11.74
N VAL A 70 -2.36 5.91 -12.34
CA VAL A 70 -1.21 5.40 -13.06
C VAL A 70 -1.61 4.85 -14.42
N GLY A 71 -1.15 5.50 -15.49
CA GLY A 71 -1.48 5.06 -16.82
C GLY A 71 -2.96 5.21 -17.14
N ARG A 72 -3.59 4.10 -17.54
CA ARG A 72 -5.01 4.12 -17.87
C ARG A 72 -5.84 3.55 -16.72
N VAL A 73 -5.35 3.72 -15.50
CA VAL A 73 -6.05 3.23 -14.32
C VAL A 73 -5.95 4.22 -13.16
N GLN A 74 -7.05 4.41 -12.45
CA GLN A 74 -7.09 5.32 -11.32
C GLN A 74 -7.17 4.57 -10.00
N TYR A 75 -6.44 5.05 -9.00
CA TYR A 75 -6.44 4.41 -7.69
C TYR A 75 -6.92 5.38 -6.62
N PHE A 76 -6.18 6.47 -6.41
CA PHE A 76 -6.53 7.46 -5.41
C PHE A 76 -6.36 8.87 -5.98
N LYS A 77 -6.71 9.87 -5.17
CA LYS A 77 -6.59 11.27 -5.59
C LYS A 77 -5.49 11.97 -4.80
N CYS A 78 -4.76 12.86 -5.48
CA CYS A 78 -3.69 13.60 -4.84
C CYS A 78 -3.06 14.60 -5.82
N ALA A 79 -2.22 15.48 -5.30
CA ALA A 79 -1.55 16.48 -6.13
C ALA A 79 -0.45 15.84 -6.97
N PRO A 80 0.04 16.57 -7.99
CA PRO A 80 1.09 16.07 -8.88
C PRO A 80 2.44 15.97 -8.17
N LYS A 81 3.20 14.94 -8.51
CA LYS A 81 4.51 14.73 -7.91
C LYS A 81 4.40 14.52 -6.40
N TYR A 82 3.29 13.93 -5.98
CA TYR A 82 3.05 13.67 -4.56
C TYR A 82 2.73 12.20 -4.32
N GLY A 83 1.86 11.65 -5.15
CA GLY A 83 1.47 10.26 -5.01
C GLY A 83 2.59 9.31 -5.42
N ILE A 84 2.60 8.12 -4.84
CA ILE A 84 3.61 7.12 -5.13
C ILE A 84 3.14 5.73 -4.73
N PHE A 85 3.60 4.72 -5.46
CA PHE A 85 3.22 3.34 -5.19
C PHE A 85 4.42 2.53 -4.69
N ALA A 86 4.23 1.85 -3.56
CA ALA A 86 5.30 1.05 -2.97
C ALA A 86 4.77 -0.32 -2.54
N PRO A 87 5.64 -1.35 -2.54
CA PRO A 87 5.25 -2.72 -2.16
C PRO A 87 4.69 -2.78 -0.75
N LEU A 88 3.40 -3.15 -0.65
CA LEU A 88 2.74 -3.26 0.64
C LEU A 88 3.61 -4.03 1.62
N SER A 89 4.13 -5.16 1.14
CA SER A 89 5.00 -5.99 1.95
C SER A 89 6.17 -5.17 2.48
N LYS A 90 6.50 -4.10 1.76
CA LYS A 90 7.58 -3.21 2.15
C LYS A 90 7.05 -2.05 2.99
N ILE A 91 5.73 -1.86 2.98
CA ILE A 91 5.10 -0.79 3.73
C ILE A 91 4.60 -1.28 5.08
N SER A 92 4.82 -0.48 6.12
CA SER A 92 4.38 -0.84 7.46
C SER A 92 3.79 0.37 8.19
N LYS A 93 3.36 0.16 9.43
CA LYS A 93 2.78 1.23 10.22
C LYS A 93 3.87 2.16 10.76
N LEU A 94 3.54 3.44 10.89
CA LEU A 94 4.48 4.43 11.40
C LEU A 94 4.66 4.29 12.90
N LYS A 95 5.91 4.40 13.34
CA LYS A 95 6.23 4.28 14.76
C LYS A 95 6.03 5.62 15.48
N ASP A 96 4.84 5.81 16.04
CA ASP A 96 4.52 7.04 16.75
C ASP A 96 4.63 6.85 18.25
N SER A 97 4.06 5.75 18.75
CA SER A 97 4.09 5.45 20.18
C SER A 97 3.74 3.98 20.43
N GLY A 98 4.13 3.48 21.59
CA GLY A 98 3.84 2.10 21.93
C GLY A 98 4.48 1.68 23.25
N PRO A 99 4.03 2.26 24.37
CA PRO A 99 4.57 1.93 25.70
C PRO A 99 4.21 0.52 26.14
N SER A 100 3.07 0.02 25.65
CA SER A 100 2.62 -1.32 25.99
C SER A 100 3.29 -2.37 25.12
N SER A 101 4.57 -2.62 25.39
CA SER A 101 5.33 -3.60 24.62
C SER A 101 5.42 -4.93 25.38
N GLY A 102 6.17 -5.87 24.81
CA GLY A 102 6.33 -7.16 25.45
C GLY A 102 7.09 -8.14 24.58
N GLY A 1 -13.19 -37.66 -0.84
CA GLY A 1 -13.44 -37.64 -2.31
C GLY A 1 -12.18 -37.32 -3.11
N SER A 2 -12.20 -37.69 -4.39
CA SER A 2 -11.05 -37.45 -5.26
C SER A 2 -11.43 -37.65 -6.72
N SER A 3 -10.53 -37.27 -7.62
CA SER A 3 -10.77 -37.41 -9.05
C SER A 3 -9.87 -38.50 -9.65
N GLY A 4 -8.65 -38.60 -9.13
CA GLY A 4 -7.72 -39.59 -9.63
C GLY A 4 -6.27 -39.25 -9.31
N SER A 5 -5.85 -38.06 -9.74
CA SER A 5 -4.48 -37.61 -9.51
C SER A 5 -4.47 -36.26 -8.79
N SER A 6 -3.27 -35.74 -8.54
CA SER A 6 -3.13 -34.45 -7.87
C SER A 6 -1.87 -33.73 -8.34
N GLY A 7 -1.87 -32.41 -8.22
CA GLY A 7 -0.72 -31.63 -8.64
C GLY A 7 -0.90 -30.14 -8.38
N LEU A 8 -1.25 -29.40 -9.43
CA LEU A 8 -1.46 -27.96 -9.31
C LEU A 8 -2.08 -27.40 -10.58
N PRO A 9 -3.39 -27.62 -10.78
CA PRO A 9 -4.10 -27.13 -11.97
C PRO A 9 -4.29 -25.61 -11.94
N ASN A 10 -4.70 -25.09 -10.79
CA ASN A 10 -4.92 -23.66 -10.64
C ASN A 10 -4.58 -23.21 -9.21
N SER A 11 -4.10 -21.98 -9.09
CA SER A 11 -3.75 -21.44 -7.78
C SER A 11 -3.92 -19.92 -7.77
N ASP A 12 -4.55 -19.42 -6.71
CA ASP A 12 -4.79 -17.99 -6.57
C ASP A 12 -3.91 -17.39 -5.47
N HIS A 13 -2.64 -17.15 -5.81
CA HIS A 13 -1.69 -16.59 -4.86
C HIS A 13 -2.02 -15.13 -4.55
N THR A 14 -2.83 -14.91 -3.51
CA THR A 14 -3.22 -13.57 -3.12
C THR A 14 -3.17 -13.41 -1.60
N THR A 15 -2.99 -12.17 -1.15
CA THR A 15 -2.92 -11.88 0.28
C THR A 15 -3.13 -10.40 0.54
N SER A 16 -4.11 -9.82 -0.13
CA SER A 16 -4.42 -8.40 0.03
C SER A 16 -5.20 -8.15 1.33
N ARG A 17 -6.08 -9.08 1.66
CA ARG A 17 -6.90 -8.97 2.87
C ARG A 17 -6.30 -9.79 4.00
N ALA A 18 -4.97 -9.92 4.02
CA ALA A 18 -4.28 -10.68 5.05
C ALA A 18 -3.14 -9.87 5.66
N MET A 19 -2.35 -9.23 4.81
CA MET A 19 -1.23 -8.43 5.26
C MET A 19 -1.70 -7.29 6.17
N LEU A 20 -2.78 -6.63 5.76
CA LEU A 20 -3.34 -5.53 6.54
C LEU A 20 -3.75 -5.99 7.93
N THR A 21 -4.29 -7.20 8.01
CA THR A 21 -4.73 -7.76 9.29
C THR A 21 -3.53 -8.22 10.11
N SER A 22 -2.58 -8.87 9.45
CA SER A 22 -1.38 -9.38 10.12
C SER A 22 -0.56 -8.22 10.69
N LEU A 23 -0.29 -7.23 9.87
CA LEU A 23 0.48 -6.06 10.29
C LEU A 23 -0.38 -5.10 11.09
N GLY A 24 -1.67 -5.05 10.77
CA GLY A 24 -2.59 -4.17 11.46
C GLY A 24 -2.72 -2.82 10.80
N LEU A 25 -2.68 -2.82 9.45
CA LEU A 25 -2.80 -1.59 8.69
C LEU A 25 -4.22 -1.41 8.15
N LYS A 26 -4.58 -0.18 7.84
CA LYS A 26 -5.91 0.12 7.31
C LYS A 26 -5.86 1.32 6.38
N LEU A 27 -6.94 1.51 5.61
CA LEU A 27 -7.02 2.61 4.67
C LEU A 27 -7.14 3.95 5.40
N GLY A 28 -6.17 4.82 5.21
CA GLY A 28 -6.19 6.12 5.85
C GLY A 28 -5.10 6.25 6.91
N ASP A 29 -4.73 5.14 7.52
CA ASP A 29 -3.70 5.14 8.55
C ASP A 29 -2.34 5.49 7.95
N ARG A 30 -1.49 6.13 8.76
CA ARG A 30 -0.16 6.52 8.31
C ARG A 30 0.76 5.31 8.20
N VAL A 31 1.41 5.17 7.05
CA VAL A 31 2.32 4.05 6.83
C VAL A 31 3.73 4.54 6.50
N VAL A 32 4.68 3.63 6.49
CA VAL A 32 6.07 3.97 6.18
C VAL A 32 6.67 2.99 5.17
N ILE A 33 7.05 3.53 4.01
CA ILE A 33 7.64 2.70 2.96
C ILE A 33 9.07 2.30 3.32
N ALA A 34 9.30 1.00 3.44
CA ALA A 34 10.62 0.49 3.77
C ALA A 34 11.11 1.04 5.11
N GLY A 35 10.16 1.37 5.98
CA GLY A 35 10.50 1.90 7.29
C GLY A 35 11.39 3.14 7.21
N GLN A 36 11.16 3.95 6.18
CA GLN A 36 11.94 5.16 5.98
C GLN A 36 11.05 6.32 5.55
N LYS A 37 10.58 6.27 4.31
CA LYS A 37 9.70 7.31 3.78
C LYS A 37 8.42 7.41 4.59
N VAL A 38 7.82 8.60 4.59
CA VAL A 38 6.58 8.83 5.33
C VAL A 38 5.46 9.26 4.39
N GLY A 39 4.25 8.76 4.66
CA GLY A 39 3.11 9.11 3.83
C GLY A 39 1.81 8.54 4.36
N THR A 40 0.69 9.00 3.80
CA THR A 40 -0.62 8.53 4.23
C THR A 40 -1.16 7.48 3.27
N LEU A 41 -1.45 6.29 3.80
CA LEU A 41 -1.97 5.19 3.00
C LEU A 41 -3.34 5.56 2.40
N ARG A 42 -3.45 5.46 1.09
CA ARG A 42 -4.70 5.77 0.40
C ARG A 42 -5.30 4.52 -0.23
N PHE A 43 -4.44 3.67 -0.79
CA PHE A 43 -4.90 2.43 -1.43
C PHE A 43 -3.98 1.27 -1.07
N CYS A 44 -4.51 0.05 -1.17
CA CYS A 44 -3.74 -1.14 -0.85
C CYS A 44 -4.27 -2.35 -1.62
N GLY A 45 -3.37 -3.13 -2.18
CA GLY A 45 -3.76 -4.31 -2.94
C GLY A 45 -3.03 -4.42 -4.26
N THR A 46 -3.45 -5.37 -5.08
CA THR A 46 -2.84 -5.58 -6.39
C THR A 46 -3.12 -4.41 -7.32
N THR A 47 -2.24 -4.22 -8.29
CA THR A 47 -2.39 -3.13 -9.25
C THR A 47 -2.68 -3.67 -10.65
N GLU A 48 -2.90 -2.75 -11.60
CA GLU A 48 -3.20 -3.14 -12.98
C GLU A 48 -2.02 -2.82 -13.89
N PHE A 49 -0.81 -2.89 -13.34
CA PHE A 49 0.40 -2.60 -14.11
C PHE A 49 1.59 -3.37 -13.55
N ALA A 50 1.73 -3.34 -12.22
CA ALA A 50 2.84 -4.04 -11.57
C ALA A 50 2.33 -5.24 -10.77
N SER A 51 3.13 -6.30 -10.74
CA SER A 51 2.76 -7.51 -10.00
C SER A 51 3.30 -7.46 -8.58
N GLY A 52 2.65 -8.20 -7.69
CA GLY A 52 3.08 -8.24 -6.30
C GLY A 52 2.21 -7.36 -5.40
N GLN A 53 2.49 -7.40 -4.11
CA GLN A 53 1.73 -6.60 -3.15
C GLN A 53 2.11 -5.13 -3.23
N TRP A 54 1.19 -4.31 -3.73
CA TRP A 54 1.43 -2.88 -3.87
C TRP A 54 0.48 -2.08 -2.99
N ALA A 55 0.81 -0.81 -2.77
CA ALA A 55 -0.02 0.06 -1.95
C ALA A 55 0.17 1.53 -2.34
N GLY A 56 -0.93 2.28 -2.37
CA GLY A 56 -0.86 3.67 -2.72
C GLY A 56 -0.79 4.58 -1.51
N ILE A 57 0.25 5.40 -1.43
CA ILE A 57 0.43 6.32 -0.31
C ILE A 57 0.65 7.75 -0.80
N GLU A 58 0.00 8.70 -0.13
CA GLU A 58 0.13 10.10 -0.50
C GLU A 58 1.13 10.82 0.40
N LEU A 59 2.29 11.14 -0.17
CA LEU A 59 3.35 11.83 0.57
C LEU A 59 2.92 13.25 0.92
N ASP A 60 3.42 13.74 2.05
CA ASP A 60 3.10 15.09 2.50
C ASP A 60 3.83 16.14 1.66
N GLU A 61 5.03 15.80 1.21
CA GLU A 61 5.83 16.70 0.40
C GLU A 61 5.91 16.21 -1.05
N PRO A 62 6.16 17.12 -2.00
CA PRO A 62 6.27 16.77 -3.42
C PRO A 62 7.53 15.98 -3.73
N GLU A 63 7.44 14.66 -3.61
CA GLU A 63 8.57 13.79 -3.89
C GLU A 63 8.11 12.42 -4.37
N GLY A 64 6.97 12.39 -5.05
CA GLY A 64 6.43 11.14 -5.57
C GLY A 64 6.58 11.01 -7.07
N LYS A 65 6.36 9.81 -7.57
CA LYS A 65 6.47 9.55 -9.01
C LYS A 65 5.10 9.32 -9.63
N ASN A 66 4.08 9.95 -9.05
CA ASN A 66 2.72 9.82 -9.55
C ASN A 66 1.83 10.93 -8.99
N ASN A 67 0.59 10.98 -9.47
CA ASN A 67 -0.36 11.98 -9.02
C ASN A 67 -1.70 11.35 -8.67
N GLY A 68 -1.66 10.11 -8.18
CA GLY A 68 -2.87 9.41 -7.81
C GLY A 68 -3.18 8.26 -8.75
N SER A 69 -3.02 8.48 -10.05
CA SER A 69 -3.28 7.45 -11.05
C SER A 69 -2.00 7.05 -11.76
N VAL A 70 -1.92 5.78 -12.16
CA VAL A 70 -0.75 5.28 -12.86
C VAL A 70 -1.13 4.73 -14.23
N GLY A 71 -0.89 5.54 -15.27
CA GLY A 71 -1.21 5.11 -16.62
C GLY A 71 -2.67 5.28 -16.94
N ARG A 72 -3.35 4.16 -17.21
CA ARG A 72 -4.77 4.18 -17.53
C ARG A 72 -5.60 3.59 -16.40
N VAL A 73 -5.11 3.73 -15.17
CA VAL A 73 -5.81 3.21 -14.00
C VAL A 73 -5.81 4.22 -12.86
N GLN A 74 -6.96 4.38 -12.22
CA GLN A 74 -7.09 5.32 -11.11
C GLN A 74 -7.24 4.58 -9.78
N TYR A 75 -6.74 5.19 -8.72
CA TYR A 75 -6.80 4.59 -7.39
C TYR A 75 -7.21 5.63 -6.35
N PHE A 76 -6.33 6.58 -6.09
CA PHE A 76 -6.59 7.63 -5.11
C PHE A 76 -6.25 9.00 -5.68
N LYS A 77 -7.13 9.97 -5.46
CA LYS A 77 -6.92 11.33 -5.95
C LYS A 77 -5.99 12.11 -5.03
N CYS A 78 -4.96 12.71 -5.60
CA CYS A 78 -3.99 13.48 -4.83
C CYS A 78 -3.36 14.57 -5.69
N ALA A 79 -2.36 15.25 -5.13
CA ALA A 79 -1.67 16.32 -5.86
C ALA A 79 -0.55 15.76 -6.72
N PRO A 80 -0.07 16.55 -7.70
CA PRO A 80 1.00 16.12 -8.60
C PRO A 80 2.33 15.93 -7.87
N LYS A 81 3.03 14.85 -8.20
CA LYS A 81 4.32 14.56 -7.58
C LYS A 81 4.18 14.37 -6.07
N TYR A 82 3.00 13.90 -5.64
CA TYR A 82 2.75 13.69 -4.23
C TYR A 82 2.42 12.22 -3.96
N GLY A 83 1.71 11.59 -4.89
CA GLY A 83 1.34 10.20 -4.72
C GLY A 83 2.42 9.25 -5.21
N ILE A 84 2.44 8.04 -4.66
CA ILE A 84 3.42 7.04 -5.05
C ILE A 84 2.90 5.63 -4.80
N PHE A 85 3.49 4.66 -5.49
CA PHE A 85 3.08 3.27 -5.34
C PHE A 85 4.27 2.38 -5.03
N ALA A 86 4.36 1.94 -3.77
CA ALA A 86 5.46 1.08 -3.33
C ALA A 86 4.93 -0.28 -2.89
N PRO A 87 5.81 -1.30 -2.87
CA PRO A 87 5.42 -2.67 -2.47
C PRO A 87 4.87 -2.71 -1.05
N LEU A 88 3.59 -3.05 -0.94
CA LEU A 88 2.93 -3.13 0.37
C LEU A 88 3.78 -3.95 1.33
N SER A 89 4.29 -5.07 0.83
CA SER A 89 5.14 -5.95 1.62
C SER A 89 6.34 -5.16 2.13
N LYS A 90 6.68 -4.09 1.42
CA LYS A 90 7.80 -3.24 1.81
C LYS A 90 7.31 -2.06 2.65
N ILE A 91 5.99 -1.86 2.68
CA ILE A 91 5.41 -0.76 3.45
C ILE A 91 4.73 -1.27 4.71
N SER A 92 5.16 -0.74 5.85
CA SER A 92 4.59 -1.14 7.13
C SER A 92 4.00 0.06 7.88
N LYS A 93 3.46 -0.20 9.06
CA LYS A 93 2.86 0.86 9.87
C LYS A 93 3.91 1.88 10.30
N LEU A 94 3.50 3.13 10.43
CA LEU A 94 4.40 4.19 10.83
C LEU A 94 4.93 3.96 12.24
N LYS A 95 6.15 4.41 12.51
CA LYS A 95 6.76 4.26 13.82
C LYS A 95 6.21 5.27 14.81
N ASP A 96 6.15 4.89 16.08
CA ASP A 96 5.64 5.76 17.12
C ASP A 96 6.64 6.87 17.45
N SER A 97 6.15 8.11 17.50
CA SER A 97 7.00 9.25 17.80
C SER A 97 8.06 9.45 16.73
N GLY A 98 8.31 10.70 16.37
CA GLY A 98 9.30 11.00 15.35
C GLY A 98 9.18 12.42 14.82
N PRO A 99 9.47 13.43 15.66
CA PRO A 99 9.39 14.84 15.25
C PRO A 99 10.28 15.14 14.05
N SER A 100 9.99 16.25 13.37
CA SER A 100 10.75 16.66 12.20
C SER A 100 10.90 18.17 12.15
N SER A 101 12.14 18.65 12.13
CA SER A 101 12.41 20.08 12.08
C SER A 101 13.29 20.42 10.89
N GLY A 102 12.71 21.11 9.91
CA GLY A 102 13.46 21.48 8.73
C GLY A 102 12.72 22.49 7.86
N GLY A 1 11.82 -26.92 6.40
CA GLY A 1 10.92 -27.95 6.98
C GLY A 1 11.11 -29.32 6.37
N SER A 2 10.22 -30.24 6.69
CA SER A 2 10.30 -31.60 6.16
C SER A 2 9.27 -31.81 5.04
N SER A 3 9.32 -32.98 4.42
CA SER A 3 8.41 -33.30 3.33
C SER A 3 7.75 -34.66 3.56
N GLY A 4 8.56 -35.71 3.58
CA GLY A 4 8.04 -37.05 3.79
C GLY A 4 7.62 -37.72 2.50
N SER A 5 6.33 -38.04 2.39
CA SER A 5 5.79 -38.68 1.20
C SER A 5 4.93 -37.71 0.40
N SER A 6 4.28 -36.78 1.10
CA SER A 6 3.42 -35.80 0.44
C SER A 6 3.71 -34.40 0.96
N GLY A 7 3.62 -33.41 0.08
CA GLY A 7 3.87 -32.04 0.47
C GLY A 7 2.60 -31.25 0.70
N LEU A 8 2.70 -30.18 1.48
CA LEU A 8 1.54 -29.34 1.78
C LEU A 8 1.26 -28.37 0.63
N PRO A 9 0.12 -28.54 -0.08
CA PRO A 9 -0.24 -27.66 -1.20
C PRO A 9 -0.24 -26.19 -0.80
N ASN A 10 -0.71 -25.34 -1.71
CA ASN A 10 -0.77 -23.90 -1.45
C ASN A 10 -1.60 -23.20 -2.52
N SER A 11 -2.58 -22.40 -2.07
CA SER A 11 -3.45 -21.67 -2.98
C SER A 11 -3.30 -20.17 -2.77
N ASP A 12 -3.55 -19.40 -3.82
CA ASP A 12 -3.45 -17.94 -3.76
C ASP A 12 -4.32 -17.29 -4.83
N HIS A 13 -5.39 -16.65 -4.39
CA HIS A 13 -6.31 -15.98 -5.31
C HIS A 13 -6.61 -14.56 -4.84
N THR A 14 -6.93 -14.43 -3.57
CA THR A 14 -7.24 -13.12 -2.99
C THR A 14 -6.61 -12.97 -1.61
N THR A 15 -5.79 -11.94 -1.45
CA THR A 15 -5.12 -11.68 -0.19
C THR A 15 -5.24 -10.21 0.21
N SER A 16 -6.37 -9.61 -0.13
CA SER A 16 -6.62 -8.21 0.19
C SER A 16 -7.48 -8.08 1.45
N ARG A 17 -7.41 -9.08 2.31
CA ARG A 17 -8.18 -9.08 3.55
C ARG A 17 -7.44 -9.84 4.65
N ALA A 18 -6.11 -9.86 4.58
CA ALA A 18 -5.29 -10.55 5.57
C ALA A 18 -4.06 -9.74 5.91
N MET A 19 -3.39 -9.21 4.89
CA MET A 19 -2.18 -8.42 5.09
C MET A 19 -2.46 -7.24 6.01
N LEU A 20 -3.61 -6.60 5.83
CA LEU A 20 -3.99 -5.45 6.65
C LEU A 20 -4.23 -5.87 8.09
N THR A 21 -4.74 -7.09 8.28
CA THR A 21 -5.02 -7.61 9.61
C THR A 21 -3.73 -8.10 10.28
N SER A 22 -2.88 -8.75 9.50
CA SER A 22 -1.62 -9.28 10.00
C SER A 22 -0.61 -8.15 10.23
N LEU A 23 -0.44 -7.30 9.22
CA LEU A 23 0.49 -6.19 9.31
C LEU A 23 0.07 -5.23 10.42
N GLY A 24 -1.23 -5.07 10.61
CA GLY A 24 -1.73 -4.18 11.64
C GLY A 24 -1.93 -2.77 11.14
N LEU A 25 -2.22 -2.63 9.85
CA LEU A 25 -2.44 -1.33 9.24
C LEU A 25 -3.93 -1.03 9.10
N LYS A 26 -4.25 0.12 8.52
CA LYS A 26 -5.64 0.51 8.33
C LYS A 26 -5.75 1.66 7.32
N LEU A 27 -6.84 1.69 6.58
CA LEU A 27 -7.07 2.74 5.59
C LEU A 27 -7.26 4.09 6.27
N GLY A 28 -6.21 4.91 6.25
CA GLY A 28 -6.28 6.23 6.86
C GLY A 28 -5.11 6.50 7.80
N ASP A 29 -4.61 5.44 8.42
CA ASP A 29 -3.50 5.57 9.35
C ASP A 29 -2.24 6.04 8.62
N ARG A 30 -1.16 6.24 9.38
CA ARG A 30 0.11 6.68 8.81
C ARG A 30 1.02 5.49 8.53
N VAL A 31 1.52 5.41 7.30
CA VAL A 31 2.40 4.32 6.90
C VAL A 31 3.76 4.84 6.48
N VAL A 32 4.71 3.93 6.28
CA VAL A 32 6.06 4.31 5.87
C VAL A 32 6.63 3.31 4.86
N ILE A 33 6.99 3.80 3.68
CA ILE A 33 7.55 2.95 2.65
C ILE A 33 8.97 2.53 2.99
N ALA A 34 9.14 1.24 3.27
CA ALA A 34 10.46 0.70 3.62
C ALA A 34 11.03 1.40 4.85
N GLY A 35 10.15 1.89 5.71
CA GLY A 35 10.59 2.58 6.91
C GLY A 35 11.51 3.74 6.61
N GLN A 36 11.36 4.33 5.44
CA GLN A 36 12.18 5.46 5.03
C GLN A 36 11.32 6.65 4.62
N LYS A 37 10.40 6.42 3.69
CA LYS A 37 9.51 7.48 3.21
C LYS A 37 8.18 7.43 3.94
N VAL A 38 7.81 8.53 4.59
CA VAL A 38 6.56 8.61 5.32
C VAL A 38 5.42 9.05 4.41
N GLY A 39 4.29 8.37 4.51
CA GLY A 39 3.14 8.69 3.69
C GLY A 39 1.83 8.21 4.29
N THR A 40 0.72 8.61 3.69
CA THR A 40 -0.60 8.20 4.17
C THR A 40 -1.18 7.10 3.30
N LEU A 41 -1.46 5.96 3.91
CA LEU A 41 -2.02 4.82 3.19
C LEU A 41 -3.42 5.15 2.68
N ARG A 42 -3.57 5.17 1.35
CA ARG A 42 -4.86 5.46 0.75
C ARG A 42 -5.41 4.23 0.02
N PHE A 43 -4.53 3.48 -0.61
CA PHE A 43 -4.93 2.28 -1.34
C PHE A 43 -4.04 1.09 -0.96
N CYS A 44 -4.56 -0.12 -1.16
CA CYS A 44 -3.81 -1.32 -0.84
C CYS A 44 -4.29 -2.50 -1.70
N GLY A 45 -3.34 -3.21 -2.29
CA GLY A 45 -3.68 -4.35 -3.12
C GLY A 45 -2.68 -4.56 -4.24
N THR A 46 -3.19 -4.78 -5.45
CA THR A 46 -2.33 -5.00 -6.62
C THR A 46 -2.52 -3.89 -7.64
N THR A 47 -1.47 -3.63 -8.42
CA THR A 47 -1.51 -2.60 -9.44
C THR A 47 -1.50 -3.21 -10.84
N GLU A 48 -1.51 -2.35 -11.86
CA GLU A 48 -1.51 -2.82 -13.24
C GLU A 48 -0.15 -2.57 -13.90
N PHE A 49 0.52 -1.51 -13.46
CA PHE A 49 1.83 -1.16 -14.01
C PHE A 49 2.90 -2.13 -13.52
N ALA A 50 2.72 -2.63 -12.29
CA ALA A 50 3.65 -3.58 -11.71
C ALA A 50 2.93 -4.71 -11.00
N SER A 51 3.26 -5.94 -11.36
CA SER A 51 2.65 -7.12 -10.76
C SER A 51 3.15 -7.33 -9.33
N GLY A 52 2.31 -7.93 -8.50
CA GLY A 52 2.68 -8.17 -7.12
C GLY A 52 1.85 -7.38 -6.14
N GLN A 53 2.20 -7.47 -4.85
CA GLN A 53 1.47 -6.75 -3.81
C GLN A 53 1.98 -5.32 -3.68
N TRP A 54 1.12 -4.36 -4.01
CA TRP A 54 1.48 -2.95 -3.93
C TRP A 54 0.47 -2.17 -3.09
N ALA A 55 0.70 -0.87 -2.95
CA ALA A 55 -0.19 -0.02 -2.17
C ALA A 55 -0.03 1.44 -2.57
N GLY A 56 -1.14 2.17 -2.56
CA GLY A 56 -1.11 3.58 -2.92
C GLY A 56 -1.02 4.48 -1.70
N ILE A 57 0.10 5.18 -1.55
CA ILE A 57 0.30 6.09 -0.43
C ILE A 57 0.67 7.48 -0.90
N GLU A 58 0.11 8.49 -0.25
CA GLU A 58 0.38 9.88 -0.60
C GLU A 58 1.41 10.50 0.34
N LEU A 59 2.45 11.09 -0.23
CA LEU A 59 3.51 11.72 0.57
C LEU A 59 3.07 13.10 1.04
N ASP A 60 3.47 13.45 2.25
CA ASP A 60 3.13 14.75 2.83
C ASP A 60 3.86 15.87 2.10
N GLU A 61 5.05 15.57 1.60
CA GLU A 61 5.85 16.56 0.87
C GLU A 61 6.16 16.08 -0.54
N PRO A 62 6.40 17.02 -1.47
CA PRO A 62 6.71 16.69 -2.87
C PRO A 62 7.85 15.68 -2.99
N GLU A 63 7.51 14.41 -3.07
CA GLU A 63 8.51 13.35 -3.19
C GLU A 63 7.92 12.12 -3.86
N GLY A 64 6.94 12.34 -4.74
CA GLY A 64 6.30 11.24 -5.44
C GLY A 64 6.44 11.35 -6.94
N LYS A 65 6.31 10.22 -7.64
CA LYS A 65 6.42 10.20 -9.08
C LYS A 65 5.07 9.85 -9.72
N ASN A 66 3.98 10.21 -9.06
CA ASN A 66 2.65 9.93 -9.56
C ASN A 66 1.64 10.94 -9.01
N ASN A 67 0.48 11.02 -9.66
CA ASN A 67 -0.56 11.95 -9.24
C ASN A 67 -1.79 11.19 -8.75
N GLY A 68 -1.56 10.03 -8.12
CA GLY A 68 -2.66 9.23 -7.61
C GLY A 68 -3.07 8.13 -8.58
N SER A 69 -2.89 8.38 -9.87
CA SER A 69 -3.25 7.41 -10.90
C SER A 69 -2.09 7.19 -11.86
N VAL A 70 -1.88 5.93 -12.24
CA VAL A 70 -0.81 5.58 -13.17
C VAL A 70 -1.36 5.17 -14.53
N GLY A 71 -1.17 6.03 -15.53
CA GLY A 71 -1.65 5.73 -16.86
C GLY A 71 -3.17 5.75 -16.94
N ARG A 72 -3.76 4.61 -17.26
CA ARG A 72 -5.21 4.50 -17.37
C ARG A 72 -5.80 3.79 -16.16
N VAL A 73 -5.14 3.94 -15.02
CA VAL A 73 -5.60 3.31 -13.78
C VAL A 73 -5.62 4.31 -12.63
N GLN A 74 -6.74 4.36 -11.92
CA GLN A 74 -6.88 5.28 -10.79
C GLN A 74 -6.94 4.51 -9.47
N TYR A 75 -6.20 4.98 -8.48
CA TYR A 75 -6.17 4.35 -7.17
C TYR A 75 -6.65 5.31 -6.08
N PHE A 76 -5.95 6.43 -5.94
CA PHE A 76 -6.32 7.43 -4.94
C PHE A 76 -6.18 8.84 -5.51
N LYS A 77 -6.86 9.80 -4.88
CA LYS A 77 -6.81 11.18 -5.33
C LYS A 77 -5.72 11.96 -4.59
N CYS A 78 -4.96 12.75 -5.33
CA CYS A 78 -3.89 13.55 -4.75
C CYS A 78 -3.37 14.58 -5.75
N ALA A 79 -2.37 15.34 -5.33
CA ALA A 79 -1.78 16.37 -6.18
C ALA A 79 -0.60 15.81 -6.98
N PRO A 80 -0.19 16.51 -8.05
CA PRO A 80 0.92 16.07 -8.90
C PRO A 80 2.25 16.02 -8.13
N LYS A 81 3.06 15.00 -8.43
CA LYS A 81 4.35 14.84 -7.77
C LYS A 81 4.18 14.69 -6.26
N TYR A 82 3.22 13.86 -5.86
CA TYR A 82 2.96 13.62 -4.45
C TYR A 82 2.64 12.15 -4.19
N GLY A 83 1.76 11.59 -5.00
CA GLY A 83 1.39 10.20 -4.86
C GLY A 83 2.50 9.25 -5.28
N ILE A 84 2.54 8.08 -4.65
CA ILE A 84 3.56 7.08 -4.97
C ILE A 84 3.06 5.68 -4.67
N PHE A 85 3.67 4.69 -5.30
CA PHE A 85 3.29 3.29 -5.11
C PHE A 85 4.49 2.44 -4.69
N ALA A 86 4.29 1.62 -3.66
CA ALA A 86 5.35 0.76 -3.17
C ALA A 86 4.80 -0.61 -2.74
N PRO A 87 5.66 -1.63 -2.69
CA PRO A 87 5.25 -2.98 -2.30
C PRO A 87 4.58 -3.02 -0.93
N LEU A 88 3.35 -3.52 -0.89
CA LEU A 88 2.60 -3.61 0.36
C LEU A 88 3.47 -4.20 1.46
N SER A 89 4.14 -5.29 1.13
CA SER A 89 5.03 -5.95 2.06
C SER A 89 6.06 -4.97 2.57
N LYS A 90 6.32 -3.93 1.79
CA LYS A 90 7.28 -2.90 2.17
C LYS A 90 6.57 -1.77 2.92
N ILE A 91 5.24 -1.74 2.83
CA ILE A 91 4.46 -0.70 3.50
C ILE A 91 4.24 -1.06 4.97
N SER A 92 4.75 -0.22 5.86
CA SER A 92 4.60 -0.44 7.29
C SER A 92 3.95 0.76 7.98
N LYS A 93 3.68 0.63 9.27
CA LYS A 93 3.06 1.71 10.03
C LYS A 93 4.12 2.64 10.61
N LEU A 94 3.69 3.85 10.99
CA LEU A 94 4.61 4.83 11.56
C LEU A 94 4.76 4.61 13.06
N LYS A 95 5.89 5.07 13.60
CA LYS A 95 6.17 4.93 15.03
C LYS A 95 7.49 5.59 15.40
N ASP A 96 8.48 5.46 14.52
CA ASP A 96 9.80 6.06 14.76
C ASP A 96 10.46 5.43 15.97
N SER A 97 10.91 4.19 15.81
CA SER A 97 11.57 3.46 16.89
C SER A 97 12.96 3.00 16.47
N GLY A 98 13.99 3.69 16.96
CA GLY A 98 15.35 3.32 16.63
C GLY A 98 16.19 3.02 17.85
N PRO A 99 16.06 1.80 18.42
CA PRO A 99 16.83 1.40 19.60
C PRO A 99 18.32 1.22 19.30
N SER A 100 19.16 1.78 20.15
CA SER A 100 20.61 1.67 19.98
C SER A 100 21.18 0.55 20.85
N SER A 101 20.39 -0.48 21.07
CA SER A 101 20.81 -1.62 21.89
C SER A 101 21.16 -1.16 23.31
N GLY A 102 21.54 -2.12 24.15
CA GLY A 102 21.90 -1.79 25.52
C GLY A 102 22.55 -2.96 26.23
N GLY A 1 -10.43 -24.11 -7.20
CA GLY A 1 -9.82 -25.21 -6.41
C GLY A 1 -10.01 -25.03 -4.91
N SER A 2 -9.07 -25.54 -4.13
CA SER A 2 -9.14 -25.45 -2.68
C SER A 2 -7.85 -24.89 -2.11
N SER A 3 -7.98 -23.94 -1.19
CA SER A 3 -6.81 -23.32 -0.56
C SER A 3 -6.43 -24.04 0.74
N GLY A 4 -7.43 -24.27 1.59
CA GLY A 4 -7.18 -24.95 2.85
C GLY A 4 -8.36 -24.86 3.80
N SER A 5 -9.56 -25.05 3.28
CA SER A 5 -10.77 -24.98 4.08
C SER A 5 -11.61 -26.25 3.93
N SER A 6 -11.87 -26.63 2.69
CA SER A 6 -12.65 -27.82 2.40
C SER A 6 -14.06 -27.70 2.97
N GLY A 7 -14.62 -26.49 2.89
CA GLY A 7 -15.96 -26.26 3.41
C GLY A 7 -16.49 -24.89 3.05
N LEU A 8 -15.73 -23.85 3.40
CA LEU A 8 -16.13 -22.48 3.11
C LEU A 8 -16.08 -22.19 1.61
N PRO A 9 -17.24 -22.01 0.96
CA PRO A 9 -17.30 -21.72 -0.47
C PRO A 9 -16.74 -20.36 -0.83
N ASN A 10 -16.96 -19.93 -2.07
CA ASN A 10 -16.47 -18.63 -2.53
C ASN A 10 -14.95 -18.56 -2.45
N SER A 11 -14.29 -18.96 -3.52
CA SER A 11 -12.83 -18.95 -3.58
C SER A 11 -12.32 -17.77 -4.40
N ASP A 12 -13.00 -16.63 -4.27
CA ASP A 12 -12.63 -15.43 -5.00
C ASP A 12 -12.18 -14.32 -4.05
N HIS A 13 -11.58 -14.73 -2.93
CA HIS A 13 -11.11 -13.77 -1.93
C HIS A 13 -9.79 -13.15 -2.36
N THR A 14 -9.27 -12.25 -1.54
CA THR A 14 -8.00 -11.59 -1.84
C THR A 14 -7.06 -11.63 -0.64
N THR A 15 -5.76 -11.69 -0.92
CA THR A 15 -4.75 -11.74 0.13
C THR A 15 -4.78 -10.47 0.98
N SER A 16 -5.29 -9.38 0.40
CA SER A 16 -5.38 -8.11 1.10
C SER A 16 -6.14 -8.24 2.42
N ARG A 17 -6.98 -9.27 2.51
CA ARG A 17 -7.77 -9.51 3.72
C ARG A 17 -7.06 -10.48 4.65
N ALA A 18 -5.74 -10.33 4.77
CA ALA A 18 -4.94 -11.19 5.64
C ALA A 18 -3.76 -10.44 6.21
N MET A 19 -3.04 -9.72 5.36
CA MET A 19 -1.88 -8.95 5.79
C MET A 19 -2.31 -7.69 6.54
N LEU A 20 -3.30 -6.99 6.00
CA LEU A 20 -3.80 -5.77 6.62
C LEU A 20 -4.32 -6.05 8.03
N THR A 21 -5.30 -6.95 8.13
CA THR A 21 -5.89 -7.31 9.42
C THR A 21 -4.84 -7.86 10.36
N SER A 22 -3.83 -8.53 9.78
CA SER A 22 -2.76 -9.13 10.57
C SER A 22 -1.90 -8.04 11.23
N LEU A 23 -1.39 -7.13 10.41
CA LEU A 23 -0.55 -6.04 10.92
C LEU A 23 -1.39 -5.00 11.66
N GLY A 24 -2.49 -4.60 11.04
CA GLY A 24 -3.37 -3.61 11.65
C GLY A 24 -3.44 -2.32 10.85
N LEU A 25 -3.34 -2.44 9.53
CA LEU A 25 -3.39 -1.28 8.66
C LEU A 25 -4.74 -1.17 7.97
N LYS A 26 -5.06 0.03 7.47
CA LYS A 26 -6.33 0.26 6.79
C LYS A 26 -6.26 1.51 5.93
N LEU A 27 -7.24 1.67 5.04
CA LEU A 27 -7.31 2.83 4.17
C LEU A 27 -7.64 4.09 4.96
N GLY A 28 -6.62 4.86 5.31
CA GLY A 28 -6.82 6.08 6.06
C GLY A 28 -5.71 6.35 7.06
N ASP A 29 -5.08 5.28 7.54
CA ASP A 29 -4.00 5.40 8.51
C ASP A 29 -2.69 5.71 7.81
N ARG A 30 -1.71 6.21 8.57
CA ARG A 30 -0.41 6.54 8.02
C ARG A 30 0.46 5.29 7.88
N VAL A 31 1.36 5.31 6.91
CA VAL A 31 2.24 4.17 6.66
C VAL A 31 3.65 4.64 6.33
N VAL A 32 4.61 3.72 6.41
CA VAL A 32 6.00 4.04 6.11
C VAL A 32 6.59 3.06 5.10
N ILE A 33 7.13 3.60 4.01
CA ILE A 33 7.72 2.77 2.97
C ILE A 33 9.16 2.41 3.30
N ALA A 34 9.41 1.11 3.46
CA ALA A 34 10.75 0.63 3.79
C ALA A 34 11.26 1.25 5.09
N GLY A 35 10.33 1.63 5.97
CA GLY A 35 10.71 2.23 7.23
C GLY A 35 11.57 3.47 7.06
N GLN A 36 11.25 4.27 6.05
CA GLN A 36 12.01 5.49 5.78
C GLN A 36 11.09 6.62 5.33
N LYS A 37 10.43 6.41 4.18
CA LYS A 37 9.52 7.40 3.64
C LYS A 37 8.23 7.46 4.45
N VAL A 38 7.70 8.67 4.62
CA VAL A 38 6.47 8.86 5.37
C VAL A 38 5.32 9.31 4.46
N GLY A 39 4.21 8.59 4.52
CA GLY A 39 3.07 8.92 3.69
C GLY A 39 1.79 8.28 4.18
N THR A 40 0.66 8.92 3.91
CA THR A 40 -0.63 8.40 4.32
C THR A 40 -1.16 7.37 3.32
N LEU A 41 -1.52 6.19 3.81
CA LEU A 41 -2.03 5.13 2.96
C LEU A 41 -3.35 5.54 2.32
N ARG A 42 -3.40 5.51 0.99
CA ARG A 42 -4.60 5.88 0.26
C ARG A 42 -5.23 4.66 -0.40
N PHE A 43 -4.39 3.70 -0.78
CA PHE A 43 -4.87 2.47 -1.43
C PHE A 43 -3.88 1.33 -1.21
N CYS A 44 -4.40 0.11 -1.19
CA CYS A 44 -3.56 -1.07 -1.00
C CYS A 44 -4.12 -2.27 -1.75
N GLY A 45 -3.23 -3.11 -2.28
CA GLY A 45 -3.65 -4.28 -3.01
C GLY A 45 -2.77 -4.56 -4.21
N THR A 46 -3.36 -5.10 -5.28
CA THR A 46 -2.62 -5.42 -6.48
C THR A 46 -2.85 -4.36 -7.55
N THR A 47 -1.80 -4.08 -8.34
CA THR A 47 -1.89 -3.10 -9.40
C THR A 47 -2.00 -3.77 -10.77
N GLU A 48 -2.25 -2.97 -11.80
CA GLU A 48 -2.38 -3.50 -13.15
C GLU A 48 -1.08 -3.34 -13.93
N PHE A 49 -0.32 -2.29 -13.61
CA PHE A 49 0.95 -2.03 -14.27
C PHE A 49 2.04 -2.93 -13.71
N ALA A 50 2.08 -3.05 -12.39
CA ALA A 50 3.07 -3.89 -11.73
C ALA A 50 2.45 -5.14 -11.13
N SER A 51 3.18 -6.25 -11.19
CA SER A 51 2.69 -7.51 -10.65
C SER A 51 3.17 -7.73 -9.22
N GLY A 52 2.23 -7.83 -8.30
CA GLY A 52 2.57 -8.04 -6.90
C GLY A 52 1.66 -7.25 -5.96
N GLN A 53 2.04 -7.22 -4.68
CA GLN A 53 1.25 -6.50 -3.69
C GLN A 53 1.78 -5.08 -3.49
N TRP A 54 1.12 -4.11 -4.12
CA TRP A 54 1.53 -2.72 -4.02
C TRP A 54 0.50 -1.91 -3.23
N ALA A 55 0.77 -0.62 -3.06
CA ALA A 55 -0.12 0.26 -2.32
C ALA A 55 0.10 1.71 -2.71
N GLY A 56 -0.99 2.47 -2.82
CA GLY A 56 -0.89 3.87 -3.19
C GLY A 56 -0.84 4.78 -1.97
N ILE A 57 0.37 5.24 -1.64
CA ILE A 57 0.56 6.11 -0.49
C ILE A 57 0.66 7.58 -0.93
N GLU A 58 0.35 8.49 -0.02
CA GLU A 58 0.42 9.91 -0.31
C GLU A 58 1.41 10.62 0.60
N LEU A 59 2.34 11.34 0.01
CA LEU A 59 3.36 12.06 0.77
C LEU A 59 2.93 13.50 1.03
N ASP A 60 3.20 13.99 2.24
CA ASP A 60 2.83 15.35 2.61
C ASP A 60 3.59 16.36 1.75
N GLU A 61 4.79 16.00 1.33
CA GLU A 61 5.61 16.89 0.50
C GLU A 61 5.75 16.32 -0.91
N PRO A 62 5.98 17.20 -1.91
CA PRO A 62 6.15 16.78 -3.31
C PRO A 62 7.40 15.94 -3.51
N GLU A 63 7.26 14.63 -3.34
CA GLU A 63 8.37 13.71 -3.51
C GLU A 63 7.89 12.36 -4.04
N GLY A 64 6.83 12.40 -4.86
CA GLY A 64 6.29 11.18 -5.42
C GLY A 64 6.50 11.09 -6.92
N LYS A 65 6.23 9.92 -7.48
CA LYS A 65 6.39 9.71 -8.92
C LYS A 65 5.05 9.37 -9.58
N ASN A 66 3.98 9.90 -9.02
CA ASN A 66 2.63 9.64 -9.54
C ASN A 66 1.67 10.76 -9.13
N ASN A 67 0.49 10.74 -9.72
CA ASN A 67 -0.53 11.76 -9.41
C ASN A 67 -1.80 11.10 -8.89
N GLY A 68 -1.65 9.97 -8.20
CA GLY A 68 -2.80 9.27 -7.66
C GLY A 68 -3.25 8.13 -8.56
N SER A 69 -3.03 8.27 -9.86
CA SER A 69 -3.42 7.24 -10.81
C SER A 69 -2.24 6.87 -11.72
N VAL A 70 -2.27 5.65 -12.24
CA VAL A 70 -1.21 5.16 -13.12
C VAL A 70 -1.77 4.78 -14.48
N GLY A 71 -1.37 5.52 -15.51
CA GLY A 71 -1.83 5.23 -16.85
C GLY A 71 -3.35 5.32 -16.99
N ARG A 72 -3.98 4.20 -17.32
CA ARG A 72 -5.43 4.16 -17.46
C ARG A 72 -6.08 3.54 -16.24
N VAL A 73 -5.45 3.70 -15.08
CA VAL A 73 -5.97 3.14 -13.84
C VAL A 73 -5.91 4.17 -12.72
N GLN A 74 -6.89 4.11 -11.82
CA GLN A 74 -6.95 5.03 -10.69
C GLN A 74 -6.98 4.29 -9.37
N TYR A 75 -6.28 4.82 -8.37
CA TYR A 75 -6.23 4.20 -7.05
C TYR A 75 -6.63 5.18 -5.96
N PHE A 76 -6.08 6.39 -6.03
CA PHE A 76 -6.39 7.42 -5.05
C PHE A 76 -6.21 8.81 -5.66
N LYS A 77 -7.02 9.77 -5.18
CA LYS A 77 -6.95 11.14 -5.68
C LYS A 77 -5.96 11.96 -4.86
N CYS A 78 -5.09 12.69 -5.56
CA CYS A 78 -4.09 13.52 -4.90
C CYS A 78 -3.50 14.53 -5.87
N ALA A 79 -2.49 15.27 -5.40
CA ALA A 79 -1.85 16.29 -6.23
C ALA A 79 -0.78 15.66 -7.14
N PRO A 80 -0.32 16.41 -8.15
CA PRO A 80 0.70 15.91 -9.08
C PRO A 80 2.06 15.77 -8.42
N LYS A 81 2.74 14.65 -8.72
CA LYS A 81 4.06 14.39 -8.16
C LYS A 81 4.00 14.34 -6.63
N TYR A 82 2.86 13.91 -6.11
CA TYR A 82 2.67 13.82 -4.66
C TYR A 82 2.45 12.37 -4.23
N GLY A 83 1.69 11.63 -5.05
CA GLY A 83 1.43 10.25 -4.74
C GLY A 83 2.57 9.32 -5.14
N ILE A 84 2.61 8.14 -4.53
CA ILE A 84 3.65 7.17 -4.84
C ILE A 84 3.18 5.75 -4.53
N PHE A 85 3.78 4.77 -5.22
CA PHE A 85 3.42 3.37 -5.03
C PHE A 85 4.60 2.57 -4.49
N ALA A 86 4.32 1.64 -3.57
CA ALA A 86 5.36 0.82 -2.99
C ALA A 86 4.80 -0.53 -2.53
N PRO A 87 5.60 -1.60 -2.59
CA PRO A 87 5.17 -2.94 -2.17
C PRO A 87 4.66 -2.97 -0.74
N LEU A 88 3.41 -3.36 -0.57
CA LEU A 88 2.80 -3.42 0.76
C LEU A 88 3.71 -4.19 1.71
N SER A 89 4.21 -5.33 1.23
CA SER A 89 5.13 -6.14 2.01
C SER A 89 6.33 -5.31 2.44
N LYS A 90 6.62 -4.27 1.67
CA LYS A 90 7.72 -3.38 1.97
C LYS A 90 7.26 -2.18 2.80
N ILE A 91 5.94 -2.02 2.89
CA ILE A 91 5.37 -0.91 3.67
C ILE A 91 4.85 -1.40 5.01
N SER A 92 5.24 -0.71 6.08
CA SER A 92 4.81 -1.07 7.42
C SER A 92 4.13 0.11 8.11
N LYS A 93 3.70 -0.10 9.35
CA LYS A 93 3.02 0.94 10.12
C LYS A 93 4.03 1.95 10.65
N LEU A 94 3.56 3.17 10.92
CA LEU A 94 4.41 4.22 11.44
C LEU A 94 4.89 3.89 12.86
N LYS A 95 6.21 3.91 13.05
CA LYS A 95 6.80 3.61 14.35
C LYS A 95 7.25 4.88 15.04
N ASP A 96 6.55 5.98 14.78
CA ASP A 96 6.88 7.28 15.38
C ASP A 96 5.75 7.76 16.29
N SER A 97 6.09 8.03 17.54
CA SER A 97 5.10 8.51 18.51
C SER A 97 5.54 9.84 19.12
N GLY A 98 4.72 10.37 20.02
CA GLY A 98 5.03 11.62 20.67
C GLY A 98 5.14 11.49 22.18
N PRO A 99 6.34 11.21 22.70
CA PRO A 99 6.57 11.05 24.14
C PRO A 99 6.43 12.38 24.89
N SER A 100 5.51 12.42 25.85
CA SER A 100 5.28 13.61 26.65
C SER A 100 5.60 13.37 28.12
N SER A 101 6.32 14.31 28.73
CA SER A 101 6.69 14.19 30.13
C SER A 101 7.54 12.95 30.36
N GLY A 102 8.84 13.07 30.12
CA GLY A 102 9.74 11.94 30.30
C GLY A 102 9.82 11.05 29.08
N GLY A 1 -11.29 -17.46 -34.26
CA GLY A 1 -12.54 -18.23 -34.04
C GLY A 1 -13.03 -18.15 -32.61
N SER A 2 -14.32 -18.39 -32.40
CA SER A 2 -14.91 -18.34 -31.07
C SER A 2 -14.75 -16.95 -30.46
N SER A 3 -15.85 -16.20 -30.43
CA SER A 3 -15.83 -14.85 -29.88
C SER A 3 -17.03 -14.63 -28.95
N GLY A 4 -16.81 -14.84 -27.66
CA GLY A 4 -17.88 -14.65 -26.69
C GLY A 4 -18.07 -15.86 -25.80
N SER A 5 -16.97 -16.38 -25.25
CA SER A 5 -17.02 -17.54 -24.38
C SER A 5 -16.52 -17.19 -22.98
N SER A 6 -17.12 -17.82 -21.97
CA SER A 6 -16.73 -17.58 -20.59
C SER A 6 -15.32 -18.06 -20.32
N GLY A 7 -14.71 -17.56 -19.25
CA GLY A 7 -13.35 -17.96 -18.91
C GLY A 7 -12.94 -17.50 -17.52
N LEU A 8 -13.65 -18.00 -16.51
CA LEU A 8 -13.35 -17.65 -15.13
C LEU A 8 -12.18 -18.47 -14.59
N PRO A 9 -11.04 -17.83 -14.29
CA PRO A 9 -9.86 -18.52 -13.77
C PRO A 9 -10.18 -19.37 -12.54
N ASN A 10 -9.74 -20.62 -12.57
CA ASN A 10 -9.98 -21.53 -11.45
C ASN A 10 -9.24 -21.07 -10.19
N SER A 11 -10.00 -20.74 -9.16
CA SER A 11 -9.42 -20.28 -7.90
C SER A 11 -8.63 -19.00 -8.10
N ASP A 12 -8.52 -18.20 -7.04
CA ASP A 12 -7.79 -16.95 -7.09
C ASP A 12 -6.59 -16.97 -6.15
N HIS A 13 -5.72 -15.98 -6.29
CA HIS A 13 -4.53 -15.89 -5.45
C HIS A 13 -4.73 -14.86 -4.35
N THR A 14 -4.91 -15.34 -3.12
CA THR A 14 -5.12 -14.47 -1.97
C THR A 14 -3.79 -14.12 -1.31
N THR A 15 -3.51 -12.84 -1.16
CA THR A 15 -2.28 -12.39 -0.53
C THR A 15 -2.43 -10.98 0.04
N SER A 16 -3.65 -10.64 0.45
CA SER A 16 -3.94 -9.34 1.02
C SER A 16 -4.70 -9.47 2.34
N ARG A 17 -5.69 -10.36 2.36
CA ARG A 17 -6.49 -10.57 3.56
C ARG A 17 -5.61 -11.02 4.72
N ALA A 18 -4.56 -11.77 4.41
CA ALA A 18 -3.65 -12.27 5.43
C ALA A 18 -2.34 -11.48 5.43
N MET A 19 -2.45 -10.17 5.24
CA MET A 19 -1.27 -9.31 5.21
C MET A 19 -1.53 -8.01 5.98
N LEU A 20 -2.63 -7.36 5.66
CA LEU A 20 -3.00 -6.10 6.31
C LEU A 20 -3.29 -6.32 7.79
N THR A 21 -3.80 -7.51 8.11
CA THR A 21 -4.13 -7.85 9.49
C THR A 21 -2.89 -8.32 10.25
N SER A 22 -2.12 -9.21 9.61
CA SER A 22 -0.91 -9.75 10.22
C SER A 22 0.09 -8.63 10.51
N LEU A 23 0.07 -7.59 9.69
CA LEU A 23 0.98 -6.46 9.86
C LEU A 23 0.38 -5.44 10.82
N GLY A 24 -0.90 -5.18 10.67
CA GLY A 24 -1.57 -4.21 11.53
C GLY A 24 -1.83 -2.89 10.83
N LEU A 25 -1.99 -2.95 9.52
CA LEU A 25 -2.24 -1.74 8.73
C LEU A 25 -3.71 -1.67 8.31
N LYS A 26 -4.23 -0.45 8.22
CA LYS A 26 -5.62 -0.25 7.83
C LYS A 26 -5.77 1.03 7.00
N LEU A 27 -6.78 1.05 6.13
CA LEU A 27 -7.03 2.20 5.27
C LEU A 27 -7.30 3.45 6.11
N GLY A 28 -6.40 4.42 6.01
CA GLY A 28 -6.57 5.66 6.76
C GLY A 28 -5.57 5.77 7.90
N ASP A 29 -4.42 5.14 7.75
CA ASP A 29 -3.39 5.17 8.78
C ASP A 29 -2.06 5.65 8.20
N ARG A 30 -1.16 6.07 9.09
CA ARG A 30 0.15 6.55 8.67
C ARG A 30 1.09 5.40 8.39
N VAL A 31 1.48 5.24 7.14
CA VAL A 31 2.40 4.17 6.74
C VAL A 31 3.77 4.72 6.35
N VAL A 32 4.68 3.83 5.98
CA VAL A 32 6.02 4.22 5.57
C VAL A 32 6.57 3.29 4.50
N ILE A 33 7.40 3.83 3.62
CA ILE A 33 8.00 3.05 2.55
C ILE A 33 9.40 2.57 2.93
N ALA A 34 9.52 1.29 3.24
CA ALA A 34 10.80 0.72 3.63
C ALA A 34 11.36 1.41 4.87
N GLY A 35 10.47 1.90 5.72
CA GLY A 35 10.89 2.57 6.94
C GLY A 35 11.79 3.76 6.66
N GLN A 36 11.45 4.53 5.63
CA GLN A 36 12.23 5.70 5.26
C GLN A 36 11.33 6.87 4.88
N LYS A 37 10.40 6.60 3.97
CA LYS A 37 9.47 7.63 3.50
C LYS A 37 8.11 7.44 4.16
N VAL A 38 7.70 8.44 4.93
CA VAL A 38 6.41 8.39 5.62
C VAL A 38 5.29 8.94 4.73
N GLY A 39 4.10 8.39 4.89
CA GLY A 39 2.97 8.84 4.09
C GLY A 39 1.65 8.29 4.60
N THR A 40 0.56 8.73 3.98
CA THR A 40 -0.78 8.28 4.38
C THR A 40 -1.33 7.26 3.39
N LEU A 41 -1.61 6.05 3.88
CA LEU A 41 -2.13 4.99 3.04
C LEU A 41 -3.52 5.35 2.50
N ARG A 42 -3.68 5.23 1.18
CA ARG A 42 -4.95 5.56 0.55
C ARG A 42 -5.54 4.32 -0.15
N PHE A 43 -4.67 3.56 -0.81
CA PHE A 43 -5.10 2.36 -1.52
C PHE A 43 -4.20 1.18 -1.18
N CYS A 44 -4.81 0.04 -0.88
CA CYS A 44 -4.05 -1.17 -0.55
C CYS A 44 -4.56 -2.37 -1.34
N GLY A 45 -3.67 -3.01 -2.09
CA GLY A 45 -4.05 -4.15 -2.87
C GLY A 45 -3.03 -4.48 -3.95
N THR A 46 -3.51 -4.89 -5.12
CA THR A 46 -2.64 -5.24 -6.23
C THR A 46 -2.75 -4.21 -7.35
N THR A 47 -1.69 -4.08 -8.14
CA THR A 47 -1.66 -3.14 -9.25
C THR A 47 -1.79 -3.86 -10.59
N GLU A 48 -1.77 -3.10 -11.68
CA GLU A 48 -1.87 -3.67 -13.01
C GLU A 48 -0.56 -3.49 -13.79
N PHE A 49 0.10 -2.37 -13.56
CA PHE A 49 1.36 -2.08 -14.24
C PHE A 49 2.48 -2.95 -13.70
N ALA A 50 2.51 -3.13 -12.39
CA ALA A 50 3.53 -3.96 -11.75
C ALA A 50 2.98 -5.34 -11.41
N SER A 51 3.85 -6.20 -10.90
CA SER A 51 3.46 -7.56 -10.54
C SER A 51 3.76 -7.83 -9.05
N GLY A 52 2.73 -7.73 -8.22
CA GLY A 52 2.90 -7.96 -6.80
C GLY A 52 1.95 -7.13 -5.96
N GLN A 53 2.21 -7.09 -4.65
CA GLN A 53 1.39 -6.32 -3.73
C GLN A 53 1.89 -4.88 -3.62
N TRP A 54 1.06 -3.95 -4.06
CA TRP A 54 1.42 -2.53 -4.00
C TRP A 54 0.34 -1.72 -3.28
N ALA A 55 0.65 -0.46 -2.98
CA ALA A 55 -0.30 0.40 -2.29
C ALA A 55 -0.11 1.86 -2.71
N GLY A 56 -1.15 2.66 -2.55
CA GLY A 56 -1.06 4.06 -2.91
C GLY A 56 -0.95 4.98 -1.69
N ILE A 57 0.27 5.41 -1.40
CA ILE A 57 0.51 6.29 -0.26
C ILE A 57 0.81 7.72 -0.72
N GLU A 58 0.16 8.68 -0.08
CA GLU A 58 0.36 10.09 -0.42
C GLU A 58 1.33 10.75 0.53
N LEU A 59 2.44 11.26 -0.01
CA LEU A 59 3.46 11.92 0.80
C LEU A 59 3.04 13.34 1.14
N ASP A 60 3.39 13.78 2.34
CA ASP A 60 3.05 15.13 2.79
C ASP A 60 3.86 16.18 2.03
N GLU A 61 5.09 15.80 1.65
CA GLU A 61 5.97 16.71 0.92
C GLU A 61 6.07 16.31 -0.54
N PRO A 62 6.33 17.28 -1.43
CA PRO A 62 6.46 17.02 -2.87
C PRO A 62 7.70 16.22 -3.22
N GLU A 63 7.60 14.90 -3.12
CA GLU A 63 8.72 14.02 -3.42
C GLU A 63 8.24 12.74 -4.08
N GLY A 64 7.15 12.83 -4.84
CA GLY A 64 6.61 11.67 -5.52
C GLY A 64 6.92 11.67 -7.01
N LYS A 65 6.15 10.89 -7.76
CA LYS A 65 6.35 10.80 -9.21
C LYS A 65 5.02 10.86 -9.95
N ASN A 66 4.05 10.10 -9.45
CA ASN A 66 2.72 10.06 -10.07
C ASN A 66 1.76 11.00 -9.34
N ASN A 67 0.50 10.98 -9.77
CA ASN A 67 -0.53 11.83 -9.16
C ASN A 67 -1.71 11.00 -8.69
N GLY A 68 -1.44 9.76 -8.30
CA GLY A 68 -2.49 8.87 -7.83
C GLY A 68 -2.93 7.88 -8.89
N SER A 69 -2.83 8.28 -10.14
CA SER A 69 -3.21 7.41 -11.26
C SER A 69 -2.01 7.03 -12.10
N VAL A 70 -2.00 5.81 -12.61
CA VAL A 70 -0.90 5.33 -13.44
C VAL A 70 -1.41 4.75 -14.76
N GLY A 71 -1.34 5.54 -15.82
CA GLY A 71 -1.79 5.09 -17.11
C GLY A 71 -3.30 5.05 -17.21
N ARG A 72 -3.84 3.89 -17.58
CA ARG A 72 -5.29 3.74 -17.70
C ARG A 72 -5.88 3.08 -16.45
N VAL A 73 -5.24 3.32 -15.31
CA VAL A 73 -5.70 2.75 -14.05
C VAL A 73 -5.81 3.81 -12.97
N GLN A 74 -6.73 3.64 -12.04
CA GLN A 74 -6.93 4.58 -10.96
C GLN A 74 -6.76 3.90 -9.60
N TYR A 75 -6.30 4.66 -8.61
CA TYR A 75 -6.09 4.13 -7.27
C TYR A 75 -6.58 5.12 -6.21
N PHE A 76 -5.97 6.31 -6.20
CA PHE A 76 -6.33 7.34 -5.24
C PHE A 76 -6.13 8.73 -5.83
N LYS A 77 -6.80 9.71 -5.26
CA LYS A 77 -6.70 11.09 -5.73
C LYS A 77 -5.72 11.89 -4.87
N CYS A 78 -4.76 12.53 -5.52
CA CYS A 78 -3.76 13.33 -4.81
C CYS A 78 -3.18 14.41 -5.72
N ALA A 79 -2.18 15.12 -5.22
CA ALA A 79 -1.54 16.18 -6.00
C ALA A 79 -0.44 15.62 -6.89
N PRO A 80 0.01 16.41 -7.89
CA PRO A 80 1.06 15.99 -8.82
C PRO A 80 2.40 15.77 -8.13
N LYS A 81 3.08 14.70 -8.50
CA LYS A 81 4.37 14.37 -7.91
C LYS A 81 4.28 14.21 -6.39
N TYR A 82 3.08 13.87 -5.91
CA TYR A 82 2.86 13.70 -4.49
C TYR A 82 2.48 12.25 -4.15
N GLY A 83 1.93 11.55 -5.15
CA GLY A 83 1.53 10.17 -4.94
C GLY A 83 2.57 9.18 -5.44
N ILE A 84 2.90 8.21 -4.59
CA ILE A 84 3.88 7.20 -4.96
C ILE A 84 3.37 5.79 -4.64
N PHE A 85 3.81 4.81 -5.40
CA PHE A 85 3.41 3.43 -5.19
C PHE A 85 4.58 2.56 -4.75
N ALA A 86 4.43 1.91 -3.60
CA ALA A 86 5.48 1.05 -3.08
C ALA A 86 4.92 -0.31 -2.66
N PRO A 87 5.77 -1.36 -2.66
CA PRO A 87 5.34 -2.72 -2.30
C PRO A 87 4.75 -2.77 -0.89
N LEU A 88 3.47 -3.15 -0.81
CA LEU A 88 2.78 -3.25 0.48
C LEU A 88 3.64 -4.02 1.47
N SER A 89 4.17 -5.15 1.01
CA SER A 89 5.03 -5.99 1.83
C SER A 89 6.20 -5.16 2.35
N LYS A 90 6.53 -4.09 1.62
CA LYS A 90 7.62 -3.21 2.03
C LYS A 90 7.08 -2.03 2.84
N ILE A 91 5.76 -1.85 2.82
CA ILE A 91 5.13 -0.76 3.56
C ILE A 91 4.53 -1.26 4.87
N SER A 92 5.08 -0.80 5.99
CA SER A 92 4.60 -1.21 7.30
C SER A 92 4.13 0.01 8.11
N LYS A 93 3.61 -0.25 9.29
CA LYS A 93 3.11 0.82 10.16
C LYS A 93 4.26 1.72 10.61
N LEU A 94 3.94 2.98 10.87
CA LEU A 94 4.94 3.95 11.30
C LEU A 94 5.16 3.87 12.82
N LYS A 95 6.42 3.82 13.22
CA LYS A 95 6.76 3.74 14.64
C LYS A 95 8.27 3.77 14.84
N ASP A 96 8.78 4.92 15.25
CA ASP A 96 10.22 5.08 15.48
C ASP A 96 10.49 5.78 16.82
N SER A 97 9.59 5.55 17.78
CA SER A 97 9.73 6.15 19.10
C SER A 97 10.58 5.27 20.02
N GLY A 98 11.60 5.86 20.62
CA GLY A 98 12.47 5.11 21.51
C GLY A 98 12.94 5.94 22.69
N PRO A 99 14.01 6.74 22.51
CA PRO A 99 14.55 7.58 23.59
C PRO A 99 13.62 8.73 23.94
N SER A 100 12.98 8.64 25.10
CA SER A 100 12.06 9.68 25.56
C SER A 100 12.81 10.95 25.91
N SER A 101 12.84 11.89 24.97
CA SER A 101 13.53 13.16 25.18
C SER A 101 12.74 14.32 24.60
N GLY A 102 12.11 15.10 25.46
CA GLY A 102 11.33 16.24 25.02
C GLY A 102 12.17 17.48 24.78
N GLY A 1 -24.13 -5.45 -3.46
CA GLY A 1 -23.16 -5.74 -2.37
C GLY A 1 -23.09 -7.22 -2.02
N SER A 2 -21.87 -7.77 -2.09
CA SER A 2 -21.67 -9.18 -1.79
C SER A 2 -20.95 -9.36 -0.45
N SER A 3 -21.20 -8.44 0.48
CA SER A 3 -20.57 -8.50 1.79
C SER A 3 -21.08 -9.70 2.58
N GLY A 4 -20.34 -10.80 2.52
CA GLY A 4 -20.73 -11.99 3.24
C GLY A 4 -19.82 -13.17 2.94
N SER A 5 -19.62 -13.46 1.66
CA SER A 5 -18.78 -14.56 1.24
C SER A 5 -17.99 -14.20 -0.01
N SER A 6 -16.75 -14.68 -0.09
CA SER A 6 -15.90 -14.41 -1.25
C SER A 6 -15.43 -15.71 -1.89
N GLY A 7 -15.78 -15.89 -3.16
CA GLY A 7 -15.38 -17.09 -3.87
C GLY A 7 -13.92 -17.06 -4.30
N LEU A 8 -13.70 -16.79 -5.59
CA LEU A 8 -12.35 -16.73 -6.13
C LEU A 8 -11.63 -18.08 -5.96
N PRO A 9 -10.65 -18.36 -6.84
CA PRO A 9 -9.89 -19.62 -6.79
C PRO A 9 -8.96 -19.68 -5.59
N ASN A 10 -8.46 -18.53 -5.16
CA ASN A 10 -7.56 -18.46 -4.01
C ASN A 10 -8.29 -17.99 -2.77
N SER A 11 -8.21 -18.77 -1.70
CA SER A 11 -8.87 -18.43 -0.45
C SER A 11 -7.96 -18.74 0.74
N ASP A 12 -7.35 -19.91 0.74
CA ASP A 12 -6.46 -20.32 1.82
C ASP A 12 -5.32 -19.33 1.99
N HIS A 13 -4.43 -19.27 1.00
CA HIS A 13 -3.30 -18.37 1.04
C HIS A 13 -3.71 -16.96 0.61
N THR A 14 -3.41 -15.98 1.45
CA THR A 14 -3.75 -14.59 1.17
C THR A 14 -2.50 -13.71 1.20
N THR A 15 -2.35 -12.88 0.17
CA THR A 15 -1.20 -11.99 0.07
C THR A 15 -1.60 -10.56 0.42
N SER A 16 -2.74 -10.12 -0.09
CA SER A 16 -3.24 -8.78 0.17
C SER A 16 -4.41 -8.81 1.14
N ARG A 17 -4.46 -9.84 1.98
CA ARG A 17 -5.53 -9.99 2.96
C ARG A 17 -4.98 -10.36 4.33
N ALA A 18 -3.97 -11.22 4.35
CA ALA A 18 -3.35 -11.65 5.60
C ALA A 18 -2.14 -10.78 5.95
N MET A 19 -2.23 -9.50 5.62
CA MET A 19 -1.15 -8.56 5.91
C MET A 19 -1.66 -7.34 6.65
N LEU A 20 -2.78 -6.80 6.18
CA LEU A 20 -3.39 -5.63 6.80
C LEU A 20 -4.08 -6.00 8.11
N THR A 21 -4.58 -7.24 8.18
CA THR A 21 -5.25 -7.71 9.37
C THR A 21 -4.27 -7.94 10.51
N SER A 22 -3.14 -8.56 10.20
CA SER A 22 -2.11 -8.83 11.20
C SER A 22 -1.59 -7.54 11.83
N LEU A 23 -1.24 -6.58 10.98
CA LEU A 23 -0.74 -5.30 11.44
C LEU A 23 -1.89 -4.39 11.91
N GLY A 24 -3.05 -4.58 11.30
CA GLY A 24 -4.21 -3.78 11.66
C GLY A 24 -4.20 -2.41 11.01
N LEU A 25 -4.11 -2.39 9.68
CA LEU A 25 -4.09 -1.15 8.94
C LEU A 25 -5.16 -1.13 7.85
N LYS A 26 -5.68 0.06 7.55
CA LYS A 26 -6.71 0.21 6.53
C LYS A 26 -6.57 1.54 5.81
N LEU A 27 -7.48 1.79 4.87
CA LEU A 27 -7.46 3.05 4.11
C LEU A 27 -7.72 4.23 5.02
N GLY A 28 -6.72 5.07 5.20
CA GLY A 28 -6.87 6.24 6.05
C GLY A 28 -5.91 6.26 7.23
N ASP A 29 -4.77 5.60 7.06
CA ASP A 29 -3.76 5.54 8.12
C ASP A 29 -2.40 5.97 7.60
N ARG A 30 -1.48 6.23 8.52
CA ARG A 30 -0.13 6.66 8.16
C ARG A 30 0.83 5.47 8.12
N VAL A 31 1.28 5.12 6.92
CA VAL A 31 2.19 4.00 6.75
C VAL A 31 3.60 4.48 6.39
N VAL A 32 4.55 3.56 6.37
CA VAL A 32 5.94 3.90 6.05
C VAL A 32 6.50 2.94 5.00
N ILE A 33 7.21 3.51 4.03
CA ILE A 33 7.81 2.71 2.96
C ILE A 33 9.20 2.24 3.34
N ALA A 34 9.33 0.95 3.63
CA ALA A 34 10.61 0.37 4.01
C ALA A 34 11.18 1.04 5.24
N GLY A 35 10.30 1.58 6.09
CA GLY A 35 10.74 2.25 7.29
C GLY A 35 11.69 3.40 7.01
N GLN A 36 11.33 4.23 6.03
CA GLN A 36 12.15 5.37 5.66
C GLN A 36 11.29 6.53 5.19
N LYS A 37 10.34 6.24 4.31
CA LYS A 37 9.44 7.26 3.78
C LYS A 37 8.10 7.24 4.51
N VAL A 38 7.67 8.40 5.00
CA VAL A 38 6.40 8.51 5.71
C VAL A 38 5.33 9.13 4.82
N GLY A 39 4.19 8.45 4.73
CA GLY A 39 3.10 8.95 3.91
C GLY A 39 1.74 8.48 4.41
N THR A 40 0.68 8.98 3.77
CA THR A 40 -0.68 8.61 4.15
C THR A 40 -1.20 7.48 3.26
N LEU A 41 -1.58 6.37 3.89
CA LEU A 41 -2.10 5.22 3.16
C LEU A 41 -3.43 5.57 2.47
N ARG A 42 -3.45 5.44 1.15
CA ARG A 42 -4.65 5.73 0.37
C ARG A 42 -5.17 4.48 -0.32
N PHE A 43 -4.25 3.65 -0.80
CA PHE A 43 -4.62 2.41 -1.47
C PHE A 43 -3.78 1.24 -0.99
N CYS A 44 -4.27 0.02 -1.21
CA CYS A 44 -3.57 -1.18 -0.78
C CYS A 44 -4.06 -2.40 -1.56
N GLY A 45 -3.13 -3.20 -2.06
CA GLY A 45 -3.48 -4.38 -2.80
C GLY A 45 -2.51 -4.68 -3.92
N THR A 46 -3.02 -4.86 -5.13
CA THR A 46 -2.19 -5.15 -6.28
C THR A 46 -2.52 -4.23 -7.45
N THR A 47 -1.48 -3.65 -8.05
CA THR A 47 -1.66 -2.74 -9.18
C THR A 47 -1.87 -3.51 -10.48
N GLU A 48 -2.00 -2.79 -11.58
CA GLU A 48 -2.20 -3.40 -12.89
C GLU A 48 -0.95 -3.27 -13.75
N PHE A 49 -0.22 -2.18 -13.56
CA PHE A 49 1.00 -1.93 -14.32
C PHE A 49 2.13 -2.81 -13.83
N ALA A 50 2.31 -2.88 -12.52
CA ALA A 50 3.36 -3.69 -11.93
C ALA A 50 2.79 -4.99 -11.34
N SER A 51 3.58 -6.06 -11.39
CA SER A 51 3.16 -7.35 -10.86
C SER A 51 3.59 -7.51 -9.41
N GLY A 52 2.68 -7.99 -8.57
CA GLY A 52 2.99 -8.19 -7.17
C GLY A 52 2.15 -7.32 -6.26
N GLN A 53 2.48 -7.31 -4.98
CA GLN A 53 1.75 -6.52 -4.00
C GLN A 53 2.18 -5.05 -4.07
N TRP A 54 1.20 -4.15 -4.16
CA TRP A 54 1.48 -2.72 -4.23
C TRP A 54 0.44 -1.93 -3.46
N ALA A 55 0.77 -0.68 -3.13
CA ALA A 55 -0.14 0.19 -2.40
C ALA A 55 -0.03 1.63 -2.86
N GLY A 56 -0.90 2.48 -2.35
CA GLY A 56 -0.88 3.89 -2.73
C GLY A 56 -0.75 4.81 -1.52
N ILE A 57 0.35 5.55 -1.46
CA ILE A 57 0.59 6.47 -0.36
C ILE A 57 0.82 7.89 -0.86
N GLU A 58 0.32 8.86 -0.12
CA GLU A 58 0.46 10.27 -0.50
C GLU A 58 1.47 10.96 0.41
N LEU A 59 2.69 11.16 -0.12
CA LEU A 59 3.75 11.82 0.64
C LEU A 59 3.35 13.26 0.99
N ASP A 60 3.74 13.68 2.19
CA ASP A 60 3.44 15.03 2.65
C ASP A 60 4.22 16.07 1.86
N GLU A 61 5.42 15.70 1.42
CA GLU A 61 6.27 16.59 0.65
C GLU A 61 6.53 16.04 -0.75
N PRO A 62 6.79 16.92 -1.73
CA PRO A 62 7.06 16.51 -3.11
C PRO A 62 8.14 15.45 -3.21
N GLU A 63 7.73 14.20 -3.32
CA GLU A 63 8.67 13.08 -3.42
C GLU A 63 8.04 11.89 -4.14
N GLY A 64 7.12 12.18 -5.05
CA GLY A 64 6.45 11.13 -5.79
C GLY A 64 6.51 11.35 -7.29
N LYS A 65 6.29 10.29 -8.05
CA LYS A 65 6.31 10.36 -9.51
C LYS A 65 4.96 9.99 -10.10
N ASN A 66 3.90 10.28 -9.35
CA ASN A 66 2.54 9.98 -9.79
C ASN A 66 1.56 11.03 -9.29
N ASN A 67 0.31 10.95 -9.75
CA ASN A 67 -0.73 11.88 -9.35
C ASN A 67 -1.94 11.16 -8.78
N GLY A 68 -1.69 10.01 -8.16
CA GLY A 68 -2.78 9.23 -7.58
C GLY A 68 -3.24 8.12 -8.50
N SER A 69 -3.09 8.34 -9.80
CA SER A 69 -3.52 7.34 -10.78
C SER A 69 -2.35 6.96 -11.70
N VAL A 70 -2.58 5.97 -12.56
CA VAL A 70 -1.55 5.51 -13.49
C VAL A 70 -2.14 5.21 -14.86
N GLY A 71 -1.95 6.14 -15.79
CA GLY A 71 -2.47 5.96 -17.14
C GLY A 71 -3.98 6.04 -17.18
N ARG A 72 -4.64 4.88 -17.20
CA ARG A 72 -6.10 4.82 -17.25
C ARG A 72 -6.67 4.34 -15.92
N VAL A 73 -5.90 3.50 -15.23
CA VAL A 73 -6.33 2.94 -13.95
C VAL A 73 -6.21 3.99 -12.84
N GLN A 74 -7.23 4.05 -11.99
CA GLN A 74 -7.25 5.01 -10.88
C GLN A 74 -7.13 4.29 -9.54
N TYR A 75 -6.33 4.85 -8.64
CA TYR A 75 -6.14 4.27 -7.32
C TYR A 75 -6.59 5.23 -6.23
N PHE A 76 -5.86 6.33 -6.08
CA PHE A 76 -6.18 7.34 -5.07
C PHE A 76 -6.06 8.75 -5.65
N LYS A 77 -6.55 9.73 -4.90
CA LYS A 77 -6.49 11.12 -5.33
C LYS A 77 -5.40 11.89 -4.57
N CYS A 78 -4.69 12.75 -5.27
CA CYS A 78 -3.63 13.54 -4.67
C CYS A 78 -3.05 14.53 -5.67
N ALA A 79 -2.21 15.44 -5.18
CA ALA A 79 -1.59 16.44 -6.03
C ALA A 79 -0.46 15.84 -6.85
N PRO A 80 -0.09 16.48 -7.98
CA PRO A 80 0.98 16.00 -8.86
C PRO A 80 2.32 15.95 -8.15
N LYS A 81 3.14 14.96 -8.51
CA LYS A 81 4.45 14.80 -7.91
C LYS A 81 4.35 14.59 -6.40
N TYR A 82 3.43 13.72 -5.99
CA TYR A 82 3.23 13.44 -4.57
C TYR A 82 2.88 11.97 -4.36
N GLY A 83 1.94 11.47 -5.16
CA GLY A 83 1.52 10.08 -5.04
C GLY A 83 2.61 9.12 -5.48
N ILE A 84 2.73 8.01 -4.76
CA ILE A 84 3.74 7.00 -5.07
C ILE A 84 3.30 5.62 -4.61
N PHE A 85 3.69 4.60 -5.36
CA PHE A 85 3.33 3.23 -5.03
C PHE A 85 4.55 2.45 -4.53
N ALA A 86 4.33 1.64 -3.49
CA ALA A 86 5.42 0.85 -2.91
C ALA A 86 4.91 -0.53 -2.48
N PRO A 87 5.77 -1.56 -2.54
CA PRO A 87 5.39 -2.92 -2.14
C PRO A 87 4.85 -2.98 -0.72
N LEU A 88 3.58 -3.40 -0.60
CA LEU A 88 2.93 -3.51 0.69
C LEU A 88 3.83 -4.25 1.66
N SER A 89 4.39 -5.37 1.20
CA SER A 89 5.29 -6.16 2.02
C SER A 89 6.44 -5.30 2.50
N LYS A 90 6.72 -4.23 1.76
CA LYS A 90 7.79 -3.31 2.14
C LYS A 90 7.25 -2.14 2.95
N ILE A 91 5.91 -1.99 2.95
CA ILE A 91 5.27 -0.91 3.69
C ILE A 91 4.71 -1.41 5.02
N SER A 92 4.73 -0.56 6.03
CA SER A 92 4.23 -0.91 7.35
C SER A 92 3.62 0.30 8.05
N LYS A 93 3.13 0.10 9.27
CA LYS A 93 2.52 1.17 10.04
C LYS A 93 3.59 2.05 10.67
N LEU A 94 3.31 3.35 10.78
CA LEU A 94 4.25 4.29 11.38
C LEU A 94 4.25 4.16 12.89
N LYS A 95 5.41 4.41 13.51
CA LYS A 95 5.54 4.33 14.96
C LYS A 95 4.92 5.55 15.63
N ASP A 96 4.14 5.30 16.67
CA ASP A 96 3.48 6.38 17.40
C ASP A 96 4.44 7.01 18.41
N SER A 97 5.34 6.20 18.96
CA SER A 97 6.31 6.68 19.93
C SER A 97 7.72 6.65 19.36
N GLY A 98 8.03 7.64 18.53
CA GLY A 98 9.35 7.71 17.93
C GLY A 98 10.37 8.37 18.83
N PRO A 99 11.64 8.48 18.39
CA PRO A 99 12.71 9.10 19.18
C PRO A 99 12.32 10.48 19.69
N SER A 100 13.20 11.08 20.49
CA SER A 100 12.96 12.40 21.05
C SER A 100 11.70 12.41 21.92
N SER A 101 11.36 13.57 22.45
CA SER A 101 10.19 13.70 23.31
C SER A 101 9.16 14.64 22.67
N GLY A 102 9.65 15.73 22.08
CA GLY A 102 8.76 16.69 21.45
C GLY A 102 7.94 17.47 22.45
N GLY A 1 -9.15 -35.96 -10.96
CA GLY A 1 -7.95 -36.49 -10.25
C GLY A 1 -8.00 -36.23 -8.75
N SER A 2 -8.30 -37.28 -7.99
CA SER A 2 -8.38 -37.16 -6.54
C SER A 2 -8.17 -38.52 -5.87
N SER A 3 -7.11 -38.64 -5.10
CA SER A 3 -6.80 -39.89 -4.41
C SER A 3 -6.53 -39.65 -2.93
N GLY A 4 -6.41 -40.72 -2.17
CA GLY A 4 -6.17 -40.60 -0.74
C GLY A 4 -7.36 -40.05 0.01
N SER A 5 -7.32 -40.15 1.33
CA SER A 5 -8.41 -39.65 2.18
C SER A 5 -8.01 -38.34 2.86
N SER A 6 -6.72 -38.21 3.15
CA SER A 6 -6.21 -37.01 3.81
C SER A 6 -5.53 -36.09 2.81
N GLY A 7 -6.02 -34.86 2.70
CA GLY A 7 -5.44 -33.91 1.77
C GLY A 7 -5.61 -32.47 2.23
N LEU A 8 -5.34 -31.53 1.34
CA LEU A 8 -5.47 -30.11 1.67
C LEU A 8 -6.87 -29.61 1.35
N PRO A 9 -7.47 -28.81 2.26
CA PRO A 9 -8.82 -28.27 2.05
C PRO A 9 -8.97 -27.55 0.72
N ASN A 10 -10.17 -27.03 0.46
CA ASN A 10 -10.43 -26.31 -0.78
C ASN A 10 -11.01 -24.92 -0.49
N SER A 11 -10.20 -24.08 0.14
CA SER A 11 -10.63 -22.72 0.48
C SER A 11 -9.64 -21.69 -0.06
N ASP A 12 -9.91 -20.43 0.21
CA ASP A 12 -9.05 -19.34 -0.25
C ASP A 12 -8.18 -18.82 0.89
N HIS A 13 -7.32 -17.85 0.57
CA HIS A 13 -6.43 -17.26 1.57
C HIS A 13 -6.02 -15.86 1.16
N THR A 14 -6.72 -14.86 1.70
CA THR A 14 -6.43 -13.47 1.39
C THR A 14 -5.03 -13.09 1.87
N THR A 15 -4.21 -12.60 0.93
CA THR A 15 -2.84 -12.20 1.26
C THR A 15 -2.80 -10.74 1.69
N SER A 16 -3.50 -9.88 0.94
CA SER A 16 -3.54 -8.45 1.25
C SER A 16 -4.32 -8.19 2.52
N ARG A 17 -5.52 -8.77 2.61
CA ARG A 17 -6.37 -8.60 3.78
C ARG A 17 -5.69 -9.12 5.04
N ALA A 18 -4.73 -10.03 4.86
CA ALA A 18 -4.01 -10.61 6.00
C ALA A 18 -2.68 -9.89 6.22
N MET A 19 -2.65 -8.59 5.90
CA MET A 19 -1.44 -7.80 6.08
C MET A 19 -1.70 -6.57 6.93
N LEU A 20 -2.82 -5.90 6.66
CA LEU A 20 -3.20 -4.71 7.40
C LEU A 20 -3.75 -5.07 8.77
N THR A 21 -4.41 -6.22 8.85
CA THR A 21 -4.99 -6.70 10.10
C THR A 21 -3.89 -7.05 11.10
N SER A 22 -2.84 -7.72 10.62
CA SER A 22 -1.73 -8.11 11.48
C SER A 22 -0.98 -6.89 11.99
N LEU A 23 -0.47 -6.08 11.07
CA LEU A 23 0.26 -4.88 11.43
C LEU A 23 -0.65 -3.86 12.11
N GLY A 24 -1.92 -3.86 11.71
CA GLY A 24 -2.87 -2.93 12.29
C GLY A 24 -2.99 -1.64 11.50
N LEU A 25 -3.24 -1.76 10.20
CA LEU A 25 -3.36 -0.60 9.34
C LEU A 25 -4.68 -0.64 8.56
N LYS A 26 -4.93 0.40 7.78
CA LYS A 26 -6.15 0.49 6.99
C LYS A 26 -6.15 1.74 6.12
N LEU A 27 -7.29 2.04 5.52
CA LEU A 27 -7.42 3.22 4.67
C LEU A 27 -7.59 4.48 5.50
N GLY A 28 -6.49 5.17 5.75
CA GLY A 28 -6.54 6.39 6.54
C GLY A 28 -5.38 6.50 7.51
N ASP A 29 -4.86 5.36 7.95
CA ASP A 29 -3.74 5.33 8.88
C ASP A 29 -2.44 5.70 8.18
N ARG A 30 -1.46 6.14 8.96
CA ARG A 30 -0.16 6.53 8.42
C ARG A 30 0.75 5.32 8.28
N VAL A 31 1.44 5.23 7.15
CA VAL A 31 2.35 4.12 6.89
C VAL A 31 3.75 4.63 6.55
N VAL A 32 4.67 3.70 6.31
CA VAL A 32 6.05 4.04 5.97
C VAL A 32 6.64 3.05 4.99
N ILE A 33 7.01 3.54 3.82
CA ILE A 33 7.60 2.69 2.78
C ILE A 33 9.04 2.31 3.13
N ALA A 34 9.26 1.03 3.37
CA ALA A 34 10.59 0.54 3.71
C ALA A 34 11.12 1.21 4.97
N GLY A 35 10.21 1.63 5.85
CA GLY A 35 10.61 2.29 7.07
C GLY A 35 11.44 3.53 6.82
N GLN A 36 11.17 4.21 5.71
CA GLN A 36 11.90 5.42 5.36
C GLN A 36 10.94 6.54 4.98
N LYS A 37 10.31 6.41 3.82
CA LYS A 37 9.36 7.42 3.35
C LYS A 37 8.11 7.45 4.22
N VAL A 38 7.60 8.64 4.47
CA VAL A 38 6.41 8.80 5.29
C VAL A 38 5.22 9.27 4.44
N GLY A 39 4.09 8.59 4.59
CA GLY A 39 2.91 8.94 3.84
C GLY A 39 1.65 8.30 4.39
N THR A 40 0.50 8.78 3.94
CA THR A 40 -0.78 8.24 4.39
C THR A 40 -1.28 7.16 3.44
N LEU A 41 -1.53 5.97 3.98
CA LEU A 41 -2.01 4.85 3.18
C LEU A 41 -3.34 5.19 2.50
N ARG A 42 -3.34 5.18 1.18
CA ARG A 42 -4.54 5.48 0.41
C ARG A 42 -5.07 4.24 -0.30
N PHE A 43 -4.17 3.50 -0.92
CA PHE A 43 -4.54 2.28 -1.63
C PHE A 43 -3.66 1.10 -1.21
N CYS A 44 -4.25 -0.09 -1.20
CA CYS A 44 -3.52 -1.30 -0.81
C CYS A 44 -3.96 -2.48 -1.66
N GLY A 45 -2.98 -3.19 -2.22
CA GLY A 45 -3.26 -4.34 -3.04
C GLY A 45 -2.46 -4.35 -4.33
N THR A 46 -2.73 -5.34 -5.19
CA THR A 46 -2.02 -5.46 -6.45
C THR A 46 -2.34 -4.28 -7.37
N THR A 47 -1.78 -4.31 -8.57
CA THR A 47 -2.00 -3.24 -9.55
C THR A 47 -2.10 -3.80 -10.96
N GLU A 48 -2.26 -2.91 -11.93
CA GLU A 48 -2.37 -3.31 -13.33
C GLU A 48 -1.17 -2.82 -14.13
N PHE A 49 -0.03 -2.70 -13.46
CA PHE A 49 1.20 -2.23 -14.12
C PHE A 49 2.42 -2.98 -13.60
N ALA A 50 2.50 -3.13 -12.29
CA ALA A 50 3.63 -3.83 -11.67
C ALA A 50 3.17 -5.15 -11.04
N SER A 51 4.06 -6.13 -11.01
CA SER A 51 3.76 -7.43 -10.44
C SER A 51 3.87 -7.40 -8.92
N GLY A 52 3.10 -8.26 -8.27
CA GLY A 52 3.12 -8.32 -6.81
C GLY A 52 2.15 -7.34 -6.18
N GLN A 53 2.10 -7.34 -4.85
CA GLN A 53 1.21 -6.45 -4.13
C GLN A 53 1.84 -5.07 -3.95
N TRP A 54 1.00 -4.03 -3.97
CA TRP A 54 1.48 -2.67 -3.81
C TRP A 54 0.51 -1.84 -2.97
N ALA A 55 0.86 -0.59 -2.72
CA ALA A 55 0.03 0.30 -1.92
C ALA A 55 0.25 1.76 -2.31
N GLY A 56 -0.84 2.47 -2.56
CA GLY A 56 -0.74 3.87 -2.94
C GLY A 56 -0.72 4.78 -1.73
N ILE A 57 0.39 5.51 -1.57
CA ILE A 57 0.54 6.44 -0.45
C ILE A 57 0.84 7.85 -0.94
N GLU A 58 0.27 8.83 -0.26
CA GLU A 58 0.47 10.23 -0.63
C GLU A 58 1.56 10.87 0.23
N LEU A 59 2.74 11.02 -0.34
CA LEU A 59 3.86 11.62 0.37
C LEU A 59 3.55 13.05 0.80
N ASP A 60 3.97 13.40 2.01
CA ASP A 60 3.72 14.74 2.54
C ASP A 60 4.52 15.78 1.76
N GLU A 61 5.69 15.39 1.27
CA GLU A 61 6.54 16.29 0.51
C GLU A 61 6.61 15.87 -0.96
N PRO A 62 6.97 16.80 -1.85
CA PRO A 62 7.07 16.52 -3.28
C PRO A 62 8.25 15.61 -3.61
N GLU A 63 7.95 14.33 -3.87
CA GLU A 63 8.98 13.36 -4.19
C GLU A 63 8.37 12.09 -4.77
N GLY A 64 7.25 12.24 -5.48
CA GLY A 64 6.58 11.10 -6.07
C GLY A 64 6.55 11.16 -7.58
N LYS A 65 6.27 10.02 -8.21
CA LYS A 65 6.21 9.94 -9.67
C LYS A 65 4.79 9.66 -10.14
N ASN A 66 3.82 10.12 -9.37
CA ASN A 66 2.41 9.92 -9.71
C ASN A 66 1.54 11.04 -9.15
N ASN A 67 0.27 11.04 -9.52
CA ASN A 67 -0.66 12.06 -9.04
C ASN A 67 -2.01 11.44 -8.69
N GLY A 68 -1.97 10.18 -8.23
CA GLY A 68 -3.19 9.50 -7.85
C GLY A 68 -3.53 8.35 -8.79
N SER A 69 -3.48 8.62 -10.09
CA SER A 69 -3.78 7.61 -11.09
C SER A 69 -2.51 7.17 -11.82
N VAL A 70 -2.52 5.93 -12.32
CA VAL A 70 -1.38 5.38 -13.04
C VAL A 70 -1.75 5.04 -14.47
N GLY A 71 -1.31 5.87 -15.41
CA GLY A 71 -1.60 5.65 -16.81
C GLY A 71 -3.09 5.71 -17.11
N ARG A 72 -3.68 4.56 -17.39
CA ARG A 72 -5.11 4.50 -17.70
C ARG A 72 -5.89 3.83 -16.56
N VAL A 73 -5.38 3.98 -15.34
CA VAL A 73 -6.01 3.39 -14.17
C VAL A 73 -6.07 4.39 -13.02
N GLN A 74 -7.10 4.27 -12.20
CA GLN A 74 -7.27 5.17 -11.05
C GLN A 74 -7.22 4.39 -9.74
N TYR A 75 -6.48 4.92 -8.78
CA TYR A 75 -6.35 4.29 -7.47
C TYR A 75 -6.70 5.27 -6.35
N PHE A 76 -6.14 6.47 -6.44
CA PHE A 76 -6.40 7.50 -5.44
C PHE A 76 -6.18 8.89 -6.02
N LYS A 77 -6.41 9.92 -5.21
CA LYS A 77 -6.24 11.30 -5.65
C LYS A 77 -5.25 12.04 -4.76
N CYS A 78 -4.50 12.96 -5.36
CA CYS A 78 -3.51 13.74 -4.63
C CYS A 78 -2.86 14.77 -5.53
N ALA A 79 -1.89 15.50 -4.98
CA ALA A 79 -1.18 16.52 -5.74
C ALA A 79 -0.16 15.90 -6.70
N PRO A 80 0.29 16.66 -7.70
CA PRO A 80 1.27 16.17 -8.68
C PRO A 80 2.65 15.95 -8.07
N LYS A 81 3.30 14.86 -8.46
CA LYS A 81 4.63 14.55 -7.95
C LYS A 81 4.59 14.32 -6.44
N TYR A 82 3.47 13.80 -5.96
CA TYR A 82 3.31 13.53 -4.53
C TYR A 82 2.92 12.07 -4.29
N GLY A 83 2.00 11.57 -5.10
CA GLY A 83 1.57 10.19 -4.96
C GLY A 83 2.61 9.20 -5.41
N ILE A 84 2.66 8.05 -4.76
CA ILE A 84 3.62 7.00 -5.11
C ILE A 84 3.14 5.64 -4.65
N PHE A 85 3.57 4.60 -5.36
CA PHE A 85 3.18 3.22 -5.02
C PHE A 85 4.38 2.43 -4.51
N ALA A 86 4.12 1.54 -3.55
CA ALA A 86 5.18 0.72 -2.98
C ALA A 86 4.62 -0.64 -2.53
N PRO A 87 5.48 -1.67 -2.49
CA PRO A 87 5.08 -3.02 -2.08
C PRO A 87 4.43 -3.04 -0.70
N LEU A 88 3.21 -3.54 -0.63
CA LEU A 88 2.48 -3.63 0.64
C LEU A 88 3.38 -4.22 1.72
N SER A 89 4.03 -5.32 1.36
CA SER A 89 4.94 -5.99 2.29
C SER A 89 6.01 -5.00 2.76
N LYS A 90 6.26 -3.98 1.94
CA LYS A 90 7.23 -2.96 2.28
C LYS A 90 6.57 -1.83 3.07
N ILE A 91 5.24 -1.79 3.05
CA ILE A 91 4.50 -0.76 3.76
C ILE A 91 4.24 -1.17 5.20
N SER A 92 4.87 -0.46 6.13
CA SER A 92 4.71 -0.75 7.56
C SER A 92 3.95 0.37 8.26
N LYS A 93 3.74 0.21 9.56
CA LYS A 93 3.02 1.22 10.35
C LYS A 93 4.00 2.23 10.94
N LEU A 94 3.54 3.46 11.09
CA LEU A 94 4.36 4.53 11.65
C LEU A 94 4.33 4.50 13.18
N LYS A 95 5.47 4.77 13.79
CA LYS A 95 5.57 4.78 15.25
C LYS A 95 6.43 5.95 15.73
N ASP A 96 6.04 6.53 16.86
CA ASP A 96 6.78 7.65 17.42
C ASP A 96 7.94 7.17 18.29
N SER A 97 9.02 6.77 17.64
CA SER A 97 10.20 6.29 18.36
C SER A 97 11.44 6.36 17.48
N GLY A 98 11.33 5.82 16.26
CA GLY A 98 12.46 5.84 15.35
C GLY A 98 12.93 7.25 15.03
N PRO A 99 12.42 7.85 13.94
CA PRO A 99 12.80 9.20 13.54
C PRO A 99 12.12 10.28 14.38
N SER A 100 12.33 10.21 15.69
CA SER A 100 11.74 11.18 16.61
C SER A 100 12.12 10.86 18.05
N SER A 101 13.02 11.65 18.61
CA SER A 101 13.49 11.46 19.98
C SER A 101 13.35 12.76 20.79
N GLY A 102 12.67 12.66 21.94
CA GLY A 102 12.49 13.83 22.78
C GLY A 102 11.71 13.51 24.04
N GLY A 1 -2.08 -16.65 -32.19
CA GLY A 1 -2.39 -17.90 -32.93
C GLY A 1 -3.60 -18.63 -32.38
N SER A 2 -3.46 -19.17 -31.17
CA SER A 2 -4.56 -19.89 -30.52
C SER A 2 -4.34 -19.96 -29.01
N SER A 3 -5.20 -19.28 -28.26
CA SER A 3 -5.10 -19.26 -26.81
C SER A 3 -6.49 -19.27 -26.17
N GLY A 4 -6.52 -19.31 -24.85
CA GLY A 4 -7.79 -19.32 -24.14
C GLY A 4 -7.62 -19.23 -22.64
N SER A 5 -7.55 -20.38 -21.98
CA SER A 5 -7.38 -20.43 -20.53
C SER A 5 -6.21 -21.33 -20.14
N SER A 6 -5.54 -20.98 -19.05
CA SER A 6 -4.39 -21.76 -18.57
C SER A 6 -4.86 -22.95 -17.74
N GLY A 7 -5.94 -22.76 -17.00
CA GLY A 7 -6.48 -23.82 -16.16
C GLY A 7 -6.25 -23.57 -14.69
N LEU A 8 -6.40 -22.31 -14.28
CA LEU A 8 -6.21 -21.94 -12.88
C LEU A 8 -7.21 -20.85 -12.46
N PRO A 9 -8.26 -21.24 -11.72
CA PRO A 9 -9.29 -20.28 -11.26
C PRO A 9 -8.74 -19.29 -10.24
N ASN A 10 -8.01 -19.80 -9.26
CA ASN A 10 -7.43 -18.95 -8.21
C ASN A 10 -6.52 -19.77 -7.29
N SER A 11 -5.68 -19.07 -6.54
CA SER A 11 -4.76 -19.73 -5.62
C SER A 11 -3.95 -18.69 -4.83
N ASP A 12 -3.53 -17.64 -5.51
CA ASP A 12 -2.75 -16.58 -4.89
C ASP A 12 -2.59 -15.39 -5.82
N HIS A 13 -3.30 -14.31 -5.52
CA HIS A 13 -3.25 -13.10 -6.33
C HIS A 13 -3.67 -11.87 -5.52
N THR A 14 -4.88 -11.92 -4.98
CA THR A 14 -5.39 -10.81 -4.18
C THR A 14 -5.37 -11.15 -2.70
N THR A 15 -4.26 -10.85 -2.05
CA THR A 15 -4.10 -11.11 -0.62
C THR A 15 -3.95 -9.82 0.16
N SER A 16 -5.07 -9.13 0.39
CA SER A 16 -5.06 -7.88 1.14
C SER A 16 -5.79 -8.03 2.47
N ARG A 17 -6.84 -8.85 2.47
CA ARG A 17 -7.61 -9.08 3.68
C ARG A 17 -6.78 -9.80 4.74
N ALA A 18 -5.84 -10.63 4.28
CA ALA A 18 -4.98 -11.37 5.18
C ALA A 18 -3.72 -10.58 5.51
N MET A 19 -3.17 -9.91 4.50
CA MET A 19 -1.95 -9.12 4.68
C MET A 19 -2.20 -7.96 5.65
N LEU A 20 -3.31 -7.27 5.46
CA LEU A 20 -3.66 -6.14 6.32
C LEU A 20 -3.81 -6.58 7.77
N THR A 21 -4.25 -7.82 7.96
CA THR A 21 -4.43 -8.37 9.30
C THR A 21 -3.09 -8.75 9.93
N SER A 22 -2.18 -9.21 9.09
CA SER A 22 -0.85 -9.61 9.56
C SER A 22 -0.04 -8.40 10.01
N LEU A 23 -0.03 -7.36 9.17
CA LEU A 23 0.71 -6.14 9.49
C LEU A 23 -0.06 -5.28 10.49
N GLY A 24 -1.37 -5.20 10.29
CA GLY A 24 -2.20 -4.41 11.19
C GLY A 24 -2.35 -2.97 10.72
N LEU A 25 -2.73 -2.80 9.45
CA LEU A 25 -2.91 -1.48 8.88
C LEU A 25 -4.29 -1.36 8.21
N LYS A 26 -4.63 -0.15 7.79
CA LYS A 26 -5.90 0.10 7.15
C LYS A 26 -5.84 1.35 6.26
N LEU A 27 -6.81 1.49 5.36
CA LEU A 27 -6.85 2.64 4.46
C LEU A 27 -7.23 3.90 5.22
N GLY A 28 -6.34 4.89 5.22
CA GLY A 28 -6.60 6.14 5.91
C GLY A 28 -5.76 6.29 7.16
N ASP A 29 -4.58 5.67 7.17
CA ASP A 29 -3.69 5.75 8.31
C ASP A 29 -2.25 6.05 7.87
N ARG A 30 -1.42 6.47 8.82
CA ARG A 30 -0.03 6.79 8.52
C ARG A 30 0.79 5.52 8.35
N VAL A 31 1.58 5.46 7.27
CA VAL A 31 2.41 4.31 7.00
C VAL A 31 3.84 4.72 6.69
N VAL A 32 4.70 3.73 6.42
CA VAL A 32 6.10 4.00 6.12
C VAL A 32 6.62 3.02 5.07
N ILE A 33 7.15 3.57 3.98
CA ILE A 33 7.70 2.74 2.91
C ILE A 33 9.10 2.25 3.23
N ALA A 34 9.23 0.94 3.44
CA ALA A 34 10.52 0.34 3.76
C ALA A 34 11.10 0.94 5.03
N GLY A 35 10.23 1.37 5.94
CA GLY A 35 10.67 1.96 7.19
C GLY A 35 11.55 3.17 6.97
N GLN A 36 11.34 3.87 5.86
CA GLN A 36 12.14 5.05 5.54
C GLN A 36 11.22 6.23 5.22
N LYS A 37 10.57 6.18 4.06
CA LYS A 37 9.67 7.25 3.64
C LYS A 37 8.38 7.22 4.44
N VAL A 38 7.84 8.40 4.74
CA VAL A 38 6.61 8.50 5.51
C VAL A 38 5.48 9.03 4.63
N GLY A 39 4.26 8.58 4.92
CA GLY A 39 3.11 9.01 4.16
C GLY A 39 1.80 8.46 4.71
N THR A 40 0.70 8.72 4.00
CA THR A 40 -0.61 8.24 4.43
C THR A 40 -1.15 7.20 3.45
N LEU A 41 -1.28 5.96 3.93
CA LEU A 41 -1.79 4.88 3.10
C LEU A 41 -3.21 5.17 2.63
N ARG A 42 -3.42 5.11 1.31
CA ARG A 42 -4.73 5.37 0.74
C ARG A 42 -5.27 4.13 0.03
N PHE A 43 -4.38 3.43 -0.67
CA PHE A 43 -4.77 2.22 -1.38
C PHE A 43 -3.84 1.05 -1.03
N CYS A 44 -4.35 -0.17 -1.20
CA CYS A 44 -3.57 -1.36 -0.89
C CYS A 44 -4.13 -2.58 -1.61
N GLY A 45 -3.29 -3.23 -2.41
CA GLY A 45 -3.73 -4.41 -3.15
C GLY A 45 -2.89 -4.66 -4.38
N THR A 46 -3.48 -5.33 -5.37
CA THR A 46 -2.77 -5.64 -6.61
C THR A 46 -2.91 -4.51 -7.62
N THR A 47 -1.95 -4.40 -8.52
CA THR A 47 -1.96 -3.36 -9.54
C THR A 47 -2.25 -3.96 -10.92
N GLU A 48 -2.25 -3.10 -11.94
CA GLU A 48 -2.52 -3.54 -13.30
C GLU A 48 -1.37 -3.15 -14.23
N PHE A 49 -0.15 -3.19 -13.71
CA PHE A 49 1.03 -2.84 -14.49
C PHE A 49 2.30 -3.43 -13.88
N ALA A 50 2.43 -3.25 -12.56
CA ALA A 50 3.59 -3.76 -11.84
C ALA A 50 3.41 -5.24 -11.48
N SER A 51 2.16 -5.66 -11.30
CA SER A 51 1.86 -7.03 -10.95
C SER A 51 2.45 -7.40 -9.60
N GLY A 52 1.67 -7.18 -8.54
CA GLY A 52 2.14 -7.49 -7.20
C GLY A 52 1.41 -6.70 -6.13
N GLN A 53 1.78 -6.91 -4.88
CA GLN A 53 1.16 -6.22 -3.76
C GLN A 53 1.74 -4.81 -3.60
N TRP A 54 0.98 -3.81 -4.04
CA TRP A 54 1.42 -2.43 -3.94
C TRP A 54 0.54 -1.64 -2.99
N ALA A 55 0.85 -0.35 -2.82
CA ALA A 55 0.07 0.51 -1.94
C ALA A 55 0.13 1.97 -2.39
N GLY A 56 -1.02 2.62 -2.42
CA GLY A 56 -1.08 4.00 -2.83
C GLY A 56 -0.97 4.97 -1.67
N ILE A 57 0.25 5.44 -1.42
CA ILE A 57 0.50 6.37 -0.33
C ILE A 57 0.66 7.80 -0.84
N GLU A 58 0.25 8.77 -0.04
CA GLU A 58 0.35 10.18 -0.42
C GLU A 58 1.34 10.91 0.48
N LEU A 59 2.51 11.22 -0.06
CA LEU A 59 3.54 11.91 0.70
C LEU A 59 3.11 13.35 1.00
N ASP A 60 3.28 13.76 2.25
CA ASP A 60 2.90 15.12 2.67
C ASP A 60 3.73 16.16 1.92
N GLU A 61 4.97 15.79 1.58
CA GLU A 61 5.85 16.70 0.86
C GLU A 61 6.03 16.26 -0.59
N PRO A 62 6.36 17.20 -1.48
CA PRO A 62 6.55 16.91 -2.91
C PRO A 62 7.76 16.01 -3.15
N GLU A 63 7.51 14.71 -3.32
CA GLU A 63 8.57 13.75 -3.57
C GLU A 63 8.01 12.45 -4.14
N GLY A 64 6.91 12.57 -4.89
CA GLY A 64 6.30 11.40 -5.48
C GLY A 64 6.59 11.28 -6.96
N LYS A 65 6.03 10.26 -7.60
CA LYS A 65 6.24 10.04 -9.03
C LYS A 65 4.93 9.64 -9.72
N ASN A 66 3.82 10.13 -9.18
CA ASN A 66 2.51 9.82 -9.74
C ASN A 66 1.50 10.91 -9.39
N ASN A 67 0.41 10.97 -10.16
CA ASN A 67 -0.63 11.97 -9.93
C ASN A 67 -1.92 11.31 -9.45
N GLY A 68 -1.79 10.19 -8.74
CA GLY A 68 -2.95 9.49 -8.24
C GLY A 68 -3.32 8.30 -9.11
N SER A 69 -3.00 8.39 -10.40
CA SER A 69 -3.31 7.31 -11.34
C SER A 69 -2.06 6.89 -12.11
N VAL A 70 -2.08 5.67 -12.63
CA VAL A 70 -0.95 5.15 -13.39
C VAL A 70 -1.42 4.53 -14.70
N GLY A 71 -1.14 5.22 -15.80
CA GLY A 71 -1.54 4.72 -17.11
C GLY A 71 -3.01 4.92 -17.38
N ARG A 72 -3.71 3.82 -17.64
CA ARG A 72 -5.15 3.87 -17.91
C ARG A 72 -5.95 3.31 -16.75
N VAL A 73 -5.42 3.45 -15.54
CA VAL A 73 -6.07 2.95 -14.34
C VAL A 73 -5.97 3.94 -13.20
N GLN A 74 -7.01 4.01 -12.37
CA GLN A 74 -7.03 4.92 -11.23
C GLN A 74 -6.94 4.15 -9.92
N TYR A 75 -6.32 4.77 -8.92
CA TYR A 75 -6.16 4.15 -7.61
C TYR A 75 -6.66 5.07 -6.51
N PHE A 76 -6.02 6.23 -6.38
CA PHE A 76 -6.39 7.20 -5.36
C PHE A 76 -6.20 8.63 -5.87
N LYS A 77 -6.82 9.59 -5.19
CA LYS A 77 -6.70 10.99 -5.57
C LYS A 77 -5.57 11.66 -4.81
N CYS A 78 -4.82 12.52 -5.51
CA CYS A 78 -3.70 13.23 -4.90
C CYS A 78 -3.17 14.31 -5.83
N ALA A 79 -2.16 15.03 -5.38
CA ALA A 79 -1.54 16.09 -6.18
C ALA A 79 -0.37 15.56 -6.98
N PRO A 80 0.04 16.29 -8.04
CA PRO A 80 1.16 15.90 -8.89
C PRO A 80 2.48 15.85 -8.12
N LYS A 81 3.29 14.82 -8.39
CA LYS A 81 4.57 14.67 -7.73
C LYS A 81 4.40 14.56 -6.21
N TYR A 82 3.35 13.87 -5.80
CA TYR A 82 3.07 13.69 -4.37
C TYR A 82 2.74 12.23 -4.07
N GLY A 83 1.87 11.64 -4.89
CA GLY A 83 1.48 10.26 -4.70
C GLY A 83 2.49 9.29 -5.25
N ILE A 84 2.65 8.15 -4.60
CA ILE A 84 3.60 7.13 -5.03
C ILE A 84 3.12 5.73 -4.65
N PHE A 85 3.47 4.75 -5.47
CA PHE A 85 3.08 3.36 -5.22
C PHE A 85 4.28 2.52 -4.81
N ALA A 86 4.18 1.88 -3.65
CA ALA A 86 5.27 1.04 -3.16
C ALA A 86 4.74 -0.34 -2.76
N PRO A 87 5.61 -1.37 -2.83
CA PRO A 87 5.23 -2.74 -2.48
C PRO A 87 4.67 -2.85 -1.07
N LEU A 88 3.42 -3.29 -0.96
CA LEU A 88 2.76 -3.44 0.33
C LEU A 88 3.67 -4.17 1.31
N SER A 89 4.27 -5.25 0.82
CA SER A 89 5.20 -6.04 1.61
C SER A 89 6.31 -5.14 2.15
N LYS A 90 6.56 -4.04 1.44
CA LYS A 90 7.59 -3.09 1.84
C LYS A 90 6.99 -1.99 2.73
N ILE A 91 5.66 -1.91 2.75
CA ILE A 91 4.97 -0.91 3.55
C ILE A 91 4.75 -1.41 4.99
N SER A 92 4.80 -0.49 5.94
CA SER A 92 4.60 -0.84 7.35
C SER A 92 3.98 0.32 8.11
N LYS A 93 3.65 0.08 9.37
CA LYS A 93 3.05 1.10 10.23
C LYS A 93 4.11 2.06 10.74
N LEU A 94 3.71 3.30 10.99
CA LEU A 94 4.62 4.32 11.49
C LEU A 94 5.13 3.96 12.88
N LYS A 95 6.44 3.74 12.99
CA LYS A 95 7.05 3.39 14.27
C LYS A 95 6.47 2.10 14.81
N ASP A 96 7.09 0.97 14.46
CA ASP A 96 6.63 -0.33 14.92
C ASP A 96 7.10 -0.60 16.34
N SER A 97 8.40 -0.40 16.59
CA SER A 97 8.98 -0.62 17.90
C SER A 97 9.90 0.53 18.29
N GLY A 98 9.63 1.13 19.45
CA GLY A 98 10.43 2.24 19.91
C GLY A 98 10.61 2.23 21.42
N PRO A 99 11.83 1.94 21.92
CA PRO A 99 12.10 1.91 23.36
C PRO A 99 11.61 3.17 24.07
N SER A 100 10.74 2.98 25.07
CA SER A 100 10.21 4.11 25.83
C SER A 100 11.00 4.32 27.11
N SER A 101 11.29 3.23 27.81
CA SER A 101 12.04 3.30 29.07
C SER A 101 13.43 3.86 28.82
N GLY A 102 13.72 4.99 29.44
CA GLY A 102 15.02 5.62 29.29
C GLY A 102 15.25 6.74 30.27
N GLY A 1 -7.68 -35.89 -9.13
CA GLY A 1 -8.70 -36.92 -9.48
C GLY A 1 -9.58 -36.49 -10.64
N SER A 2 -10.26 -35.35 -10.47
CA SER A 2 -11.14 -34.83 -11.50
C SER A 2 -10.90 -33.34 -11.73
N SER A 3 -9.99 -33.03 -12.65
CA SER A 3 -9.66 -31.64 -12.96
C SER A 3 -9.42 -31.46 -14.45
N GLY A 4 -10.43 -30.96 -15.15
CA GLY A 4 -10.31 -30.75 -16.59
C GLY A 4 -10.13 -29.28 -16.95
N SER A 5 -8.92 -28.77 -16.79
CA SER A 5 -8.62 -27.38 -17.10
C SER A 5 -9.41 -26.44 -16.19
N SER A 6 -8.69 -25.61 -15.44
CA SER A 6 -9.32 -24.67 -14.54
C SER A 6 -9.73 -23.39 -15.27
N GLY A 7 -8.96 -23.03 -16.30
CA GLY A 7 -9.25 -21.84 -17.07
C GLY A 7 -8.05 -20.93 -17.21
N LEU A 8 -8.18 -19.70 -16.73
CA LEU A 8 -7.09 -18.73 -16.81
C LEU A 8 -6.47 -18.50 -15.44
N PRO A 9 -5.15 -18.30 -15.38
CA PRO A 9 -4.43 -18.07 -14.11
C PRO A 9 -5.04 -16.92 -13.31
N ASN A 10 -5.31 -15.81 -13.99
CA ASN A 10 -5.90 -14.63 -13.35
C ASN A 10 -4.92 -14.00 -12.38
N SER A 11 -4.67 -14.68 -11.26
CA SER A 11 -3.76 -14.19 -10.24
C SER A 11 -2.67 -15.22 -9.95
N ASP A 12 -1.74 -14.86 -9.07
CA ASP A 12 -0.65 -15.75 -8.69
C ASP A 12 -0.32 -15.61 -7.21
N HIS A 13 -0.18 -14.37 -6.76
CA HIS A 13 0.14 -14.10 -5.36
C HIS A 13 -0.57 -12.84 -4.88
N THR A 14 -1.81 -13.00 -4.44
CA THR A 14 -2.60 -11.87 -3.95
C THR A 14 -3.01 -12.08 -2.50
N THR A 15 -2.35 -11.36 -1.59
CA THR A 15 -2.65 -11.47 -0.17
C THR A 15 -2.70 -10.08 0.48
N SER A 16 -3.80 -9.38 0.25
CA SER A 16 -3.98 -8.05 0.82
C SER A 16 -4.78 -8.11 2.12
N ARG A 17 -5.78 -8.98 2.15
CA ARG A 17 -6.62 -9.14 3.33
C ARG A 17 -5.86 -9.86 4.45
N ALA A 18 -4.96 -10.75 4.05
CA ALA A 18 -4.17 -11.50 5.01
C ALA A 18 -2.78 -10.90 5.19
N MET A 19 -2.73 -9.56 5.17
CA MET A 19 -1.47 -8.85 5.33
C MET A 19 -1.65 -7.60 6.19
N LEU A 20 -2.60 -6.76 5.79
CA LEU A 20 -2.88 -5.52 6.51
C LEU A 20 -3.35 -5.82 7.93
N THR A 21 -4.03 -6.95 8.11
CA THR A 21 -4.54 -7.35 9.42
C THR A 21 -3.46 -8.11 10.20
N SER A 22 -2.61 -8.83 9.48
CA SER A 22 -1.55 -9.60 10.12
C SER A 22 -0.46 -8.67 10.67
N LEU A 23 -0.26 -7.54 10.00
CA LEU A 23 0.74 -6.57 10.41
C LEU A 23 0.13 -5.53 11.36
N GLY A 24 -1.03 -5.00 10.97
CA GLY A 24 -1.68 -3.99 11.79
C GLY A 24 -1.82 -2.67 11.07
N LEU A 25 -2.25 -2.72 9.81
CA LEU A 25 -2.43 -1.50 9.01
C LEU A 25 -3.84 -1.44 8.43
N LYS A 26 -4.27 -0.24 8.07
CA LYS A 26 -5.59 -0.03 7.50
C LYS A 26 -5.63 1.24 6.67
N LEU A 27 -6.50 1.26 5.66
CA LEU A 27 -6.64 2.42 4.79
C LEU A 27 -7.05 3.66 5.59
N GLY A 28 -6.21 4.68 5.56
CA GLY A 28 -6.51 5.91 6.27
C GLY A 28 -5.43 6.26 7.27
N ASP A 29 -4.86 5.24 7.93
CA ASP A 29 -3.82 5.46 8.92
C ASP A 29 -2.51 5.88 8.24
N ARG A 30 -1.54 6.32 9.05
CA ARG A 30 -0.25 6.75 8.53
C ARG A 30 0.72 5.57 8.43
N VAL A 31 1.26 5.36 7.24
CA VAL A 31 2.20 4.28 7.02
C VAL A 31 3.57 4.80 6.59
N VAL A 32 4.51 3.89 6.36
CA VAL A 32 5.85 4.26 5.95
C VAL A 32 6.40 3.30 4.91
N ILE A 33 7.04 3.84 3.89
CA ILE A 33 7.61 3.02 2.82
C ILE A 33 9.02 2.56 3.17
N ALA A 34 9.16 1.26 3.43
CA ALA A 34 10.46 0.69 3.79
C ALA A 34 11.04 1.38 5.02
N GLY A 35 10.16 1.86 5.90
CA GLY A 35 10.61 2.52 7.11
C GLY A 35 11.48 3.73 6.82
N GLN A 36 11.20 4.41 5.71
CA GLN A 36 11.96 5.59 5.33
C GLN A 36 11.03 6.73 4.94
N LYS A 37 10.34 6.57 3.82
CA LYS A 37 9.42 7.59 3.33
C LYS A 37 8.09 7.52 4.07
N VAL A 38 7.67 8.64 4.64
CA VAL A 38 6.41 8.70 5.38
C VAL A 38 5.27 9.15 4.48
N GLY A 39 4.10 8.56 4.67
CA GLY A 39 2.94 8.91 3.87
C GLY A 39 1.66 8.30 4.39
N THR A 40 0.53 8.78 3.89
CA THR A 40 -0.77 8.29 4.32
C THR A 40 -1.28 7.22 3.37
N LEU A 41 -1.56 6.04 3.90
CA LEU A 41 -2.07 4.93 3.09
C LEU A 41 -3.46 5.23 2.57
N ARG A 42 -3.60 5.24 1.25
CA ARG A 42 -4.89 5.52 0.62
C ARG A 42 -5.42 4.28 -0.09
N PHE A 43 -4.52 3.52 -0.71
CA PHE A 43 -4.90 2.31 -1.43
C PHE A 43 -3.99 1.15 -1.05
N CYS A 44 -4.47 -0.08 -1.27
CA CYS A 44 -3.69 -1.27 -0.95
C CYS A 44 -4.21 -2.48 -1.73
N GLY A 45 -3.29 -3.24 -2.32
CA GLY A 45 -3.67 -4.41 -3.09
C GLY A 45 -2.93 -4.50 -4.40
N THR A 46 -3.52 -5.23 -5.35
CA THR A 46 -2.92 -5.40 -6.66
C THR A 46 -2.96 -4.10 -7.46
N THR A 47 -2.27 -4.08 -8.59
CA THR A 47 -2.23 -2.89 -9.44
C THR A 47 -2.46 -3.26 -10.90
N GLU A 48 -2.42 -2.25 -11.77
CA GLU A 48 -2.61 -2.48 -13.20
C GLU A 48 -1.38 -2.08 -13.99
N PHE A 49 -0.20 -2.23 -13.37
CA PHE A 49 1.06 -1.90 -14.02
C PHE A 49 2.16 -2.83 -13.57
N ALA A 50 2.26 -3.05 -12.25
CA ALA A 50 3.27 -3.92 -11.69
C ALA A 50 2.69 -5.28 -11.29
N SER A 51 3.55 -6.20 -10.91
CA SER A 51 3.11 -7.53 -10.50
C SER A 51 3.43 -7.78 -9.02
N GLY A 52 2.39 -7.89 -8.21
CA GLY A 52 2.59 -8.13 -6.80
C GLY A 52 1.69 -7.26 -5.93
N GLN A 53 1.98 -7.21 -4.64
CA GLN A 53 1.20 -6.41 -3.70
C GLN A 53 1.83 -5.03 -3.51
N TRP A 54 1.12 -4.00 -3.95
CA TRP A 54 1.62 -2.63 -3.83
C TRP A 54 0.68 -1.79 -2.95
N ALA A 55 1.04 -0.53 -2.77
CA ALA A 55 0.22 0.38 -1.96
C ALA A 55 0.30 1.81 -2.49
N GLY A 56 -0.85 2.46 -2.60
CA GLY A 56 -0.89 3.82 -3.09
C GLY A 56 -0.87 4.84 -1.98
N ILE A 57 0.32 5.19 -1.52
CA ILE A 57 0.48 6.16 -0.44
C ILE A 57 0.59 7.58 -0.99
N GLU A 58 0.20 8.56 -0.19
CA GLU A 58 0.27 9.97 -0.60
C GLU A 58 1.13 10.77 0.37
N LEU A 59 2.34 11.09 -0.05
CA LEU A 59 3.27 11.86 0.78
C LEU A 59 2.68 13.22 1.11
N ASP A 60 3.10 13.78 2.24
CA ASP A 60 2.63 15.09 2.67
C ASP A 60 3.22 16.20 1.82
N GLU A 61 4.43 15.97 1.32
CA GLU A 61 5.12 16.96 0.49
C GLU A 61 5.47 16.37 -0.88
N PRO A 62 5.83 17.23 -1.85
CA PRO A 62 6.19 16.79 -3.20
C PRO A 62 7.40 15.85 -3.20
N GLU A 63 7.14 14.58 -2.92
CA GLU A 63 8.22 13.59 -2.89
C GLU A 63 7.82 12.33 -3.67
N GLY A 64 6.98 12.52 -4.70
CA GLY A 64 6.55 11.40 -5.50
C GLY A 64 6.65 11.67 -6.99
N LYS A 65 6.36 10.67 -7.80
CA LYS A 65 6.42 10.81 -9.25
C LYS A 65 5.04 10.65 -9.87
N ASN A 66 4.19 9.85 -9.25
CA ASN A 66 2.85 9.62 -9.75
C ASN A 66 1.91 10.74 -9.33
N ASN A 67 0.78 10.85 -10.01
CA ASN A 67 -0.21 11.89 -9.72
C ASN A 67 -1.52 11.27 -9.25
N GLY A 68 -1.43 10.11 -8.60
CA GLY A 68 -2.62 9.44 -8.10
C GLY A 68 -3.05 8.30 -9.01
N SER A 69 -3.04 8.54 -10.30
CA SER A 69 -3.44 7.52 -11.27
C SER A 69 -2.25 7.09 -12.14
N VAL A 70 -2.13 5.80 -12.38
CA VAL A 70 -1.03 5.27 -13.18
C VAL A 70 -1.54 4.75 -14.52
N GLY A 71 -1.39 5.55 -15.57
CA GLY A 71 -1.84 5.15 -16.89
C GLY A 71 -3.34 5.32 -17.07
N ARG A 72 -4.02 4.23 -17.38
CA ARG A 72 -5.47 4.27 -17.58
C ARG A 72 -6.20 3.69 -16.36
N VAL A 73 -5.58 3.84 -15.19
CA VAL A 73 -6.17 3.33 -13.96
C VAL A 73 -6.03 4.35 -12.82
N GLN A 74 -7.09 4.52 -12.04
CA GLN A 74 -7.07 5.46 -10.93
C GLN A 74 -7.03 4.71 -9.59
N TYR A 75 -6.22 5.22 -8.67
CA TYR A 75 -6.09 4.61 -7.35
C TYR A 75 -6.54 5.57 -6.26
N PHE A 76 -5.90 6.73 -6.19
CA PHE A 76 -6.23 7.74 -5.20
C PHE A 76 -5.97 9.15 -5.73
N LYS A 77 -6.88 10.07 -5.43
CA LYS A 77 -6.75 11.44 -5.88
C LYS A 77 -5.65 12.16 -5.10
N CYS A 78 -4.88 12.99 -5.81
CA CYS A 78 -3.79 13.74 -5.18
C CYS A 78 -3.12 14.67 -6.19
N ALA A 79 -2.12 15.40 -5.72
CA ALA A 79 -1.39 16.33 -6.57
C ALA A 79 -0.29 15.62 -7.35
N PRO A 80 0.30 16.29 -8.35
CA PRO A 80 1.37 15.71 -9.16
C PRO A 80 2.68 15.56 -8.39
N LYS A 81 3.35 14.44 -8.59
CA LYS A 81 4.62 14.17 -7.90
C LYS A 81 4.42 14.11 -6.39
N TYR A 82 3.23 13.70 -5.97
CA TYR A 82 2.92 13.61 -4.54
C TYR A 82 2.65 12.15 -4.14
N GLY A 83 2.09 11.38 -5.06
CA GLY A 83 1.78 9.99 -4.77
C GLY A 83 2.93 9.06 -5.13
N ILE A 84 2.90 7.86 -4.58
CA ILE A 84 3.94 6.87 -4.84
C ILE A 84 3.44 5.46 -4.55
N PHE A 85 3.92 4.50 -5.34
CA PHE A 85 3.53 3.11 -5.16
C PHE A 85 4.71 2.24 -4.73
N ALA A 86 4.52 1.49 -3.66
CA ALA A 86 5.58 0.62 -3.15
C ALA A 86 5.02 -0.72 -2.68
N PRO A 87 5.84 -1.78 -2.70
CA PRO A 87 5.41 -3.12 -2.28
C PRO A 87 4.79 -3.13 -0.89
N LEU A 88 3.56 -3.61 -0.80
CA LEU A 88 2.85 -3.66 0.48
C LEU A 88 3.75 -4.28 1.54
N SER A 89 4.37 -5.40 1.17
CA SER A 89 5.28 -6.08 2.08
C SER A 89 6.37 -5.13 2.54
N LYS A 90 6.63 -4.11 1.73
CA LYS A 90 7.64 -3.11 2.06
C LYS A 90 7.01 -1.95 2.83
N ILE A 91 5.69 -1.89 2.83
CA ILE A 91 4.97 -0.83 3.53
C ILE A 91 4.61 -1.27 4.95
N SER A 92 5.14 -0.54 5.93
CA SER A 92 4.88 -0.85 7.34
C SER A 92 4.30 0.36 8.06
N LYS A 93 3.95 0.17 9.32
CA LYS A 93 3.38 1.24 10.13
C LYS A 93 4.45 2.28 10.48
N LEU A 94 4.00 3.51 10.75
CA LEU A 94 4.91 4.59 11.10
C LEU A 94 5.41 4.44 12.52
N LYS A 95 6.71 4.23 12.68
CA LYS A 95 7.31 4.07 14.01
C LYS A 95 7.43 5.41 14.71
N ASP A 96 7.11 5.43 16.00
CA ASP A 96 7.18 6.65 16.79
C ASP A 96 8.64 7.05 17.04
N SER A 97 9.05 8.16 16.44
CA SER A 97 10.42 8.64 16.60
C SER A 97 10.43 10.15 16.86
N GLY A 98 11.53 10.63 17.44
CA GLY A 98 11.64 12.05 17.73
C GLY A 98 11.29 12.37 19.17
N PRO A 99 12.22 12.15 20.11
CA PRO A 99 11.99 12.43 21.53
C PRO A 99 11.96 13.92 21.84
N SER A 100 11.01 14.62 21.25
CA SER A 100 10.86 16.05 21.45
C SER A 100 12.13 16.80 21.03
N SER A 101 12.15 18.10 21.25
CA SER A 101 13.30 18.92 20.90
C SER A 101 14.15 19.24 22.13
N GLY A 102 13.48 19.61 23.22
CA GLY A 102 14.18 19.93 24.45
C GLY A 102 14.17 21.42 24.75
N GLY A 1 -7.24 -15.86 -33.20
CA GLY A 1 -7.86 -17.21 -33.08
C GLY A 1 -7.89 -17.72 -31.66
N SER A 2 -9.08 -18.02 -31.16
CA SER A 2 -9.24 -18.52 -29.80
C SER A 2 -10.32 -19.59 -29.73
N SER A 3 -10.50 -20.17 -28.56
CA SER A 3 -11.50 -21.22 -28.36
C SER A 3 -11.65 -21.55 -26.88
N GLY A 4 -10.61 -22.13 -26.30
CA GLY A 4 -10.64 -22.49 -24.89
C GLY A 4 -9.60 -21.75 -24.08
N SER A 5 -9.74 -20.44 -23.99
CA SER A 5 -8.80 -19.62 -23.23
C SER A 5 -9.46 -18.32 -22.77
N SER A 6 -9.18 -17.92 -21.53
CA SER A 6 -9.74 -16.70 -20.98
C SER A 6 -8.88 -15.49 -21.33
N GLY A 7 -9.25 -14.32 -20.81
CA GLY A 7 -8.50 -13.12 -21.08
C GLY A 7 -7.22 -13.04 -20.28
N LEU A 8 -7.23 -13.63 -19.09
CA LEU A 8 -6.05 -13.63 -18.23
C LEU A 8 -5.31 -14.96 -18.32
N PRO A 9 -4.10 -14.96 -18.93
CA PRO A 9 -3.30 -16.17 -19.07
C PRO A 9 -2.78 -16.68 -17.74
N ASN A 10 -2.26 -15.76 -16.92
CA ASN A 10 -1.73 -16.13 -15.61
C ASN A 10 -2.22 -15.15 -14.54
N SER A 11 -3.24 -15.57 -13.79
CA SER A 11 -3.80 -14.74 -12.73
C SER A 11 -4.59 -15.58 -11.75
N ASP A 12 -3.92 -16.04 -10.69
CA ASP A 12 -4.57 -16.86 -9.67
C ASP A 12 -3.69 -16.98 -8.43
N HIS A 13 -3.52 -15.85 -7.73
CA HIS A 13 -2.70 -15.83 -6.52
C HIS A 13 -2.85 -14.50 -5.79
N THR A 14 -3.87 -14.40 -4.94
CA THR A 14 -4.12 -13.17 -4.19
C THR A 14 -3.71 -13.34 -2.73
N THR A 15 -3.10 -12.31 -2.16
CA THR A 15 -2.66 -12.35 -0.78
C THR A 15 -2.79 -10.98 -0.13
N SER A 16 -3.76 -10.20 -0.59
CA SER A 16 -4.00 -8.86 -0.05
C SER A 16 -4.69 -8.94 1.31
N ARG A 17 -5.51 -9.96 1.48
CA ARG A 17 -6.23 -10.15 2.75
C ARG A 17 -5.29 -10.66 3.84
N ALA A 18 -4.23 -11.34 3.44
CA ALA A 18 -3.27 -11.89 4.40
C ALA A 18 -2.07 -10.95 4.56
N MET A 19 -2.31 -9.65 4.39
CA MET A 19 -1.25 -8.66 4.52
C MET A 19 -1.71 -7.48 5.36
N LEU A 20 -2.87 -6.93 5.00
CA LEU A 20 -3.43 -5.79 5.73
C LEU A 20 -4.05 -6.24 7.04
N THR A 21 -4.58 -7.46 7.05
CA THR A 21 -5.22 -8.00 8.25
C THR A 21 -4.17 -8.61 9.19
N SER A 22 -3.17 -9.25 8.61
CA SER A 22 -2.11 -9.88 9.40
C SER A 22 -1.22 -8.82 10.04
N LEU A 23 -1.05 -7.69 9.35
CA LEU A 23 -0.22 -6.61 9.86
C LEU A 23 -1.04 -5.65 10.73
N GLY A 24 -2.33 -5.53 10.40
CA GLY A 24 -3.19 -4.65 11.16
C GLY A 24 -3.27 -3.25 10.57
N LEU A 25 -3.29 -3.17 9.24
CA LEU A 25 -3.36 -1.89 8.55
C LEU A 25 -4.54 -1.86 7.58
N LYS A 26 -4.95 -0.66 7.20
CA LYS A 26 -6.07 -0.48 6.27
C LYS A 26 -6.00 0.88 5.58
N LEU A 27 -6.93 1.11 4.66
CA LEU A 27 -6.98 2.37 3.93
C LEU A 27 -7.34 3.52 4.86
N GLY A 28 -6.43 4.49 4.99
CA GLY A 28 -6.68 5.63 5.84
C GLY A 28 -5.56 5.85 6.85
N ASP A 29 -5.15 4.79 7.52
CA ASP A 29 -4.08 4.87 8.51
C ASP A 29 -2.77 5.30 7.86
N ARG A 30 -1.82 5.72 8.69
CA ARG A 30 -0.52 6.17 8.20
C ARG A 30 0.43 4.98 8.03
N VAL A 31 1.18 4.98 6.92
CA VAL A 31 2.13 3.91 6.65
C VAL A 31 3.50 4.47 6.30
N VAL A 32 4.51 3.61 6.32
CA VAL A 32 5.88 4.01 6.00
C VAL A 32 6.49 3.09 4.95
N ILE A 33 6.96 3.69 3.86
CA ILE A 33 7.57 2.94 2.77
C ILE A 33 8.98 2.47 3.15
N ALA A 34 9.13 1.15 3.33
CA ALA A 34 10.43 0.58 3.69
C ALA A 34 10.95 1.18 4.99
N GLY A 35 10.04 1.61 5.85
CA GLY A 35 10.43 2.20 7.12
C GLY A 35 11.31 3.43 6.95
N GLN A 36 11.06 4.18 5.87
CA GLN A 36 11.83 5.37 5.59
C GLN A 36 10.91 6.54 5.22
N LYS A 37 10.25 6.42 4.08
CA LYS A 37 9.35 7.46 3.62
C LYS A 37 8.06 7.49 4.45
N VAL A 38 7.60 8.69 4.76
CA VAL A 38 6.38 8.85 5.56
C VAL A 38 5.23 9.38 4.71
N GLY A 39 4.10 8.69 4.76
CA GLY A 39 2.94 9.10 3.98
C GLY A 39 1.66 8.46 4.46
N THR A 40 0.53 8.93 3.95
CA THR A 40 -0.76 8.40 4.34
C THR A 40 -1.25 7.35 3.34
N LEU A 41 -1.50 6.14 3.84
CA LEU A 41 -1.97 5.04 2.99
C LEU A 41 -3.34 5.34 2.41
N ARG A 42 -3.42 5.45 1.09
CA ARG A 42 -4.67 5.73 0.41
C ARG A 42 -5.18 4.51 -0.34
N PHE A 43 -4.24 3.70 -0.83
CA PHE A 43 -4.59 2.48 -1.57
C PHE A 43 -3.78 1.29 -1.06
N CYS A 44 -4.38 0.11 -1.15
CA CYS A 44 -3.73 -1.11 -0.70
C CYS A 44 -4.22 -2.32 -1.49
N GLY A 45 -3.28 -3.15 -1.95
CA GLY A 45 -3.64 -4.32 -2.72
C GLY A 45 -2.70 -4.55 -3.89
N THR A 46 -3.28 -4.75 -5.07
CA THR A 46 -2.49 -4.98 -6.28
C THR A 46 -2.66 -3.84 -7.28
N THR A 47 -1.85 -3.85 -8.32
CA THR A 47 -1.91 -2.82 -9.35
C THR A 47 -2.16 -3.43 -10.73
N GLU A 48 -2.31 -2.57 -11.73
CA GLU A 48 -2.55 -3.03 -13.09
C GLU A 48 -1.34 -2.78 -13.99
N PHE A 49 -0.20 -2.47 -13.36
CA PHE A 49 1.04 -2.21 -14.11
C PHE A 49 2.13 -3.19 -13.69
N ALA A 50 2.21 -3.45 -12.39
CA ALA A 50 3.21 -4.36 -11.86
C ALA A 50 2.56 -5.61 -11.27
N SER A 51 3.39 -6.55 -10.84
CA SER A 51 2.89 -7.80 -10.25
C SER A 51 3.36 -7.94 -8.81
N GLY A 52 2.41 -8.12 -7.90
CA GLY A 52 2.75 -8.27 -6.49
C GLY A 52 1.91 -7.39 -5.60
N GLN A 53 2.22 -7.38 -4.30
CA GLN A 53 1.48 -6.57 -3.34
C GLN A 53 1.95 -5.12 -3.38
N TRP A 54 1.09 -4.24 -3.88
CA TRP A 54 1.41 -2.82 -3.98
C TRP A 54 0.42 -1.98 -3.18
N ALA A 55 0.63 -0.67 -3.18
CA ALA A 55 -0.24 0.24 -2.45
C ALA A 55 -0.12 1.67 -2.98
N GLY A 56 -0.91 2.57 -2.42
CA GLY A 56 -0.87 3.96 -2.85
C GLY A 56 -0.79 4.93 -1.69
N ILE A 57 0.40 5.47 -1.45
CA ILE A 57 0.60 6.42 -0.35
C ILE A 57 0.80 7.83 -0.88
N GLU A 58 0.50 8.82 -0.05
CA GLU A 58 0.64 10.22 -0.43
C GLU A 58 1.61 10.94 0.50
N LEU A 59 2.84 11.12 0.03
CA LEU A 59 3.87 11.80 0.82
C LEU A 59 3.51 13.27 1.04
N ASP A 60 3.77 13.76 2.24
CA ASP A 60 3.49 15.15 2.57
C ASP A 60 4.31 16.11 1.71
N GLU A 61 5.51 15.67 1.34
CA GLU A 61 6.40 16.48 0.52
C GLU A 61 6.42 15.97 -0.92
N PRO A 62 6.73 16.84 -1.88
CA PRO A 62 6.79 16.48 -3.30
C PRO A 62 7.96 15.55 -3.61
N GLU A 63 7.71 14.25 -3.55
CA GLU A 63 8.75 13.25 -3.83
C GLU A 63 8.13 11.98 -4.40
N GLY A 64 7.03 12.12 -5.13
CA GLY A 64 6.37 10.98 -5.72
C GLY A 64 6.66 10.84 -7.20
N LYS A 65 6.08 9.83 -7.83
CA LYS A 65 6.27 9.59 -9.25
C LYS A 65 4.93 9.42 -9.96
N ASN A 66 3.88 10.01 -9.40
CA ASN A 66 2.55 9.93 -9.98
C ASN A 66 1.61 10.95 -9.33
N ASN A 67 0.47 11.17 -9.98
CA ASN A 67 -0.52 12.12 -9.47
C ASN A 67 -1.78 11.40 -9.03
N GLY A 68 -1.63 10.16 -8.56
CA GLY A 68 -2.77 9.39 -8.11
C GLY A 68 -3.09 8.24 -9.04
N SER A 69 -3.30 8.54 -10.32
CA SER A 69 -3.62 7.53 -11.31
C SER A 69 -2.38 7.13 -12.11
N VAL A 70 -2.31 5.87 -12.52
CA VAL A 70 -1.19 5.36 -13.28
C VAL A 70 -1.65 4.77 -14.62
N GLY A 71 -1.46 5.53 -15.69
CA GLY A 71 -1.87 5.07 -17.00
C GLY A 71 -3.36 5.11 -17.19
N ARG A 72 -3.98 3.94 -17.30
CA ARG A 72 -5.43 3.85 -17.50
C ARG A 72 -6.11 3.30 -16.24
N VAL A 73 -5.44 3.41 -15.10
CA VAL A 73 -5.98 2.92 -13.84
C VAL A 73 -5.89 3.98 -12.76
N GLN A 74 -7.03 4.26 -12.12
CA GLN A 74 -7.08 5.27 -11.06
C GLN A 74 -7.23 4.62 -9.69
N TYR A 75 -6.33 4.97 -8.78
CA TYR A 75 -6.36 4.41 -7.43
C TYR A 75 -6.84 5.45 -6.43
N PHE A 76 -6.08 6.53 -6.30
CA PHE A 76 -6.44 7.60 -5.37
C PHE A 76 -6.14 8.97 -5.98
N LYS A 77 -6.94 9.97 -5.59
CA LYS A 77 -6.76 11.32 -6.11
C LYS A 77 -5.80 12.11 -5.22
N CYS A 78 -4.72 12.61 -5.81
CA CYS A 78 -3.73 13.39 -5.09
C CYS A 78 -3.12 14.47 -5.98
N ALA A 79 -2.13 15.17 -5.45
CA ALA A 79 -1.46 16.24 -6.19
C ALA A 79 -0.38 15.67 -7.11
N PRO A 80 0.04 16.45 -8.12
CA PRO A 80 1.07 16.02 -9.06
C PRO A 80 2.43 15.79 -8.39
N LYS A 81 3.09 14.70 -8.77
CA LYS A 81 4.39 14.37 -8.20
C LYS A 81 4.31 14.22 -6.68
N TYR A 82 3.24 13.58 -6.21
CA TYR A 82 3.04 13.37 -4.79
C TYR A 82 2.65 11.92 -4.51
N GLY A 83 1.72 11.40 -5.29
CA GLY A 83 1.28 10.02 -5.11
C GLY A 83 2.30 9.02 -5.60
N ILE A 84 2.63 8.06 -4.74
CA ILE A 84 3.61 7.03 -5.09
C ILE A 84 3.12 5.65 -4.67
N PHE A 85 3.63 4.62 -5.34
CA PHE A 85 3.25 3.24 -5.04
C PHE A 85 4.46 2.41 -4.65
N ALA A 86 4.38 1.75 -3.50
CA ALA A 86 5.48 0.91 -3.02
C ALA A 86 4.96 -0.46 -2.58
N PRO A 87 5.81 -1.49 -2.66
CA PRO A 87 5.44 -2.85 -2.27
C PRO A 87 4.93 -2.92 -0.83
N LEU A 88 3.68 -3.33 -0.68
CA LEU A 88 3.06 -3.45 0.64
C LEU A 88 3.99 -4.20 1.59
N SER A 89 4.54 -5.31 1.10
CA SER A 89 5.47 -6.11 1.87
C SER A 89 6.63 -5.25 2.33
N LYS A 90 6.89 -4.18 1.59
CA LYS A 90 7.97 -3.26 1.93
C LYS A 90 7.46 -2.12 2.78
N ILE A 91 6.13 -1.98 2.86
CA ILE A 91 5.52 -0.91 3.65
C ILE A 91 5.02 -1.45 4.99
N SER A 92 5.25 -0.67 6.05
CA SER A 92 4.82 -1.07 7.39
C SER A 92 4.08 0.07 8.09
N LYS A 93 3.65 -0.18 9.32
CA LYS A 93 2.94 0.83 10.10
C LYS A 93 3.88 1.95 10.52
N LEU A 94 3.29 3.08 10.93
CA LEU A 94 4.08 4.23 11.36
C LEU A 94 4.07 4.35 12.89
N LYS A 95 5.24 4.59 13.46
CA LYS A 95 5.37 4.73 14.91
C LYS A 95 6.25 5.92 15.26
N ASP A 96 5.62 7.02 15.68
CA ASP A 96 6.35 8.23 16.05
C ASP A 96 6.18 8.53 17.54
N SER A 97 4.96 8.90 17.93
CA SER A 97 4.67 9.21 19.32
C SER A 97 5.52 10.39 19.81
N GLY A 98 4.91 11.57 19.87
CA GLY A 98 5.63 12.75 20.31
C GLY A 98 4.99 14.03 19.81
N PRO A 99 5.78 15.12 19.72
CA PRO A 99 5.27 16.41 19.26
C PRO A 99 4.54 16.31 17.92
N SER A 100 3.79 17.35 17.57
CA SER A 100 3.05 17.38 16.31
C SER A 100 3.99 17.52 15.13
N SER A 101 4.26 16.41 14.45
CA SER A 101 5.15 16.42 13.29
C SER A 101 4.37 16.67 12.00
N GLY A 102 4.73 17.74 11.29
CA GLY A 102 4.06 18.07 10.05
C GLY A 102 2.87 18.98 10.27
N GLY A 1 -6.43 -25.05 19.91
CA GLY A 1 -7.74 -25.40 20.53
C GLY A 1 -8.91 -25.04 19.64
N SER A 2 -9.45 -23.84 19.84
CA SER A 2 -10.58 -23.38 19.04
C SER A 2 -10.11 -22.78 17.71
N SER A 3 -8.92 -22.18 17.73
CA SER A 3 -8.37 -21.58 16.52
C SER A 3 -6.84 -21.64 16.55
N GLY A 4 -6.27 -22.22 15.51
CA GLY A 4 -4.82 -22.33 15.43
C GLY A 4 -4.34 -23.76 15.55
N SER A 5 -4.81 -24.62 14.65
CA SER A 5 -4.42 -26.03 14.67
C SER A 5 -4.40 -26.60 13.25
N SER A 6 -4.08 -25.76 12.28
CA SER A 6 -4.03 -26.19 10.88
C SER A 6 -5.40 -26.68 10.42
N GLY A 7 -6.16 -25.80 9.78
CA GLY A 7 -7.48 -26.17 9.29
C GLY A 7 -7.44 -26.79 7.91
N LEU A 8 -7.40 -25.94 6.89
CA LEU A 8 -7.37 -26.40 5.51
C LEU A 8 -5.92 -26.47 4.99
N PRO A 9 -5.62 -27.45 4.13
CA PRO A 9 -4.28 -27.61 3.57
C PRO A 9 -3.94 -26.54 2.54
N ASN A 10 -4.96 -26.07 1.83
CA ASN A 10 -4.79 -25.04 0.82
C ASN A 10 -5.83 -23.94 0.97
N SER A 11 -5.38 -22.76 1.37
CA SER A 11 -6.27 -21.62 1.55
C SER A 11 -5.71 -20.37 0.89
N ASP A 12 -5.04 -20.56 -0.25
CA ASP A 12 -4.45 -19.44 -0.98
C ASP A 12 -5.48 -18.79 -1.89
N HIS A 13 -5.75 -17.51 -1.63
CA HIS A 13 -6.72 -16.76 -2.44
C HIS A 13 -6.62 -15.26 -2.16
N THR A 14 -6.76 -14.89 -0.89
CA THR A 14 -6.67 -13.49 -0.50
C THR A 14 -5.35 -13.20 0.21
N THR A 15 -4.62 -12.22 -0.31
CA THR A 15 -3.33 -11.85 0.28
C THR A 15 -3.22 -10.34 0.43
N SER A 16 -4.37 -9.69 0.63
CA SER A 16 -4.40 -8.23 0.80
C SER A 16 -5.21 -7.83 2.03
N ARG A 17 -5.58 -8.82 2.84
CA ARG A 17 -6.36 -8.56 4.05
C ARG A 17 -5.57 -8.93 5.30
N ALA A 18 -4.76 -9.98 5.19
CA ALA A 18 -3.94 -10.43 6.31
C ALA A 18 -2.68 -9.60 6.45
N MET A 19 -2.19 -9.07 5.32
CA MET A 19 -0.98 -8.26 5.31
C MET A 19 -1.14 -7.05 6.23
N LEU A 20 -2.32 -6.43 6.20
CA LEU A 20 -2.59 -5.26 7.01
C LEU A 20 -2.93 -5.68 8.45
N THR A 21 -3.52 -6.85 8.59
CA THR A 21 -3.90 -7.37 9.91
C THR A 21 -2.66 -7.77 10.70
N SER A 22 -1.77 -8.52 10.06
CA SER A 22 -0.54 -8.98 10.70
C SER A 22 0.31 -7.79 11.15
N LEU A 23 0.71 -6.95 10.19
CA LEU A 23 1.53 -5.78 10.49
C LEU A 23 0.78 -4.82 11.41
N GLY A 24 -0.55 -4.81 11.30
CA GLY A 24 -1.35 -3.93 12.13
C GLY A 24 -1.65 -2.61 11.44
N LEU A 25 -1.72 -2.63 10.12
CA LEU A 25 -2.00 -1.42 9.35
C LEU A 25 -3.50 -1.26 9.11
N LYS A 26 -3.90 -0.07 8.68
CA LYS A 26 -5.30 0.22 8.41
C LYS A 26 -5.45 1.32 7.38
N LEU A 27 -6.45 1.21 6.51
CA LEU A 27 -6.70 2.20 5.48
C LEU A 27 -6.96 3.57 6.09
N GLY A 28 -6.25 4.59 5.60
CA GLY A 28 -6.42 5.93 6.11
C GLY A 28 -5.35 6.30 7.12
N ASP A 29 -4.85 5.32 7.85
CA ASP A 29 -3.81 5.55 8.85
C ASP A 29 -2.49 5.93 8.19
N ARG A 30 -1.48 6.20 9.01
CA ARG A 30 -0.17 6.57 8.50
C ARG A 30 0.71 5.34 8.32
N VAL A 31 1.47 5.32 7.23
CA VAL A 31 2.36 4.20 6.94
C VAL A 31 3.78 4.69 6.67
N VAL A 32 4.68 3.74 6.41
CA VAL A 32 6.08 4.06 6.13
C VAL A 32 6.68 3.06 5.15
N ILE A 33 7.08 3.55 3.98
CA ILE A 33 7.69 2.70 2.96
C ILE A 33 9.13 2.37 3.31
N ALA A 34 9.42 1.08 3.44
CA ALA A 34 10.77 0.63 3.77
C ALA A 34 11.23 1.20 5.10
N GLY A 35 10.27 1.50 5.98
CA GLY A 35 10.60 2.05 7.29
C GLY A 35 11.42 3.32 7.19
N GLN A 36 11.18 4.11 6.15
CA GLN A 36 11.91 5.35 5.95
C GLN A 36 10.98 6.44 5.44
N LYS A 37 10.48 6.26 4.21
CA LYS A 37 9.58 7.23 3.60
C LYS A 37 8.25 7.27 4.32
N VAL A 38 7.83 8.47 4.74
CA VAL A 38 6.58 8.65 5.44
C VAL A 38 5.46 9.06 4.49
N GLY A 39 4.28 8.48 4.67
CA GLY A 39 3.15 8.82 3.82
C GLY A 39 1.84 8.29 4.37
N THR A 40 0.74 8.74 3.80
CA THR A 40 -0.59 8.32 4.24
C THR A 40 -1.16 7.25 3.30
N LEU A 41 -1.47 6.09 3.86
CA LEU A 41 -2.02 4.99 3.08
C LEU A 41 -3.36 5.38 2.46
N ARG A 42 -3.46 5.22 1.15
CA ARG A 42 -4.69 5.55 0.43
C ARG A 42 -5.25 4.33 -0.28
N PHE A 43 -4.36 3.55 -0.89
CA PHE A 43 -4.78 2.35 -1.61
C PHE A 43 -3.92 1.16 -1.21
N CYS A 44 -4.46 -0.05 -1.40
CA CYS A 44 -3.74 -1.27 -1.05
C CYS A 44 -4.29 -2.46 -1.83
N GLY A 45 -3.39 -3.28 -2.37
CA GLY A 45 -3.79 -4.44 -3.13
C GLY A 45 -2.79 -4.81 -4.20
N THR A 46 -3.23 -4.78 -5.45
CA THR A 46 -2.36 -5.12 -6.58
C THR A 46 -2.43 -4.06 -7.67
N THR A 47 -1.30 -3.79 -8.31
CA THR A 47 -1.24 -2.80 -9.38
C THR A 47 -1.33 -3.45 -10.74
N GLU A 48 -1.49 -2.64 -11.79
CA GLU A 48 -1.58 -3.15 -13.15
C GLU A 48 -0.27 -2.96 -13.90
N PHE A 49 0.46 -1.90 -13.54
CA PHE A 49 1.75 -1.62 -14.18
C PHE A 49 2.85 -2.46 -13.57
N ALA A 50 2.78 -2.66 -12.26
CA ALA A 50 3.79 -3.45 -11.56
C ALA A 50 3.27 -4.85 -11.26
N SER A 51 4.10 -5.66 -10.58
CA SER A 51 3.71 -7.01 -10.23
C SER A 51 3.88 -7.25 -8.73
N GLY A 52 2.90 -7.93 -8.14
CA GLY A 52 2.96 -8.20 -6.72
C GLY A 52 2.03 -7.31 -5.92
N GLN A 53 2.18 -7.34 -4.60
CA GLN A 53 1.35 -6.53 -3.71
C GLN A 53 1.90 -5.10 -3.61
N TRP A 54 1.11 -4.14 -4.07
CA TRP A 54 1.51 -2.74 -4.03
C TRP A 54 0.51 -1.91 -3.22
N ALA A 55 0.90 -0.67 -2.92
CA ALA A 55 0.03 0.22 -2.15
C ALA A 55 0.24 1.67 -2.58
N GLY A 56 -0.88 2.40 -2.69
CA GLY A 56 -0.80 3.79 -3.10
C GLY A 56 -0.76 4.74 -1.91
N ILE A 57 0.41 5.29 -1.64
CA ILE A 57 0.57 6.22 -0.52
C ILE A 57 0.69 7.66 -1.01
N GLU A 58 0.27 8.60 -0.18
CA GLU A 58 0.33 10.02 -0.54
C GLU A 58 1.32 10.76 0.35
N LEU A 59 2.50 11.03 -0.19
CA LEU A 59 3.54 11.73 0.56
C LEU A 59 3.10 13.16 0.90
N ASP A 60 3.48 13.62 2.08
CA ASP A 60 3.13 14.96 2.52
C ASP A 60 3.89 16.01 1.73
N GLU A 61 5.10 15.67 1.31
CA GLU A 61 5.94 16.58 0.54
C GLU A 61 6.02 16.15 -0.91
N PRO A 62 6.27 17.10 -1.83
CA PRO A 62 6.37 16.80 -3.27
C PRO A 62 7.59 15.95 -3.59
N GLU A 63 7.43 14.63 -3.49
CA GLU A 63 8.52 13.71 -3.78
C GLU A 63 7.98 12.39 -4.33
N GLY A 64 6.86 12.46 -5.04
CA GLY A 64 6.27 11.27 -5.61
C GLY A 64 6.48 11.17 -7.10
N LYS A 65 6.22 9.99 -7.66
CA LYS A 65 6.39 9.77 -9.10
C LYS A 65 5.05 9.47 -9.77
N ASN A 66 3.98 10.05 -9.22
CA ASN A 66 2.64 9.84 -9.77
C ASN A 66 1.69 10.92 -9.28
N ASN A 67 0.42 10.80 -9.69
CA ASN A 67 -0.60 11.78 -9.30
C ASN A 67 -1.86 11.07 -8.81
N GLY A 68 -1.68 9.90 -8.22
CA GLY A 68 -2.81 9.14 -7.71
C GLY A 68 -3.28 8.07 -8.66
N SER A 69 -3.13 8.33 -9.96
CA SER A 69 -3.53 7.38 -10.98
C SER A 69 -2.40 7.12 -11.98
N VAL A 70 -2.39 5.94 -12.55
CA VAL A 70 -1.36 5.57 -13.52
C VAL A 70 -1.97 5.05 -14.82
N GLY A 71 -1.67 5.72 -15.92
CA GLY A 71 -2.20 5.33 -17.21
C GLY A 71 -3.71 5.39 -17.26
N ARG A 72 -4.34 4.29 -17.65
CA ARG A 72 -5.80 4.22 -17.74
C ARG A 72 -6.39 3.56 -16.49
N VAL A 73 -5.70 3.72 -15.36
CA VAL A 73 -6.16 3.13 -14.10
C VAL A 73 -6.18 4.16 -12.99
N GLN A 74 -7.23 4.13 -12.18
CA GLN A 74 -7.38 5.07 -11.08
C GLN A 74 -7.31 4.34 -9.73
N TYR A 75 -6.55 4.89 -8.81
CA TYR A 75 -6.41 4.30 -7.48
C TYR A 75 -6.87 5.26 -6.39
N PHE A 76 -6.21 6.41 -6.31
CA PHE A 76 -6.55 7.43 -5.33
C PHE A 76 -6.32 8.83 -5.88
N LYS A 77 -6.92 9.83 -5.23
CA LYS A 77 -6.77 11.21 -5.66
C LYS A 77 -5.74 11.94 -4.81
N CYS A 78 -4.88 12.70 -5.46
CA CYS A 78 -3.83 13.45 -4.77
C CYS A 78 -3.26 14.54 -5.67
N ALA A 79 -2.23 15.22 -5.19
CA ALA A 79 -1.60 16.29 -5.95
C ALA A 79 -0.47 15.76 -6.83
N PRO A 80 -0.10 16.50 -7.89
CA PRO A 80 0.96 16.10 -8.81
C PRO A 80 2.31 15.98 -8.12
N LYS A 81 3.02 14.88 -8.39
CA LYS A 81 4.33 14.66 -7.79
C LYS A 81 4.24 14.62 -6.26
N TYR A 82 3.29 13.85 -5.75
CA TYR A 82 3.10 13.73 -4.32
C TYR A 82 2.86 12.27 -3.92
N GLY A 83 1.98 11.60 -4.66
CA GLY A 83 1.67 10.21 -4.37
C GLY A 83 2.69 9.26 -4.99
N ILE A 84 2.78 8.06 -4.43
CA ILE A 84 3.71 7.06 -4.94
C ILE A 84 3.26 5.65 -4.55
N PHE A 85 3.68 4.67 -5.33
CA PHE A 85 3.34 3.28 -5.07
C PHE A 85 4.55 2.48 -4.59
N ALA A 86 4.33 1.62 -3.60
CA ALA A 86 5.41 0.81 -3.05
C ALA A 86 4.89 -0.57 -2.62
N PRO A 87 5.78 -1.57 -2.58
CA PRO A 87 5.41 -2.93 -2.19
C PRO A 87 4.75 -2.97 -0.80
N LEU A 88 3.54 -3.52 -0.74
CA LEU A 88 2.81 -3.63 0.52
C LEU A 88 3.72 -4.21 1.59
N SER A 89 4.42 -5.27 1.23
CA SER A 89 5.35 -5.92 2.15
C SER A 89 6.36 -4.91 2.66
N LYS A 90 6.58 -3.85 1.88
CA LYS A 90 7.51 -2.80 2.26
C LYS A 90 6.78 -1.71 3.05
N ILE A 91 5.45 -1.74 3.03
CA ILE A 91 4.65 -0.75 3.75
C ILE A 91 4.45 -1.17 5.20
N SER A 92 4.89 -0.32 6.12
CA SER A 92 4.75 -0.59 7.55
C SER A 92 4.01 0.54 8.25
N LYS A 93 3.76 0.36 9.54
CA LYS A 93 3.05 1.36 10.33
C LYS A 93 4.04 2.39 10.89
N LEU A 94 3.54 3.59 11.15
CA LEU A 94 4.37 4.66 11.69
C LEU A 94 4.22 4.76 13.21
N LYS A 95 5.30 5.16 13.88
CA LYS A 95 5.29 5.29 15.33
C LYS A 95 5.96 6.59 15.75
N ASP A 96 5.15 7.56 16.20
CA ASP A 96 5.67 8.85 16.64
C ASP A 96 6.28 8.75 18.03
N SER A 97 7.40 9.42 18.23
CA SER A 97 8.08 9.41 19.51
C SER A 97 8.62 10.80 19.86
N GLY A 98 7.76 11.62 20.47
CA GLY A 98 8.17 12.96 20.84
C GLY A 98 7.45 14.03 20.03
N PRO A 99 6.43 14.69 20.60
CA PRO A 99 5.68 15.74 19.90
C PRO A 99 6.53 16.97 19.61
N SER A 100 6.25 17.64 18.49
CA SER A 100 6.99 18.83 18.11
C SER A 100 6.24 20.09 18.52
N SER A 101 5.63 20.05 19.69
CA SER A 101 4.87 21.20 20.20
C SER A 101 4.64 21.07 21.70
N GLY A 102 5.55 21.62 22.49
CA GLY A 102 5.42 21.56 23.94
C GLY A 102 5.07 22.91 24.55
N GLY A 1 -24.99 -10.64 14.73
CA GLY A 1 -23.69 -10.39 14.05
C GLY A 1 -23.15 -11.61 13.34
N SER A 2 -21.86 -11.58 13.00
CA SER A 2 -21.22 -12.69 12.32
C SER A 2 -19.87 -13.02 12.95
N SER A 3 -18.93 -12.07 12.84
CA SER A 3 -17.59 -12.24 13.39
C SER A 3 -17.65 -12.44 14.90
N GLY A 4 -16.67 -13.15 15.44
CA GLY A 4 -16.63 -13.41 16.87
C GLY A 4 -16.34 -14.86 17.20
N SER A 5 -17.20 -15.75 16.71
CA SER A 5 -17.03 -17.18 16.96
C SER A 5 -18.03 -17.99 16.15
N SER A 6 -17.60 -18.47 14.99
CA SER A 6 -18.46 -19.26 14.11
C SER A 6 -18.01 -20.73 14.10
N GLY A 7 -16.87 -21.00 13.45
CA GLY A 7 -16.36 -22.35 13.37
C GLY A 7 -15.71 -22.65 12.04
N LEU A 8 -14.90 -21.71 11.56
CA LEU A 8 -14.22 -21.88 10.28
C LEU A 8 -12.89 -21.12 10.27
N PRO A 9 -12.03 -21.39 9.27
CA PRO A 9 -10.73 -20.73 9.15
C PRO A 9 -10.85 -19.27 8.75
N ASN A 10 -9.98 -18.43 9.30
CA ASN A 10 -9.99 -17.01 9.00
C ASN A 10 -8.67 -16.57 8.39
N SER A 11 -8.59 -15.29 8.02
CA SER A 11 -7.38 -14.73 7.42
C SER A 11 -7.04 -15.45 6.11
N ASP A 12 -6.11 -14.89 5.35
CA ASP A 12 -5.70 -15.47 4.08
C ASP A 12 -6.88 -15.53 3.11
N HIS A 13 -6.78 -14.75 2.04
CA HIS A 13 -7.83 -14.72 1.03
C HIS A 13 -7.24 -14.60 -0.38
N THR A 14 -6.31 -13.66 -0.54
CA THR A 14 -5.66 -13.45 -1.83
C THR A 14 -4.22 -12.98 -1.65
N THR A 15 -3.59 -13.40 -0.56
CA THR A 15 -2.22 -13.02 -0.27
C THR A 15 -2.08 -11.51 -0.16
N SER A 16 -3.08 -10.88 0.44
CA SER A 16 -3.07 -9.42 0.61
C SER A 16 -3.79 -9.02 1.90
N ARG A 17 -4.97 -9.61 2.11
CA ARG A 17 -5.74 -9.32 3.31
C ARG A 17 -5.01 -9.74 4.57
N ALA A 18 -4.18 -10.78 4.45
CA ALA A 18 -3.42 -11.28 5.59
C ALA A 18 -2.21 -10.40 5.86
N MET A 19 -1.61 -9.87 4.81
CA MET A 19 -0.44 -9.01 4.93
C MET A 19 -0.76 -7.79 5.79
N LEU A 20 -1.94 -7.22 5.60
CA LEU A 20 -2.36 -6.05 6.35
C LEU A 20 -2.55 -6.39 7.82
N THR A 21 -3.18 -7.54 8.08
CA THR A 21 -3.44 -7.97 9.45
C THR A 21 -2.13 -8.30 10.17
N SER A 22 -1.23 -8.99 9.47
CA SER A 22 0.05 -9.36 10.04
C SER A 22 0.85 -8.13 10.46
N LEU A 23 1.14 -7.26 9.48
CA LEU A 23 1.89 -6.04 9.75
C LEU A 23 1.14 -5.14 10.72
N GLY A 24 -0.19 -5.20 10.66
CA GLY A 24 -1.00 -4.39 11.55
C GLY A 24 -1.29 -3.02 10.97
N LEU A 25 -1.73 -2.99 9.72
CA LEU A 25 -2.05 -1.74 9.04
C LEU A 25 -3.51 -1.72 8.58
N LYS A 26 -3.97 -0.54 8.18
CA LYS A 26 -5.35 -0.39 7.72
C LYS A 26 -5.51 0.89 6.89
N LEU A 27 -6.64 1.00 6.20
CA LEU A 27 -6.91 2.17 5.37
C LEU A 27 -7.21 3.40 6.24
N GLY A 28 -6.38 4.43 6.11
CA GLY A 28 -6.58 5.63 6.89
C GLY A 28 -5.42 5.93 7.81
N ASP A 29 -4.73 4.87 8.24
CA ASP A 29 -3.59 5.02 9.13
C ASP A 29 -2.35 5.51 8.38
N ARG A 30 -1.30 5.82 9.11
CA ARG A 30 -0.06 6.31 8.50
C ARG A 30 0.91 5.15 8.28
N VAL A 31 1.44 5.06 7.05
CA VAL A 31 2.39 4.01 6.71
C VAL A 31 3.73 4.59 6.30
N VAL A 32 4.72 3.71 6.10
CA VAL A 32 6.06 4.14 5.71
C VAL A 32 6.66 3.19 4.68
N ILE A 33 7.13 3.74 3.57
CA ILE A 33 7.73 2.94 2.51
C ILE A 33 9.15 2.54 2.86
N ALA A 34 9.35 1.26 3.17
CA ALA A 34 10.65 0.74 3.54
C ALA A 34 11.21 1.46 4.75
N GLY A 35 10.32 1.91 5.63
CA GLY A 35 10.74 2.62 6.83
C GLY A 35 11.58 3.84 6.52
N GLN A 36 11.28 4.49 5.39
CA GLN A 36 12.02 5.68 4.99
C GLN A 36 11.06 6.82 4.64
N LYS A 37 10.29 6.63 3.56
CA LYS A 37 9.33 7.63 3.13
C LYS A 37 8.04 7.55 3.94
N VAL A 38 7.66 8.69 4.52
CA VAL A 38 6.45 8.75 5.33
C VAL A 38 5.27 9.27 4.52
N GLY A 39 4.14 8.59 4.62
CA GLY A 39 2.95 8.99 3.89
C GLY A 39 1.69 8.33 4.42
N THR A 40 0.54 8.87 4.03
CA THR A 40 -0.74 8.32 4.48
C THR A 40 -1.27 7.32 3.46
N LEU A 41 -1.52 6.09 3.92
CA LEU A 41 -2.04 5.04 3.05
C LEU A 41 -3.46 5.35 2.62
N ARG A 42 -3.68 5.34 1.30
CA ARG A 42 -5.01 5.62 0.76
C ARG A 42 -5.62 4.35 0.14
N PHE A 43 -4.79 3.55 -0.51
CA PHE A 43 -5.25 2.32 -1.14
C PHE A 43 -4.28 1.19 -0.87
N CYS A 44 -4.80 -0.04 -0.84
CA CYS A 44 -3.98 -1.22 -0.59
C CYS A 44 -4.44 -2.40 -1.44
N GLY A 45 -3.48 -3.11 -2.02
CA GLY A 45 -3.80 -4.25 -2.85
C GLY A 45 -2.82 -4.43 -3.99
N THR A 46 -3.35 -4.70 -5.18
CA THR A 46 -2.52 -4.89 -6.36
C THR A 46 -2.65 -3.72 -7.33
N THR A 47 -1.85 -3.75 -8.39
CA THR A 47 -1.88 -2.68 -9.39
C THR A 47 -1.82 -3.25 -10.80
N GLU A 48 -1.79 -2.38 -11.80
CA GLU A 48 -1.73 -2.79 -13.19
C GLU A 48 -0.54 -2.16 -13.91
N PHE A 49 0.53 -1.90 -13.15
CA PHE A 49 1.72 -1.28 -13.72
C PHE A 49 2.97 -1.80 -13.02
N ALA A 50 2.93 -3.06 -12.57
CA ALA A 50 4.05 -3.67 -11.89
C ALA A 50 3.78 -5.14 -11.58
N SER A 51 2.54 -5.45 -11.24
CA SER A 51 2.14 -6.82 -10.93
C SER A 51 2.70 -7.25 -9.57
N GLY A 52 1.87 -7.14 -8.54
CA GLY A 52 2.30 -7.52 -7.20
C GLY A 52 1.52 -6.78 -6.12
N GLN A 53 1.95 -6.96 -4.88
CA GLN A 53 1.29 -6.31 -3.74
C GLN A 53 1.83 -4.90 -3.54
N TRP A 54 1.05 -3.90 -3.95
CA TRP A 54 1.45 -2.51 -3.81
C TRP A 54 0.49 -1.76 -2.89
N ALA A 55 0.81 -0.50 -2.61
CA ALA A 55 -0.02 0.32 -1.75
C ALA A 55 0.01 1.79 -2.19
N GLY A 56 -1.18 2.37 -2.35
CA GLY A 56 -1.27 3.75 -2.77
C GLY A 56 -1.05 4.72 -1.63
N ILE A 57 0.21 5.07 -1.38
CA ILE A 57 0.55 6.00 -0.31
C ILE A 57 0.72 7.42 -0.84
N GLU A 58 0.20 8.38 -0.09
CA GLU A 58 0.29 9.79 -0.48
C GLU A 58 1.29 10.54 0.40
N LEU A 59 2.45 10.87 -0.18
CA LEU A 59 3.48 11.58 0.55
C LEU A 59 3.04 13.01 0.87
N ASP A 60 3.38 13.48 2.06
CA ASP A 60 3.02 14.82 2.49
C ASP A 60 3.73 15.87 1.65
N GLU A 61 4.95 15.54 1.23
CA GLU A 61 5.75 16.46 0.41
C GLU A 61 5.75 16.02 -1.04
N PRO A 62 5.95 16.97 -1.98
CA PRO A 62 5.99 16.67 -3.41
C PRO A 62 7.20 15.84 -3.81
N GLU A 63 7.14 14.54 -3.57
CA GLU A 63 8.24 13.64 -3.90
C GLU A 63 7.71 12.35 -4.50
N GLY A 64 6.59 12.44 -5.21
CA GLY A 64 6.00 11.26 -5.82
C GLY A 64 6.15 11.28 -7.34
N LYS A 65 6.17 10.09 -7.94
CA LYS A 65 6.30 9.96 -9.38
C LYS A 65 4.96 9.63 -10.02
N ASN A 66 3.88 10.09 -9.40
CA ASN A 66 2.54 9.82 -9.92
C ASN A 66 1.58 10.93 -9.50
N ASN A 67 0.42 10.99 -10.16
CA ASN A 67 -0.58 12.00 -9.85
C ASN A 67 -1.90 11.35 -9.46
N GLY A 68 -1.82 10.18 -8.82
CA GLY A 68 -3.02 9.48 -8.40
C GLY A 68 -3.37 8.34 -9.33
N SER A 69 -3.01 8.47 -10.60
CA SER A 69 -3.30 7.43 -11.58
C SER A 69 -2.04 7.09 -12.38
N VAL A 70 -1.85 5.80 -12.65
CA VAL A 70 -0.70 5.33 -13.41
C VAL A 70 -1.09 4.88 -14.81
N GLY A 71 -0.88 5.75 -15.79
CA GLY A 71 -1.22 5.43 -17.16
C GLY A 71 -2.71 5.52 -17.41
N ARG A 72 -3.33 4.36 -17.64
CA ARG A 72 -4.77 4.31 -17.91
C ARG A 72 -5.51 3.68 -16.73
N VAL A 73 -4.97 3.85 -15.53
CA VAL A 73 -5.59 3.29 -14.33
C VAL A 73 -5.41 4.23 -13.14
N GLN A 74 -6.51 4.48 -12.44
CA GLN A 74 -6.49 5.37 -11.28
C GLN A 74 -6.79 4.60 -10.00
N TYR A 75 -6.35 5.15 -8.87
CA TYR A 75 -6.58 4.51 -7.58
C TYR A 75 -7.08 5.51 -6.54
N PHE A 76 -6.20 6.46 -6.18
CA PHE A 76 -6.56 7.47 -5.20
C PHE A 76 -6.26 8.87 -5.75
N LYS A 77 -7.09 9.84 -5.37
CA LYS A 77 -6.91 11.21 -5.81
C LYS A 77 -5.80 11.90 -5.02
N CYS A 78 -4.93 12.62 -5.74
CA CYS A 78 -3.82 13.33 -5.10
C CYS A 78 -3.20 14.34 -6.06
N ALA A 79 -2.54 15.35 -5.50
CA ALA A 79 -1.91 16.39 -6.31
C ALA A 79 -0.76 15.81 -7.13
N PRO A 80 -0.34 16.53 -8.19
CA PRO A 80 0.76 16.08 -9.06
C PRO A 80 2.08 15.94 -8.31
N LYS A 81 2.79 14.86 -8.58
CA LYS A 81 4.07 14.60 -7.93
C LYS A 81 3.90 14.47 -6.42
N TYR A 82 2.95 13.64 -6.00
CA TYR A 82 2.69 13.43 -4.58
C TYR A 82 2.36 11.97 -4.30
N GLY A 83 1.47 11.40 -5.11
CA GLY A 83 1.08 10.02 -4.94
C GLY A 83 2.15 9.05 -5.40
N ILE A 84 2.37 7.99 -4.62
CA ILE A 84 3.38 7.00 -4.96
C ILE A 84 2.96 5.61 -4.47
N PHE A 85 3.37 4.58 -5.19
CA PHE A 85 3.04 3.20 -4.83
C PHE A 85 4.31 2.41 -4.52
N ALA A 86 4.23 1.56 -3.50
CA ALA A 86 5.37 0.74 -3.10
C ALA A 86 4.90 -0.66 -2.66
N PRO A 87 5.80 -1.64 -2.70
CA PRO A 87 5.49 -3.02 -2.31
C PRO A 87 4.94 -3.10 -0.89
N LEU A 88 3.71 -3.63 -0.76
CA LEU A 88 3.07 -3.76 0.54
C LEU A 88 4.03 -4.39 1.53
N SER A 89 4.68 -5.46 1.10
CA SER A 89 5.65 -6.14 1.94
C SER A 89 6.72 -5.16 2.41
N LYS A 90 6.90 -4.09 1.65
CA LYS A 90 7.87 -3.06 2.00
C LYS A 90 7.21 -1.96 2.83
N ILE A 91 5.88 -1.93 2.84
CA ILE A 91 5.14 -0.93 3.59
C ILE A 91 4.97 -1.36 5.05
N SER A 92 5.23 -0.44 5.97
CA SER A 92 5.11 -0.72 7.39
C SER A 92 4.39 0.42 8.11
N LYS A 93 4.03 0.18 9.37
CA LYS A 93 3.34 1.19 10.17
C LYS A 93 4.31 2.24 10.68
N LEU A 94 3.82 3.46 10.86
CA LEU A 94 4.64 4.56 11.34
C LEU A 94 4.77 4.52 12.86
N LYS A 95 5.95 4.86 13.37
CA LYS A 95 6.20 4.86 14.79
C LYS A 95 7.46 5.67 15.13
N ASP A 96 7.32 6.99 15.15
CA ASP A 96 8.44 7.87 15.45
C ASP A 96 8.61 8.03 16.96
N SER A 97 9.39 7.15 17.56
CA SER A 97 9.64 7.20 18.99
C SER A 97 11.12 7.42 19.29
N GLY A 98 11.46 8.62 19.76
CA GLY A 98 12.83 8.94 20.08
C GLY A 98 13.21 10.35 19.65
N PRO A 99 12.92 11.36 20.49
CA PRO A 99 13.24 12.76 20.18
C PRO A 99 14.70 12.94 19.79
N SER A 100 14.99 14.04 19.11
CA SER A 100 16.35 14.34 18.68
C SER A 100 16.88 13.25 17.75
N SER A 101 16.41 13.24 16.52
CA SER A 101 16.82 12.26 15.53
C SER A 101 16.92 12.87 14.15
N GLY A 102 17.77 12.30 13.30
CA GLY A 102 17.94 12.81 11.95
C GLY A 102 19.29 12.48 11.37
N GLY A 1 0.78 -40.07 5.68
CA GLY A 1 -0.05 -38.94 5.16
C GLY A 1 -1.23 -39.41 4.34
N SER A 2 -2.32 -38.65 4.36
CA SER A 2 -3.51 -38.99 3.60
C SER A 2 -3.38 -38.55 2.14
N SER A 3 -4.08 -39.25 1.25
CA SER A 3 -4.04 -38.93 -0.17
C SER A 3 -5.43 -38.55 -0.67
N GLY A 4 -5.75 -37.27 -0.60
CA GLY A 4 -7.04 -36.79 -1.05
C GLY A 4 -6.94 -35.58 -1.95
N SER A 5 -6.95 -35.81 -3.26
CA SER A 5 -6.85 -34.72 -4.23
C SER A 5 -5.53 -33.96 -4.06
N SER A 6 -5.28 -33.03 -4.97
CA SER A 6 -4.06 -32.23 -4.92
C SER A 6 -4.37 -30.79 -4.54
N GLY A 7 -5.56 -30.32 -4.93
CA GLY A 7 -5.96 -28.96 -4.62
C GLY A 7 -6.46 -28.81 -3.19
N LEU A 8 -5.60 -29.11 -2.23
CA LEU A 8 -5.95 -29.01 -0.83
C LEU A 8 -6.29 -27.56 -0.46
N PRO A 9 -7.56 -27.27 -0.16
CA PRO A 9 -8.00 -25.91 0.20
C PRO A 9 -7.44 -25.47 1.55
N ASN A 10 -6.46 -24.57 1.51
CA ASN A 10 -5.83 -24.06 2.72
C ASN A 10 -5.37 -22.63 2.54
N SER A 11 -4.69 -22.37 1.43
CA SER A 11 -4.18 -21.03 1.12
C SER A 11 -4.87 -20.46 -0.11
N ASP A 12 -5.21 -19.18 -0.05
CA ASP A 12 -5.88 -18.50 -1.16
C ASP A 12 -5.00 -17.39 -1.72
N HIS A 13 -5.28 -17.01 -2.97
CA HIS A 13 -4.51 -15.95 -3.63
C HIS A 13 -4.84 -14.59 -3.03
N THR A 14 -4.14 -13.56 -3.51
CA THR A 14 -4.36 -12.20 -3.01
C THR A 14 -4.14 -12.12 -1.50
N THR A 15 -3.02 -11.54 -1.10
CA THR A 15 -2.69 -11.40 0.31
C THR A 15 -3.07 -10.01 0.83
N SER A 16 -4.09 -9.42 0.23
CA SER A 16 -4.55 -8.10 0.64
C SER A 16 -5.34 -8.17 1.93
N ARG A 17 -6.09 -9.25 2.11
CA ARG A 17 -6.90 -9.45 3.31
C ARG A 17 -6.17 -10.34 4.31
N ALA A 18 -4.85 -10.38 4.21
CA ALA A 18 -4.04 -11.19 5.11
C ALA A 18 -2.68 -10.53 5.38
N MET A 19 -2.60 -9.23 5.15
CA MET A 19 -1.37 -8.49 5.38
C MET A 19 -1.59 -7.35 6.38
N LEU A 20 -2.71 -6.65 6.23
CA LEU A 20 -3.03 -5.55 7.13
C LEU A 20 -3.18 -6.04 8.56
N THR A 21 -3.80 -7.21 8.71
CA THR A 21 -4.00 -7.79 10.04
C THR A 21 -2.68 -8.31 10.61
N SER A 22 -1.85 -8.86 9.74
CA SER A 22 -0.55 -9.40 10.15
C SER A 22 0.43 -8.28 10.46
N LEU A 23 0.60 -7.37 9.50
CA LEU A 23 1.51 -6.24 9.67
C LEU A 23 0.96 -5.23 10.67
N GLY A 24 -0.36 -5.04 10.64
CA GLY A 24 -1.00 -4.11 11.54
C GLY A 24 -1.17 -2.73 10.93
N LEU A 25 -2.02 -2.65 9.92
CA LEU A 25 -2.28 -1.38 9.23
C LEU A 25 -3.75 -1.26 8.85
N LYS A 26 -4.19 -0.02 8.60
CA LYS A 26 -5.57 0.22 8.22
C LYS A 26 -5.67 1.36 7.20
N LEU A 27 -6.71 1.32 6.39
CA LEU A 27 -6.91 2.34 5.36
C LEU A 27 -7.07 3.72 6.00
N GLY A 28 -6.05 4.56 5.84
CA GLY A 28 -6.09 5.90 6.41
C GLY A 28 -4.96 6.16 7.38
N ASP A 29 -4.48 5.10 8.03
CA ASP A 29 -3.39 5.22 8.98
C ASP A 29 -2.10 5.64 8.28
N ARG A 30 -1.16 6.16 9.07
CA ARG A 30 0.12 6.60 8.53
C ARG A 30 1.09 5.43 8.35
N VAL A 31 1.55 5.22 7.13
CA VAL A 31 2.47 4.14 6.82
C VAL A 31 3.84 4.68 6.43
N VAL A 32 4.80 3.77 6.26
CA VAL A 32 6.15 4.15 5.87
C VAL A 32 6.74 3.16 4.86
N ILE A 33 7.22 3.68 3.74
CA ILE A 33 7.80 2.85 2.70
C ILE A 33 9.23 2.46 3.05
N ALA A 34 9.42 1.20 3.39
CA ALA A 34 10.75 0.69 3.75
C ALA A 34 11.32 1.44 4.94
N GLY A 35 10.44 1.92 5.81
CA GLY A 35 10.88 2.66 6.98
C GLY A 35 11.67 3.91 6.61
N GLN A 36 11.37 4.46 5.44
CA GLN A 36 12.05 5.66 4.98
C GLN A 36 11.06 6.77 4.65
N LYS A 37 10.29 6.56 3.58
CA LYS A 37 9.29 7.53 3.15
C LYS A 37 8.00 7.38 3.95
N VAL A 38 7.55 8.47 4.56
CA VAL A 38 6.33 8.45 5.35
C VAL A 38 5.17 9.07 4.58
N GLY A 39 4.06 8.35 4.53
CA GLY A 39 2.89 8.84 3.83
C GLY A 39 1.59 8.28 4.39
N THR A 40 0.46 8.79 3.90
CA THR A 40 -0.84 8.32 4.36
C THR A 40 -1.37 7.21 3.46
N LEU A 41 -1.65 6.06 4.07
CA LEU A 41 -2.17 4.91 3.33
C LEU A 41 -3.53 5.21 2.73
N ARG A 42 -3.63 5.15 1.41
CA ARG A 42 -4.88 5.41 0.70
C ARG A 42 -5.41 4.14 0.04
N PHE A 43 -4.60 3.56 -0.84
CA PHE A 43 -4.98 2.35 -1.55
C PHE A 43 -4.07 1.18 -1.17
N CYS A 44 -4.68 0.01 -0.98
CA CYS A 44 -3.92 -1.19 -0.61
C CYS A 44 -4.38 -2.39 -1.43
N GLY A 45 -3.42 -3.07 -2.04
CA GLY A 45 -3.75 -4.24 -2.85
C GLY A 45 -2.88 -4.35 -4.09
N THR A 46 -3.29 -5.20 -5.02
CA THR A 46 -2.54 -5.41 -6.25
C THR A 46 -2.82 -4.28 -7.25
N THR A 47 -1.79 -3.88 -7.99
CA THR A 47 -1.92 -2.82 -8.97
C THR A 47 -2.19 -3.39 -10.35
N GLU A 48 -2.32 -2.51 -11.34
CA GLU A 48 -2.59 -2.93 -12.72
C GLU A 48 -1.31 -2.87 -13.55
N PHE A 49 -0.52 -1.84 -13.33
CA PHE A 49 0.74 -1.66 -14.07
C PHE A 49 1.73 -2.76 -13.70
N ALA A 50 1.66 -3.23 -12.46
CA ALA A 50 2.56 -4.27 -11.98
C ALA A 50 1.81 -5.28 -11.12
N SER A 51 2.39 -6.48 -11.01
CA SER A 51 1.77 -7.54 -10.22
C SER A 51 2.41 -7.63 -8.83
N GLY A 52 1.74 -8.30 -7.91
CA GLY A 52 2.25 -8.44 -6.56
C GLY A 52 1.54 -7.55 -5.58
N GLN A 53 2.01 -7.56 -4.33
CA GLN A 53 1.41 -6.73 -3.28
C GLN A 53 1.93 -5.30 -3.35
N TRP A 54 1.03 -4.36 -3.63
CA TRP A 54 1.40 -2.96 -3.73
C TRP A 54 0.52 -2.11 -2.81
N ALA A 55 0.83 -0.81 -2.74
CA ALA A 55 0.08 0.11 -1.91
C ALA A 55 0.18 1.54 -2.43
N GLY A 56 -0.97 2.18 -2.59
CA GLY A 56 -0.99 3.55 -3.08
C GLY A 56 -0.99 4.57 -1.97
N ILE A 57 0.18 5.11 -1.66
CA ILE A 57 0.31 6.11 -0.60
C ILE A 57 0.41 7.52 -1.17
N GLU A 58 0.01 8.50 -0.39
CA GLU A 58 0.05 9.90 -0.82
C GLU A 58 1.05 10.69 0.02
N LEU A 59 2.21 10.96 -0.55
CA LEU A 59 3.25 11.71 0.15
C LEU A 59 2.78 13.14 0.44
N ASP A 60 3.13 13.64 1.62
CA ASP A 60 2.75 14.99 2.02
C ASP A 60 3.63 16.03 1.33
N GLU A 61 4.87 15.66 1.05
CA GLU A 61 5.81 16.55 0.39
C GLU A 61 5.97 16.19 -1.08
N PRO A 62 6.37 17.16 -1.92
CA PRO A 62 6.55 16.93 -3.37
C PRO A 62 7.74 16.02 -3.65
N GLU A 63 7.50 14.71 -3.59
CA GLU A 63 8.56 13.73 -3.85
C GLU A 63 7.98 12.47 -4.48
N GLY A 64 6.91 12.63 -5.25
CA GLY A 64 6.28 11.49 -5.90
C GLY A 64 6.41 11.53 -7.40
N LYS A 65 6.32 10.38 -8.04
CA LYS A 65 6.43 10.29 -9.49
C LYS A 65 5.06 9.99 -10.12
N ASN A 66 4.01 10.45 -9.47
CA ASN A 66 2.65 10.24 -9.96
C ASN A 66 1.71 11.33 -9.47
N ASN A 67 0.54 11.43 -10.11
CA ASN A 67 -0.45 12.44 -9.73
C ASN A 67 -1.75 11.79 -9.31
N GLY A 68 -1.66 10.58 -8.75
CA GLY A 68 -2.84 9.87 -8.30
C GLY A 68 -3.22 8.74 -9.24
N SER A 69 -2.88 8.89 -10.51
CA SER A 69 -3.18 7.87 -11.51
C SER A 69 -1.90 7.32 -12.15
N VAL A 70 -1.79 6.00 -12.19
CA VAL A 70 -0.62 5.36 -12.78
C VAL A 70 -0.92 4.82 -14.17
N GLY A 71 -0.50 5.57 -15.18
CA GLY A 71 -0.73 5.17 -16.56
C GLY A 71 -2.17 5.36 -16.98
N ARG A 72 -2.86 4.25 -17.25
CA ARG A 72 -4.25 4.32 -17.67
C ARG A 72 -5.18 3.78 -16.58
N VAL A 73 -4.75 3.93 -15.33
CA VAL A 73 -5.55 3.46 -14.20
C VAL A 73 -5.43 4.42 -13.01
N GLN A 74 -6.57 4.84 -12.48
CA GLN A 74 -6.59 5.75 -11.34
C GLN A 74 -6.91 5.01 -10.05
N TYR A 75 -6.24 5.40 -8.97
CA TYR A 75 -6.45 4.77 -7.67
C TYR A 75 -6.95 5.79 -6.65
N PHE A 76 -6.16 6.83 -6.42
CA PHE A 76 -6.53 7.87 -5.47
C PHE A 76 -6.11 9.25 -5.98
N LYS A 77 -7.03 10.20 -5.92
CA LYS A 77 -6.76 11.56 -6.37
C LYS A 77 -5.74 12.25 -5.47
N CYS A 78 -4.92 13.10 -6.06
CA CYS A 78 -3.90 13.82 -5.31
C CYS A 78 -3.25 14.92 -6.17
N ALA A 79 -2.22 15.55 -5.63
CA ALA A 79 -1.52 16.61 -6.35
C ALA A 79 -0.43 16.04 -7.25
N PRO A 80 -0.05 16.78 -8.31
CA PRO A 80 0.99 16.33 -9.25
C PRO A 80 2.33 16.10 -8.56
N LYS A 81 2.87 14.91 -8.72
CA LYS A 81 4.16 14.55 -8.13
C LYS A 81 4.07 14.52 -6.61
N TYR A 82 3.05 13.82 -6.10
CA TYR A 82 2.86 13.70 -4.66
C TYR A 82 2.57 12.26 -4.26
N GLY A 83 1.64 11.63 -5.00
CA GLY A 83 1.29 10.25 -4.70
C GLY A 83 2.27 9.26 -5.30
N ILE A 84 2.49 8.15 -4.60
CA ILE A 84 3.41 7.12 -5.07
C ILE A 84 2.98 5.74 -4.58
N PHE A 85 3.24 4.72 -5.39
CA PHE A 85 2.88 3.35 -5.04
C PHE A 85 4.12 2.56 -4.62
N ALA A 86 3.98 1.81 -3.53
CA ALA A 86 5.08 1.00 -3.01
C ALA A 86 4.59 -0.38 -2.59
N PRO A 87 5.46 -1.40 -2.72
CA PRO A 87 5.10 -2.77 -2.33
C PRO A 87 4.57 -2.87 -0.91
N LEU A 88 3.36 -3.40 -0.76
CA LEU A 88 2.74 -3.53 0.55
C LEU A 88 3.72 -4.15 1.54
N SER A 89 4.38 -5.23 1.10
CA SER A 89 5.37 -5.91 1.92
C SER A 89 6.44 -4.91 2.36
N LYS A 90 6.60 -3.85 1.58
CA LYS A 90 7.58 -2.81 1.91
C LYS A 90 6.94 -1.70 2.74
N ILE A 91 5.60 -1.70 2.79
CA ILE A 91 4.87 -0.70 3.56
C ILE A 91 4.68 -1.14 5.01
N SER A 92 5.43 -0.52 5.92
CA SER A 92 5.34 -0.86 7.33
C SER A 92 4.59 0.23 8.11
N LYS A 93 4.33 -0.03 9.38
CA LYS A 93 3.63 0.92 10.22
C LYS A 93 4.59 1.97 10.79
N LEU A 94 4.09 3.19 10.98
CA LEU A 94 4.91 4.27 11.51
C LEU A 94 5.32 3.98 12.95
N LYS A 95 6.63 4.00 13.20
CA LYS A 95 7.15 3.74 14.53
C LYS A 95 7.83 4.99 15.11
N ASP A 96 7.04 5.82 15.79
CA ASP A 96 7.56 7.04 16.39
C ASP A 96 7.63 6.91 17.90
N SER A 97 8.75 6.37 18.39
CA SER A 97 8.95 6.19 19.82
C SER A 97 7.87 5.29 20.42
N GLY A 98 7.96 5.06 21.72
CA GLY A 98 6.98 4.21 22.39
C GLY A 98 5.87 5.01 23.03
N PRO A 99 5.26 4.51 24.11
CA PRO A 99 4.17 5.20 24.81
C PRO A 99 4.54 6.64 25.18
N SER A 100 3.60 7.55 24.92
CA SER A 100 3.83 8.96 25.22
C SER A 100 5.02 9.51 24.44
N SER A 101 5.33 10.78 24.64
CA SER A 101 6.45 11.42 23.96
C SER A 101 7.77 11.00 24.58
N GLY A 102 8.85 11.59 24.09
CA GLY A 102 10.17 11.27 24.62
C GLY A 102 10.66 12.28 25.64
N GLY A 1 1.03 -17.49 1.57
CA GLY A 1 1.35 -18.73 0.79
C GLY A 1 0.52 -19.91 1.25
N SER A 2 0.53 -20.17 2.55
CA SER A 2 -0.22 -21.29 3.12
C SER A 2 -0.87 -20.90 4.43
N SER A 3 -2.09 -21.39 4.67
CA SER A 3 -2.81 -21.09 5.89
C SER A 3 -3.89 -22.13 6.16
N GLY A 4 -4.65 -22.46 5.11
CA GLY A 4 -5.71 -23.45 5.26
C GLY A 4 -5.80 -24.37 4.06
N SER A 5 -5.52 -25.66 4.28
CA SER A 5 -5.58 -26.65 3.21
C SER A 5 -5.81 -28.04 3.78
N SER A 6 -6.75 -28.14 4.72
CA SER A 6 -7.07 -29.42 5.34
C SER A 6 -8.31 -30.04 4.69
N GLY A 7 -9.41 -29.30 4.69
CA GLY A 7 -10.63 -29.79 4.09
C GLY A 7 -10.96 -29.12 2.78
N LEU A 8 -11.60 -27.96 2.85
CA LEU A 8 -11.96 -27.21 1.65
C LEU A 8 -11.14 -25.93 1.54
N PRO A 9 -10.69 -25.57 0.32
CA PRO A 9 -9.90 -24.36 0.09
C PRO A 9 -10.75 -23.09 0.14
N ASN A 10 -11.99 -23.20 -0.30
CA ASN A 10 -12.90 -22.06 -0.32
C ASN A 10 -13.43 -21.78 1.09
N SER A 11 -12.64 -21.05 1.87
CA SER A 11 -13.03 -20.71 3.24
C SER A 11 -12.34 -19.42 3.69
N ASP A 12 -11.04 -19.33 3.45
CA ASP A 12 -10.26 -18.16 3.83
C ASP A 12 -8.95 -18.10 3.08
N HIS A 13 -8.91 -17.27 2.03
CA HIS A 13 -7.71 -17.12 1.22
C HIS A 13 -7.48 -15.66 0.86
N THR A 14 -6.66 -14.97 1.64
CA THR A 14 -6.36 -13.57 1.40
C THR A 14 -4.96 -13.22 1.88
N THR A 15 -4.41 -12.11 1.37
CA THR A 15 -3.07 -11.67 1.75
C THR A 15 -3.11 -10.26 2.30
N SER A 16 -3.91 -9.40 1.69
CA SER A 16 -4.02 -8.00 2.11
C SER A 16 -4.93 -7.87 3.34
N ARG A 17 -5.49 -8.98 3.80
CA ARG A 17 -6.36 -8.98 4.97
C ARG A 17 -5.64 -9.54 6.19
N ALA A 18 -4.66 -10.41 5.95
CA ALA A 18 -3.90 -11.02 7.03
C ALA A 18 -2.59 -10.29 7.26
N MET A 19 -2.59 -8.98 6.99
CA MET A 19 -1.40 -8.16 7.17
C MET A 19 -1.74 -6.83 7.81
N LEU A 20 -2.78 -6.18 7.28
CA LEU A 20 -3.21 -4.89 7.80
C LEU A 20 -3.76 -5.02 9.22
N THR A 21 -4.34 -6.18 9.51
CA THR A 21 -4.91 -6.44 10.83
C THR A 21 -3.81 -6.73 11.84
N SER A 22 -2.86 -7.56 11.45
CA SER A 22 -1.74 -7.92 12.32
C SER A 22 -0.93 -6.70 12.70
N LEU A 23 -0.86 -5.74 11.78
CA LEU A 23 -0.10 -4.51 12.00
C LEU A 23 -1.01 -3.40 12.53
N GLY A 24 -2.27 -3.43 12.11
CA GLY A 24 -3.22 -2.43 12.56
C GLY A 24 -3.32 -1.26 11.60
N LEU A 25 -3.26 -1.55 10.31
CA LEU A 25 -3.34 -0.52 9.27
C LEU A 25 -4.73 -0.46 8.67
N LYS A 26 -5.03 0.64 7.99
CA LYS A 26 -6.33 0.83 7.35
C LYS A 26 -6.32 2.03 6.42
N LEU A 27 -7.29 2.08 5.51
CA LEU A 27 -7.38 3.17 4.55
C LEU A 27 -7.56 4.51 5.27
N GLY A 28 -6.46 5.22 5.45
CA GLY A 28 -6.51 6.51 6.13
C GLY A 28 -5.38 6.70 7.11
N ASP A 29 -4.88 5.59 7.67
CA ASP A 29 -3.79 5.65 8.62
C ASP A 29 -2.49 6.07 7.95
N ARG A 30 -1.43 6.21 8.75
CA ARG A 30 -0.13 6.61 8.22
C ARG A 30 0.78 5.40 8.04
N VAL A 31 1.41 5.32 6.88
CA VAL A 31 2.31 4.21 6.58
C VAL A 31 3.72 4.71 6.27
N VAL A 32 4.66 3.77 6.14
CA VAL A 32 6.04 4.12 5.84
C VAL A 32 6.67 3.11 4.90
N ILE A 33 7.12 3.59 3.73
CA ILE A 33 7.74 2.71 2.74
C ILE A 33 9.17 2.37 3.14
N ALA A 34 9.42 1.09 3.36
CA ALA A 34 10.74 0.62 3.74
C ALA A 34 11.22 1.28 5.04
N GLY A 35 10.26 1.68 5.88
CA GLY A 35 10.59 2.32 7.13
C GLY A 35 11.44 3.57 6.95
N GLN A 36 11.23 4.26 5.83
CA GLN A 36 11.98 5.48 5.54
C GLN A 36 11.05 6.59 5.05
N LYS A 37 10.43 6.36 3.90
CA LYS A 37 9.52 7.34 3.32
C LYS A 37 8.17 7.29 4.01
N VAL A 38 7.78 8.40 4.62
CA VAL A 38 6.50 8.48 5.33
C VAL A 38 5.40 8.99 4.40
N GLY A 39 4.19 8.48 4.58
CA GLY A 39 3.06 8.89 3.75
C GLY A 39 1.75 8.34 4.25
N THR A 40 0.65 8.95 3.81
CA THR A 40 -0.68 8.51 4.21
C THR A 40 -1.22 7.44 3.26
N LEU A 41 -1.49 6.26 3.81
CA LEU A 41 -2.00 5.15 3.01
C LEU A 41 -3.35 5.52 2.40
N ARG A 42 -3.47 5.32 1.08
CA ARG A 42 -4.71 5.62 0.37
C ARG A 42 -5.26 4.37 -0.30
N PHE A 43 -4.38 3.60 -0.91
CA PHE A 43 -4.78 2.37 -1.59
C PHE A 43 -3.90 1.20 -1.16
N CYS A 44 -4.41 -0.02 -1.34
CA CYS A 44 -3.68 -1.22 -0.97
C CYS A 44 -4.12 -2.41 -1.81
N GLY A 45 -3.21 -3.35 -2.04
CA GLY A 45 -3.52 -4.53 -2.82
C GLY A 45 -2.67 -4.62 -4.08
N THR A 46 -3.23 -5.23 -5.12
CA THR A 46 -2.52 -5.39 -6.38
C THR A 46 -2.82 -4.24 -7.33
N THR A 47 -1.92 -3.99 -8.27
CA THR A 47 -2.10 -2.92 -9.24
C THR A 47 -2.39 -3.48 -10.63
N GLU A 48 -2.42 -2.60 -11.63
CA GLU A 48 -2.69 -3.01 -13.00
C GLU A 48 -1.50 -2.71 -13.90
N PHE A 49 -0.31 -2.77 -13.34
CA PHE A 49 0.91 -2.51 -14.09
C PHE A 49 2.05 -3.41 -13.62
N ALA A 50 2.22 -3.51 -12.31
CA ALA A 50 3.27 -4.35 -11.73
C ALA A 50 2.68 -5.54 -11.00
N SER A 51 3.50 -6.57 -10.80
CA SER A 51 3.05 -7.77 -10.11
C SER A 51 3.42 -7.73 -8.63
N GLY A 52 2.73 -8.52 -7.82
CA GLY A 52 3.00 -8.54 -6.40
C GLY A 52 2.11 -7.60 -5.61
N GLN A 53 2.40 -7.43 -4.33
CA GLN A 53 1.62 -6.55 -3.46
C GLN A 53 2.09 -5.10 -3.61
N TRP A 54 1.15 -4.17 -3.44
CA TRP A 54 1.46 -2.75 -3.55
C TRP A 54 0.44 -1.92 -2.78
N ALA A 55 0.75 -0.64 -2.59
CA ALA A 55 -0.13 0.27 -1.87
C ALA A 55 0.10 1.71 -2.30
N GLY A 56 -1.00 2.43 -2.51
CA GLY A 56 -0.91 3.81 -2.93
C GLY A 56 -0.85 4.77 -1.76
N ILE A 57 0.36 5.26 -1.46
CA ILE A 57 0.55 6.19 -0.35
C ILE A 57 0.71 7.62 -0.85
N GLU A 58 0.14 8.56 -0.12
CA GLU A 58 0.21 9.98 -0.48
C GLU A 58 1.19 10.71 0.42
N LEU A 59 2.38 11.00 -0.11
CA LEU A 59 3.40 11.72 0.66
C LEU A 59 2.90 13.09 1.09
N ASP A 60 3.28 13.50 2.29
CA ASP A 60 2.87 14.79 2.81
C ASP A 60 3.55 15.93 2.04
N GLU A 61 4.75 15.68 1.55
CA GLU A 61 5.49 16.68 0.79
C GLU A 61 5.63 16.25 -0.67
N PRO A 62 5.83 17.22 -1.58
CA PRO A 62 5.98 16.94 -3.02
C PRO A 62 7.25 16.15 -3.33
N GLU A 63 7.15 14.83 -3.20
CA GLU A 63 8.29 13.95 -3.46
C GLU A 63 7.83 12.62 -4.05
N GLY A 64 6.77 12.68 -4.84
CA GLY A 64 6.25 11.47 -5.47
C GLY A 64 6.36 11.50 -6.97
N LYS A 65 6.33 10.32 -7.59
CA LYS A 65 6.42 10.22 -9.04
C LYS A 65 5.08 9.83 -9.65
N ASN A 66 4.00 10.26 -9.01
CA ASN A 66 2.66 9.96 -9.50
C ASN A 66 1.68 11.08 -9.12
N ASN A 67 0.48 11.01 -9.67
CA ASN A 67 -0.54 12.02 -9.40
C ASN A 67 -1.84 11.36 -8.97
N GLY A 68 -1.73 10.21 -8.30
CA GLY A 68 -2.91 9.50 -7.84
C GLY A 68 -3.31 8.37 -8.76
N SER A 69 -2.98 8.51 -10.05
CA SER A 69 -3.31 7.50 -11.04
C SER A 69 -2.08 7.11 -11.84
N VAL A 70 -2.18 6.00 -12.57
CA VAL A 70 -1.07 5.52 -13.38
C VAL A 70 -1.56 5.04 -14.75
N GLY A 71 -1.40 5.89 -15.77
CA GLY A 71 -1.84 5.53 -17.10
C GLY A 71 -3.33 5.72 -17.30
N ARG A 72 -4.01 4.64 -17.68
CA ARG A 72 -5.46 4.70 -17.90
C ARG A 72 -6.21 4.05 -16.74
N VAL A 73 -5.63 4.12 -15.55
CA VAL A 73 -6.25 3.54 -14.36
C VAL A 73 -6.23 4.53 -13.20
N GLN A 74 -7.21 4.41 -12.31
CA GLN A 74 -7.30 5.29 -11.15
C GLN A 74 -7.28 4.49 -9.85
N TYR A 75 -6.62 5.04 -8.84
CA TYR A 75 -6.53 4.37 -7.54
C TYR A 75 -6.97 5.30 -6.42
N PHE A 76 -6.21 6.37 -6.21
CA PHE A 76 -6.53 7.33 -5.16
C PHE A 76 -6.38 8.77 -5.68
N LYS A 77 -6.99 9.71 -4.98
CA LYS A 77 -6.93 11.12 -5.37
C LYS A 77 -5.84 11.84 -4.60
N CYS A 78 -5.07 12.67 -5.30
CA CYS A 78 -3.99 13.43 -4.69
C CYS A 78 -3.47 14.49 -5.64
N ALA A 79 -2.42 15.19 -5.22
CA ALA A 79 -1.82 16.24 -6.03
C ALA A 79 -0.68 15.69 -6.89
N PRO A 80 -0.25 16.46 -7.90
CA PRO A 80 0.84 16.06 -8.80
C PRO A 80 2.18 15.92 -8.07
N LYS A 81 2.86 14.80 -8.30
CA LYS A 81 4.15 14.55 -7.67
C LYS A 81 4.01 14.46 -6.15
N TYR A 82 2.92 13.86 -5.69
CA TYR A 82 2.67 13.71 -4.26
C TYR A 82 2.45 12.25 -3.89
N GLY A 83 1.67 11.55 -4.71
CA GLY A 83 1.39 10.15 -4.46
C GLY A 83 2.48 9.24 -5.00
N ILE A 84 2.56 8.03 -4.45
CA ILE A 84 3.56 7.05 -4.88
C ILE A 84 3.14 5.63 -4.49
N PHE A 85 3.65 4.66 -5.23
CA PHE A 85 3.33 3.26 -4.97
C PHE A 85 4.56 2.51 -4.47
N ALA A 86 4.34 1.50 -3.64
CA ALA A 86 5.43 0.70 -3.10
C ALA A 86 4.92 -0.66 -2.60
N PRO A 87 5.80 -1.68 -2.58
CA PRO A 87 5.44 -3.02 -2.13
C PRO A 87 4.87 -3.03 -0.71
N LEU A 88 3.62 -3.47 -0.58
CA LEU A 88 2.96 -3.54 0.72
C LEU A 88 3.88 -4.22 1.73
N SER A 89 4.45 -5.34 1.31
CA SER A 89 5.36 -6.09 2.16
C SER A 89 6.51 -5.19 2.60
N LYS A 90 6.77 -4.16 1.81
CA LYS A 90 7.84 -3.21 2.11
C LYS A 90 7.28 -2.02 2.90
N ILE A 91 5.94 -1.91 2.94
CA ILE A 91 5.30 -0.82 3.66
C ILE A 91 4.72 -1.29 4.99
N SER A 92 5.02 -0.56 6.05
CA SER A 92 4.53 -0.91 7.38
C SER A 92 3.96 0.32 8.09
N LYS A 93 3.47 0.12 9.31
CA LYS A 93 2.90 1.21 10.09
C LYS A 93 3.99 2.13 10.63
N LEU A 94 3.71 3.43 10.63
CA LEU A 94 4.67 4.41 11.12
C LEU A 94 4.91 4.24 12.62
N LYS A 95 6.18 4.22 13.01
CA LYS A 95 6.54 4.07 14.42
C LYS A 95 6.06 2.73 14.97
N ASP A 96 6.75 2.23 15.97
CA ASP A 96 6.38 0.95 16.59
C ASP A 96 6.48 1.03 18.11
N SER A 97 5.44 0.57 18.79
CA SER A 97 5.41 0.59 20.25
C SER A 97 4.21 -0.20 20.78
N GLY A 98 4.45 -1.04 21.76
CA GLY A 98 3.38 -1.84 22.34
C GLY A 98 2.69 -1.13 23.49
N PRO A 99 1.37 -1.33 23.66
CA PRO A 99 0.60 -0.70 24.73
C PRO A 99 0.89 -1.32 26.10
N SER A 100 0.94 -2.65 26.14
CA SER A 100 1.22 -3.36 27.38
C SER A 100 0.15 -3.06 28.42
N SER A 101 -0.05 -4.00 29.35
CA SER A 101 -1.06 -3.85 30.40
C SER A 101 -0.97 -4.99 31.41
N GLY A 102 -1.52 -4.77 32.59
CA GLY A 102 -1.51 -5.79 33.62
C GLY A 102 -0.43 -5.54 34.66
N GLY A 1 -19.50 -43.91 -5.72
CA GLY A 1 -19.25 -42.75 -6.60
C GLY A 1 -18.35 -43.09 -7.77
N SER A 2 -18.40 -42.26 -8.81
CA SER A 2 -17.58 -42.48 -10.01
C SER A 2 -16.19 -41.90 -9.82
N SER A 3 -16.12 -40.62 -9.46
CA SER A 3 -14.85 -39.94 -9.26
C SER A 3 -14.60 -39.69 -7.77
N GLY A 4 -13.52 -40.25 -7.25
CA GLY A 4 -13.18 -40.07 -5.85
C GLY A 4 -11.70 -40.15 -5.60
N SER A 5 -11.12 -39.03 -5.15
CA SER A 5 -9.70 -38.97 -4.87
C SER A 5 -9.44 -38.50 -3.43
N SER A 6 -8.28 -38.87 -2.89
CA SER A 6 -7.92 -38.49 -1.53
C SER A 6 -6.99 -37.28 -1.54
N GLY A 7 -7.18 -36.41 -2.52
CA GLY A 7 -6.35 -35.22 -2.61
C GLY A 7 -6.90 -34.07 -1.80
N LEU A 8 -6.24 -32.91 -1.88
CA LEU A 8 -6.66 -31.73 -1.15
C LEU A 8 -7.33 -30.72 -2.08
N PRO A 9 -8.27 -29.91 -1.55
CA PRO A 9 -8.97 -28.91 -2.34
C PRO A 9 -8.07 -27.76 -2.76
N ASN A 10 -8.39 -27.13 -3.90
CA ASN A 10 -7.60 -26.01 -4.39
C ASN A 10 -8.30 -24.69 -4.12
N SER A 11 -7.65 -23.85 -3.33
CA SER A 11 -8.21 -22.54 -2.97
C SER A 11 -7.10 -21.49 -2.85
N ASP A 12 -7.39 -20.28 -3.32
CA ASP A 12 -6.42 -19.19 -3.25
C ASP A 12 -7.05 -17.92 -2.69
N HIS A 13 -7.11 -17.82 -1.37
CA HIS A 13 -7.70 -16.66 -0.71
C HIS A 13 -6.79 -15.45 -0.86
N THR A 14 -7.33 -14.27 -0.57
CA THR A 14 -6.57 -13.03 -0.66
C THR A 14 -5.37 -13.06 0.28
N THR A 15 -4.23 -12.56 -0.19
CA THR A 15 -3.01 -12.53 0.60
C THR A 15 -2.87 -11.19 1.33
N SER A 16 -3.37 -10.14 0.71
CA SER A 16 -3.30 -8.80 1.30
C SER A 16 -4.04 -8.76 2.63
N ARG A 17 -5.10 -9.57 2.74
CA ARG A 17 -5.90 -9.62 3.96
C ARG A 17 -5.07 -10.14 5.13
N ALA A 18 -4.20 -11.12 4.85
CA ALA A 18 -3.36 -11.71 5.87
C ALA A 18 -2.24 -10.74 6.28
N MET A 19 -1.81 -9.91 5.34
CA MET A 19 -0.75 -8.94 5.61
C MET A 19 -1.26 -7.81 6.50
N LEU A 20 -2.45 -7.30 6.18
CA LEU A 20 -3.04 -6.21 6.95
C LEU A 20 -3.31 -6.65 8.39
N THR A 21 -3.99 -7.77 8.54
CA THR A 21 -4.32 -8.30 9.87
C THR A 21 -3.04 -8.59 10.66
N SER A 22 -2.04 -9.12 9.99
CA SER A 22 -0.77 -9.44 10.63
C SER A 22 0.03 -8.19 10.92
N LEU A 23 0.41 -7.48 9.86
CA LEU A 23 1.19 -6.24 10.00
C LEU A 23 0.44 -5.22 10.85
N GLY A 24 -0.89 -5.27 10.79
CA GLY A 24 -1.69 -4.34 11.57
C GLY A 24 -1.76 -2.97 10.94
N LEU A 25 -2.37 -2.89 9.75
CA LEU A 25 -2.49 -1.63 9.05
C LEU A 25 -3.93 -1.41 8.56
N LYS A 26 -4.30 -0.16 8.35
CA LYS A 26 -5.64 0.18 7.88
C LYS A 26 -5.61 1.43 7.01
N LEU A 27 -6.54 1.51 6.06
CA LEU A 27 -6.63 2.65 5.17
C LEU A 27 -6.87 3.94 5.94
N GLY A 28 -6.13 4.99 5.58
CA GLY A 28 -6.29 6.27 6.26
C GLY A 28 -5.21 6.50 7.30
N ASP A 29 -4.73 5.42 7.90
CA ASP A 29 -3.69 5.51 8.91
C ASP A 29 -2.35 5.91 8.31
N ARG A 30 -1.37 6.19 9.15
CA ARG A 30 -0.04 6.58 8.69
C ARG A 30 0.83 5.35 8.43
N VAL A 31 1.47 5.32 7.27
CA VAL A 31 2.33 4.19 6.91
C VAL A 31 3.72 4.68 6.53
N VAL A 32 4.66 3.74 6.43
CA VAL A 32 6.04 4.07 6.09
C VAL A 32 6.55 3.18 4.96
N ILE A 33 7.05 3.79 3.90
CA ILE A 33 7.57 3.05 2.76
C ILE A 33 9.00 2.58 3.02
N ALA A 34 9.18 1.26 3.09
CA ALA A 34 10.49 0.68 3.33
C ALA A 34 11.06 1.14 4.66
N GLY A 35 10.16 1.42 5.61
CA GLY A 35 10.59 1.86 6.93
C GLY A 35 11.43 3.12 6.87
N GLN A 36 11.20 3.94 5.86
CA GLN A 36 11.94 5.18 5.69
C GLN A 36 10.99 6.34 5.37
N LYS A 37 10.47 6.35 4.15
CA LYS A 37 9.55 7.40 3.73
C LYS A 37 8.22 7.29 4.46
N VAL A 38 7.70 8.43 4.89
CA VAL A 38 6.43 8.47 5.61
C VAL A 38 5.31 9.04 4.74
N GLY A 39 4.22 8.31 4.62
CA GLY A 39 3.10 8.77 3.81
C GLY A 39 1.78 8.19 4.27
N THR A 40 0.69 8.85 3.90
CA THR A 40 -0.65 8.41 4.27
C THR A 40 -1.15 7.31 3.32
N LEU A 41 -1.54 6.18 3.89
CA LEU A 41 -2.03 5.06 3.10
C LEU A 41 -3.42 5.35 2.55
N ARG A 42 -3.53 5.35 1.23
CA ARG A 42 -4.81 5.63 0.57
C ARG A 42 -5.36 4.36 -0.09
N PHE A 43 -4.46 3.50 -0.56
CA PHE A 43 -4.86 2.26 -1.20
C PHE A 43 -3.88 1.14 -0.87
N CYS A 44 -4.41 -0.06 -0.66
CA CYS A 44 -3.58 -1.22 -0.34
C CYS A 44 -4.07 -2.46 -1.09
N GLY A 45 -3.26 -2.92 -2.04
CA GLY A 45 -3.62 -4.10 -2.81
C GLY A 45 -2.62 -4.39 -3.91
N THR A 46 -3.09 -4.35 -5.16
CA THR A 46 -2.23 -4.61 -6.30
C THR A 46 -2.42 -3.55 -7.38
N THR A 47 -1.46 -3.48 -8.30
CA THR A 47 -1.52 -2.50 -9.39
C THR A 47 -1.58 -3.20 -10.75
N GLU A 48 -1.55 -2.41 -11.81
CA GLU A 48 -1.60 -2.95 -13.16
C GLU A 48 -0.44 -2.45 -14.01
N PHE A 49 0.65 -2.07 -13.35
CA PHE A 49 1.83 -1.57 -14.04
C PHE A 49 3.09 -2.27 -13.55
N ALA A 50 3.20 -2.45 -12.24
CA ALA A 50 4.35 -3.12 -11.65
C ALA A 50 4.06 -4.58 -11.36
N SER A 51 2.78 -4.91 -11.20
CA SER A 51 2.37 -6.27 -10.92
C SER A 51 2.87 -6.73 -9.55
N GLY A 52 1.93 -7.03 -8.66
CA GLY A 52 2.29 -7.47 -7.31
C GLY A 52 1.53 -6.73 -6.24
N GLN A 53 1.88 -6.99 -4.99
CA GLN A 53 1.22 -6.34 -3.86
C GLN A 53 1.77 -4.92 -3.64
N TRP A 54 1.02 -3.94 -4.13
CA TRP A 54 1.43 -2.54 -4.00
C TRP A 54 0.46 -1.77 -3.11
N ALA A 55 0.77 -0.50 -2.86
CA ALA A 55 -0.08 0.34 -2.03
C ALA A 55 -0.01 1.79 -2.48
N GLY A 56 -1.18 2.39 -2.71
CA GLY A 56 -1.23 3.77 -3.14
C GLY A 56 -1.11 4.75 -1.99
N ILE A 57 0.13 5.09 -1.62
CA ILE A 57 0.37 6.02 -0.53
C ILE A 57 0.64 7.42 -1.04
N GLU A 58 0.22 8.42 -0.27
CA GLU A 58 0.41 9.82 -0.65
C GLU A 58 1.41 10.50 0.27
N LEU A 59 2.51 10.98 -0.30
CA LEU A 59 3.54 11.65 0.49
C LEU A 59 3.07 13.05 0.91
N ASP A 60 3.48 13.46 2.11
CA ASP A 60 3.10 14.77 2.63
C ASP A 60 3.78 15.89 1.83
N GLU A 61 4.98 15.60 1.32
CA GLU A 61 5.73 16.59 0.55
C GLU A 61 5.75 16.20 -0.94
N PRO A 62 6.07 17.17 -1.81
CA PRO A 62 6.14 16.92 -3.26
C PRO A 62 7.34 16.07 -3.65
N GLU A 63 7.19 14.76 -3.51
CA GLU A 63 8.26 13.82 -3.84
C GLU A 63 7.70 12.54 -4.45
N GLY A 64 6.58 12.67 -5.14
CA GLY A 64 5.96 11.52 -5.77
C GLY A 64 6.17 11.48 -7.27
N LYS A 65 6.02 10.30 -7.85
CA LYS A 65 6.20 10.13 -9.30
C LYS A 65 4.85 10.09 -10.01
N ASN A 66 3.81 9.71 -9.27
CA ASN A 66 2.46 9.62 -9.85
C ASN A 66 1.60 10.78 -9.36
N ASN A 67 0.44 10.96 -10.00
CA ASN A 67 -0.48 12.02 -9.64
C ASN A 67 -1.84 11.45 -9.27
N GLY A 68 -1.83 10.28 -8.63
CA GLY A 68 -3.08 9.66 -8.22
C GLY A 68 -3.46 8.49 -9.12
N SER A 69 -3.03 8.55 -10.38
CA SER A 69 -3.32 7.50 -11.34
C SER A 69 -2.09 7.16 -12.17
N VAL A 70 -2.05 5.93 -12.69
CA VAL A 70 -0.93 5.48 -13.50
C VAL A 70 -1.39 5.04 -14.88
N GLY A 71 -1.20 5.89 -15.87
CA GLY A 71 -1.60 5.56 -17.23
C GLY A 71 -3.11 5.54 -17.40
N ARG A 72 -3.66 4.36 -17.63
CA ARG A 72 -5.11 4.21 -17.80
C ARG A 72 -5.73 3.50 -16.60
N VAL A 73 -5.12 3.68 -15.43
CA VAL A 73 -5.63 3.05 -14.22
C VAL A 73 -5.67 4.06 -13.07
N GLN A 74 -6.73 4.00 -12.27
CA GLN A 74 -6.90 4.89 -11.13
C GLN A 74 -6.76 4.13 -9.82
N TYR A 75 -6.40 4.86 -8.76
CA TYR A 75 -6.24 4.25 -7.44
C TYR A 75 -6.71 5.20 -6.35
N PHE A 76 -6.24 6.44 -6.41
CA PHE A 76 -6.62 7.45 -5.42
C PHE A 76 -6.37 8.85 -5.95
N LYS A 77 -7.30 9.77 -5.64
CA LYS A 77 -7.18 11.14 -6.09
C LYS A 77 -6.22 11.94 -5.20
N CYS A 78 -5.21 12.55 -5.82
CA CYS A 78 -4.24 13.33 -5.08
C CYS A 78 -3.61 14.39 -5.96
N ALA A 79 -2.61 15.09 -5.43
CA ALA A 79 -1.93 16.15 -6.18
C ALA A 79 -0.90 15.56 -7.13
N PRO A 80 -0.42 16.36 -8.10
CA PRO A 80 0.58 15.90 -9.08
C PRO A 80 1.95 15.74 -8.45
N LYS A 81 2.63 14.65 -8.81
CA LYS A 81 3.96 14.36 -8.29
C LYS A 81 3.94 14.21 -6.77
N TYR A 82 2.81 13.72 -6.25
CA TYR A 82 2.65 13.52 -4.81
C TYR A 82 2.32 12.06 -4.50
N GLY A 83 1.51 11.44 -5.35
CA GLY A 83 1.14 10.06 -5.14
C GLY A 83 2.25 9.09 -5.53
N ILE A 84 2.46 8.07 -4.70
CA ILE A 84 3.49 7.07 -4.97
C ILE A 84 3.02 5.67 -4.57
N PHE A 85 3.46 4.67 -5.31
CA PHE A 85 3.09 3.29 -5.04
C PHE A 85 4.29 2.47 -4.59
N ALA A 86 4.14 1.76 -3.48
CA ALA A 86 5.21 0.93 -2.94
C ALA A 86 4.70 -0.47 -2.58
N PRO A 87 5.57 -1.48 -2.64
CA PRO A 87 5.21 -2.87 -2.31
C PRO A 87 4.60 -2.98 -0.91
N LEU A 88 3.38 -3.50 -0.85
CA LEU A 88 2.68 -3.67 0.43
C LEU A 88 3.60 -4.33 1.43
N SER A 89 4.25 -5.41 1.00
CA SER A 89 5.18 -6.14 1.84
C SER A 89 6.26 -5.18 2.36
N LYS A 90 6.49 -4.10 1.61
CA LYS A 90 7.47 -3.11 2.01
C LYS A 90 6.82 -2.02 2.86
N ILE A 91 5.49 -1.97 2.83
CA ILE A 91 4.76 -0.97 3.61
C ILE A 91 4.57 -1.43 5.04
N SER A 92 5.10 -0.65 5.99
CA SER A 92 5.00 -0.97 7.41
C SER A 92 4.27 0.13 8.15
N LYS A 93 4.11 -0.06 9.46
CA LYS A 93 3.44 0.92 10.30
C LYS A 93 4.42 1.94 10.86
N LEU A 94 3.93 3.12 11.20
CA LEU A 94 4.77 4.18 11.75
C LEU A 94 5.11 3.89 13.22
N LYS A 95 6.26 4.39 13.66
CA LYS A 95 6.70 4.20 15.03
C LYS A 95 6.86 2.71 15.35
N ASP A 96 8.11 2.25 15.36
CA ASP A 96 8.39 0.85 15.64
C ASP A 96 8.93 0.68 17.06
N SER A 97 10.11 1.23 17.32
CA SER A 97 10.73 1.14 18.63
C SER A 97 9.94 1.94 19.66
N GLY A 98 9.78 1.36 20.85
CA GLY A 98 9.04 2.04 21.90
C GLY A 98 8.56 1.08 22.98
N PRO A 99 7.49 0.32 22.72
CA PRO A 99 6.94 -0.64 23.69
C PRO A 99 7.86 -1.84 23.90
N SER A 100 7.84 -2.39 25.11
CA SER A 100 8.67 -3.54 25.43
C SER A 100 7.95 -4.48 26.40
N SER A 101 7.93 -5.77 26.07
CA SER A 101 7.28 -6.77 26.91
C SER A 101 8.29 -7.71 27.52
N GLY A 102 8.77 -7.38 28.72
CA GLY A 102 9.74 -8.21 29.39
C GLY A 102 10.00 -7.78 30.83
#